data_7P6J
#
_entry.id   7P6J
#
_cell.length_a   88.560
_cell.length_b   90.540
_cell.length_c   89.680
_cell.angle_alpha   90.000
_cell.angle_beta   118.770
_cell.angle_gamma   90.000
#
_symmetry.space_group_name_H-M   'P 1 21 1'
#
loop_
_entity.id
_entity.type
_entity.pdbx_description
1 polymer Endoglucanase
2 branched beta-D-glucopyranose-(1-4)-beta-D-glucopyranose-(1-4)-beta-D-glucopyranose-(1-4)-alpha-D-glucopyranose
3 branched beta-D-glucopyranose-(1-4)-beta-D-glucopyranose
4 branched beta-D-glucopyranose-(1-4)-beta-D-glucopyranose-(1-4)-beta-D-glucopyranose-(1-4)-beta-D-glucopyranose-(1-4)-beta-D-glucopyranose-(1-4)-alpha-D-glucopyranose
5 branched beta-D-glucopyranose-(1-4)-beta-D-glucopyranose-(1-4)-alpha-D-glucopyranose
6 branched beta-D-glucopyranose-(1-4)-beta-D-glucopyranose-(1-4)-beta-D-glucopyranose-(1-4)-beta-D-glucopyranose
7 non-polymer beta-D-glucopyranose
8 water water
#
_entity_poly.entity_id   1
_entity_poly.type   'polypeptide(L)'
_entity_poly.pdbx_seq_one_letter_code
;SVDLIGINVAGAEFTGGKLPGKHGTHYFFPPEGYFEYWSEQGIHTVRFPLKWERLQPSLNAELDDVYASLVDDMLDQAKE
NDIKVILDVHNYARYRKKVIGTEDVPVSAYQDLMERIAKRWQGHDALFAYDIMNEPYGSADKLWPAAAQAGIDGVRKYDK
KRPLLIEGASWSSAARWPRYADELLKLKDPADNMVFSAHVFIDEDASGSYKKGPGKDFEPMIGVKRVEPFVNWLKEHGKK
GHIGEFGIPNDDERWLDAMDKLLAYLNENCIPINYWAAGPSWGNYKLSIEPKDGEKRPQVALLKKYAAKDNCSDFGPAKA
E
;
_entity_poly.pdbx_strand_id   A,B,C,D
#
# COMPACT_ATOMS: atom_id res chain seq x y z
N SER A 1 8.26 -3.24 -12.95
CA SER A 1 7.85 -3.76 -14.24
C SER A 1 7.33 -2.62 -15.12
N VAL A 2 7.29 -2.84 -16.44
CA VAL A 2 6.84 -1.82 -17.38
C VAL A 2 5.41 -2.18 -17.77
N ASP A 3 4.44 -1.56 -17.10
CA ASP A 3 3.04 -1.83 -17.38
C ASP A 3 2.62 -1.04 -18.60
N LEU A 4 1.96 -1.69 -19.55
CA LEU A 4 1.46 -0.96 -20.71
C LEU A 4 0.27 -0.08 -20.37
N ILE A 5 -0.47 -0.38 -19.30
CA ILE A 5 -1.71 0.31 -18.98
C ILE A 5 -1.52 1.03 -17.66
N GLY A 6 -1.75 2.35 -17.68
CA GLY A 6 -1.73 3.16 -16.49
C GLY A 6 -2.67 4.33 -16.65
N ILE A 7 -2.83 5.10 -15.56
CA ILE A 7 -3.76 6.22 -15.53
C ILE A 7 -3.07 7.46 -14.95
N ASN A 8 -3.50 8.63 -15.43
CA ASN A 8 -3.16 9.87 -14.74
C ASN A 8 -4.11 10.04 -13.57
N VAL A 9 -3.57 10.43 -12.42
CA VAL A 9 -4.38 10.84 -11.28
C VAL A 9 -4.09 12.31 -11.04
N ALA A 10 -4.94 13.18 -11.55
CA ALA A 10 -4.69 14.61 -11.57
C ALA A 10 -5.40 15.29 -10.42
N GLY A 11 -4.89 16.47 -10.04
CA GLY A 11 -5.52 17.25 -9.00
C GLY A 11 -4.54 18.11 -8.22
N ALA A 12 -3.32 17.61 -8.04
CA ALA A 12 -2.33 18.34 -7.26
C ALA A 12 -1.82 19.57 -8.00
N GLU A 13 -2.07 19.66 -9.30
CA GLU A 13 -1.64 20.78 -10.13
C GLU A 13 -2.78 21.73 -10.46
N PHE A 14 -3.97 21.50 -9.90
CA PHE A 14 -5.15 22.28 -10.23
C PHE A 14 -5.01 23.75 -9.79
N THR A 15 -5.75 24.61 -10.48
CA THR A 15 -5.87 26.02 -10.15
C THR A 15 -4.49 26.68 -10.04
N GLY A 16 -3.76 26.62 -11.14
CA GLY A 16 -2.39 27.12 -11.18
C GLY A 16 -2.26 28.59 -10.82
N GLY A 17 -3.34 29.37 -10.97
CA GLY A 17 -3.31 30.78 -10.60
C GLY A 17 -3.33 31.07 -9.12
N LYS A 18 -3.59 30.07 -8.27
CA LYS A 18 -3.64 30.25 -6.82
CA LYS A 18 -3.64 30.26 -6.82
C LYS A 18 -2.38 29.63 -6.22
N LEU A 19 -1.42 30.48 -5.86
CA LEU A 19 -0.15 30.00 -5.31
C LEU A 19 0.13 30.72 -4.00
N PRO A 20 0.50 30.00 -2.93
CA PRO A 20 0.61 28.53 -2.93
C PRO A 20 -0.72 27.80 -3.07
N GLY A 21 -1.83 28.45 -2.75
CA GLY A 21 -3.11 27.77 -2.75
C GLY A 21 -3.27 26.91 -1.51
N LYS A 22 -4.47 26.34 -1.38
CA LYS A 22 -4.83 25.61 -0.18
C LYS A 22 -5.31 24.23 -0.57
N HIS A 23 -4.74 23.20 0.05
CA HIS A 23 -5.17 21.84 -0.20
C HIS A 23 -6.61 21.64 0.23
N GLY A 24 -7.39 20.96 -0.62
CA GLY A 24 -8.81 20.77 -0.38
C GLY A 24 -9.69 21.88 -0.90
N THR A 25 -9.08 22.98 -1.37
CA THR A 25 -9.79 24.13 -1.92
C THR A 25 -9.37 24.43 -3.35
N HIS A 26 -8.07 24.59 -3.59
CA HIS A 26 -7.54 24.89 -4.92
C HIS A 26 -6.90 23.70 -5.61
N TYR A 27 -6.36 22.75 -4.83
CA TYR A 27 -5.75 21.55 -5.40
C TYR A 27 -6.04 20.38 -4.49
N PHE A 28 -5.85 19.17 -5.01
CA PHE A 28 -6.44 17.98 -4.41
C PHE A 28 -5.51 16.78 -4.58
N PHE A 29 -5.10 16.19 -3.47
CA PHE A 29 -4.38 14.93 -3.48
C PHE A 29 -5.36 13.79 -3.23
N PRO A 30 -5.01 12.55 -3.58
CA PRO A 30 -5.94 11.42 -3.34
C PRO A 30 -6.26 11.27 -1.86
N PRO A 31 -7.53 11.12 -1.50
CA PRO A 31 -7.86 10.80 -0.11
C PRO A 31 -7.43 9.38 0.24
N GLU A 32 -7.38 9.10 1.54
CA GLU A 32 -7.12 7.73 1.93
C GLU A 32 -8.22 6.84 1.36
N GLY A 33 -7.84 5.66 0.88
CA GLY A 33 -8.76 4.74 0.23
C GLY A 33 -8.93 4.98 -1.25
N TYR A 34 -8.30 6.01 -1.80
CA TYR A 34 -8.50 6.37 -3.20
C TYR A 34 -7.95 5.30 -4.14
N PHE A 35 -6.72 4.83 -3.89
CA PHE A 35 -6.10 3.91 -4.83
C PHE A 35 -6.70 2.51 -4.78
N GLU A 36 -7.52 2.20 -3.77
CA GLU A 36 -8.07 0.86 -3.64
CA GLU A 36 -8.07 0.86 -3.64
C GLU A 36 -8.92 0.49 -4.85
N TYR A 37 -9.76 1.41 -5.32
CA TYR A 37 -10.60 1.13 -6.48
C TYR A 37 -9.76 0.79 -7.70
N TRP A 38 -8.71 1.57 -7.95
CA TRP A 38 -7.92 1.33 -9.15
C TRP A 38 -7.06 0.08 -9.02
N SER A 39 -6.60 -0.23 -7.82
CA SER A 39 -5.85 -1.47 -7.62
C SER A 39 -6.73 -2.68 -7.89
N GLU A 40 -7.98 -2.64 -7.43
CA GLU A 40 -8.91 -3.73 -7.68
CA GLU A 40 -8.90 -3.74 -7.68
CA GLU A 40 -8.86 -3.76 -7.69
C GLU A 40 -9.28 -3.85 -9.15
N GLN A 41 -9.16 -2.75 -9.91
CA GLN A 41 -9.39 -2.79 -11.35
C GLN A 41 -8.17 -3.26 -12.12
N GLY A 42 -7.09 -3.61 -11.44
CA GLY A 42 -5.90 -4.11 -12.11
C GLY A 42 -5.00 -3.04 -12.68
N ILE A 43 -5.14 -1.79 -12.23
CA ILE A 43 -4.27 -0.71 -12.67
C ILE A 43 -3.12 -0.59 -11.68
N HIS A 44 -1.89 -0.68 -12.18
CA HIS A 44 -0.72 -0.75 -11.33
C HIS A 44 0.28 0.38 -11.56
N THR A 45 0.03 1.26 -12.53
CA THR A 45 0.91 2.40 -12.79
C THR A 45 0.08 3.67 -12.86
N VAL A 46 0.55 4.73 -12.22
CA VAL A 46 -0.16 5.99 -12.12
C VAL A 46 0.80 7.12 -12.46
N ARG A 47 0.38 8.04 -13.33
CA ARG A 47 1.12 9.27 -13.58
C ARG A 47 0.50 10.39 -12.76
N PHE A 48 1.34 11.12 -12.01
CA PHE A 48 0.82 12.03 -10.98
C PHE A 48 1.31 13.46 -11.17
N PRO A 49 0.50 14.35 -11.73
CA PRO A 49 0.94 15.73 -11.94
C PRO A 49 1.21 16.48 -10.63
N LEU A 50 2.28 17.30 -10.65
CA LEU A 50 2.64 18.18 -9.56
C LEU A 50 2.92 19.57 -10.12
N LYS A 51 2.69 20.60 -9.30
CA LYS A 51 2.96 21.99 -9.68
CA LYS A 51 2.97 21.97 -9.70
C LYS A 51 4.32 22.40 -9.13
N TRP A 52 5.21 22.85 -10.02
CA TRP A 52 6.55 23.24 -9.59
C TRP A 52 6.50 24.32 -8.50
N GLU A 53 5.68 25.36 -8.73
CA GLU A 53 5.63 26.48 -7.77
C GLU A 53 5.19 26.04 -6.38
N ARG A 54 4.37 25.00 -6.28
CA ARG A 54 3.98 24.50 -4.97
C ARG A 54 5.05 23.60 -4.37
N LEU A 55 5.73 22.82 -5.21
CA LEU A 55 6.86 22.02 -4.76
C LEU A 55 7.98 22.91 -4.24
N GLN A 56 8.22 24.02 -4.91
CA GLN A 56 9.39 24.85 -4.64
C GLN A 56 9.02 26.31 -4.83
N PRO A 57 8.50 26.95 -3.76
CA PRO A 57 7.96 28.31 -3.90
C PRO A 57 9.04 29.36 -4.14
N SER A 58 10.30 28.99 -3.98
CA SER A 58 11.42 29.90 -4.22
C SER A 58 12.51 29.12 -4.92
N LEU A 59 12.95 29.61 -6.08
CA LEU A 59 13.96 28.88 -6.84
C LEU A 59 15.23 28.70 -6.02
N ASN A 60 15.88 27.55 -6.23
CA ASN A 60 17.17 27.19 -5.63
C ASN A 60 17.08 26.95 -4.13
N ALA A 61 15.88 26.89 -3.56
CA ALA A 61 15.70 26.64 -2.13
C ALA A 61 14.94 25.34 -1.91
N GLU A 62 14.83 24.96 -0.64
CA GLU A 62 14.30 23.66 -0.28
C GLU A 62 12.84 23.51 -0.73
N LEU A 63 12.45 22.26 -0.94
CA LEU A 63 11.05 22.00 -1.28
C LEU A 63 10.15 22.39 -0.11
N ASP A 64 8.93 22.80 -0.43
CA ASP A 64 7.92 23.10 0.57
C ASP A 64 7.55 21.82 1.30
N ASP A 65 7.82 21.75 2.61
CA ASP A 65 7.62 20.47 3.28
CA ASP A 65 7.62 20.50 3.32
C ASP A 65 6.14 20.09 3.37
N VAL A 66 5.23 21.08 3.37
CA VAL A 66 3.81 20.73 3.49
C VAL A 66 3.32 20.05 2.21
N TYR A 67 3.55 20.67 1.06
CA TYR A 67 3.16 20.07 -0.22
C TYR A 67 3.96 18.80 -0.49
N ALA A 68 5.25 18.81 -0.18
CA ALA A 68 6.05 17.62 -0.41
C ALA A 68 5.61 16.46 0.48
N SER A 69 5.15 16.77 1.70
CA SER A 69 4.65 15.71 2.58
C SER A 69 3.35 15.13 2.06
N LEU A 70 2.53 15.93 1.38
CA LEU A 70 1.37 15.36 0.69
C LEU A 70 1.80 14.39 -0.39
N VAL A 71 2.90 14.69 -1.08
CA VAL A 71 3.45 13.74 -2.04
C VAL A 71 3.95 12.48 -1.35
N ASP A 72 4.68 12.65 -0.22
CA ASP A 72 5.08 11.51 0.59
C ASP A 72 3.89 10.59 0.84
N ASP A 73 2.78 11.17 1.32
CA ASP A 73 1.62 10.38 1.71
C ASP A 73 1.01 9.66 0.52
N MET A 74 0.90 10.37 -0.61
CA MET A 74 0.46 9.73 -1.85
C MET A 74 1.31 8.53 -2.22
N LEU A 75 2.63 8.67 -2.18
CA LEU A 75 3.50 7.53 -2.54
C LEU A 75 3.31 6.38 -1.57
N ASP A 76 3.13 6.69 -0.28
CA ASP A 76 2.87 5.65 0.71
C ASP A 76 1.59 4.90 0.39
N GLN A 77 0.53 5.63 0.01
CA GLN A 77 -0.73 4.93 -0.27
C GLN A 77 -0.64 4.13 -1.55
N ALA A 78 0.12 4.63 -2.53
CA ALA A 78 0.39 3.84 -3.73
C ALA A 78 1.10 2.54 -3.37
N LYS A 79 2.08 2.61 -2.46
CA LYS A 79 2.75 1.38 -2.06
CA LYS A 79 2.76 1.38 -2.04
C LYS A 79 1.80 0.44 -1.35
N GLU A 80 0.89 0.99 -0.54
CA GLU A 80 -0.14 0.18 0.12
C GLU A 80 -0.96 -0.62 -0.89
N ASN A 81 -1.20 -0.05 -2.08
CA ASN A 81 -2.09 -0.66 -3.06
C ASN A 81 -1.36 -1.19 -4.28
N ASP A 82 -0.05 -1.45 -4.18
CA ASP A 82 0.72 -2.12 -5.23
C ASP A 82 0.68 -1.31 -6.53
N ILE A 83 0.86 -0.01 -6.40
CA ILE A 83 0.83 0.92 -7.52
C ILE A 83 2.19 1.60 -7.59
N LYS A 84 2.73 1.73 -8.80
CA LYS A 84 3.95 2.50 -9.01
C LYS A 84 3.61 3.82 -9.71
N VAL A 85 4.37 4.87 -9.38
CA VAL A 85 3.96 6.23 -9.68
C VAL A 85 5.02 6.89 -10.55
N ILE A 86 4.57 7.54 -11.62
CA ILE A 86 5.38 8.48 -12.38
C ILE A 86 5.10 9.89 -11.87
N LEU A 87 6.11 10.54 -11.29
CA LEU A 87 5.95 11.93 -10.89
C LEU A 87 6.10 12.81 -12.13
N ASP A 88 5.16 13.74 -12.31
CA ASP A 88 5.07 14.61 -13.49
C ASP A 88 5.14 16.06 -13.03
N VAL A 89 6.22 16.76 -13.39
CA VAL A 89 6.32 18.20 -13.16
C VAL A 89 5.48 18.87 -14.24
N HIS A 90 4.27 19.29 -13.88
CA HIS A 90 3.23 19.63 -14.84
C HIS A 90 3.24 21.14 -15.14
N ASN A 91 4.36 21.60 -15.71
CA ASN A 91 4.62 23.04 -15.72
C ASN A 91 4.92 23.67 -17.07
N TYR A 92 4.82 22.94 -18.18
CA TYR A 92 4.86 23.55 -19.50
C TYR A 92 6.17 24.30 -19.76
N ALA A 93 7.25 23.84 -19.15
CA ALA A 93 8.59 24.41 -19.29
C ALA A 93 8.65 25.85 -18.77
N ARG A 94 7.83 26.17 -17.78
CA ARG A 94 7.73 27.52 -17.23
C ARG A 94 7.67 27.48 -15.71
N TYR A 95 8.22 28.53 -15.09
CA TYR A 95 8.11 28.78 -13.65
C TYR A 95 7.61 30.20 -13.47
N ARG A 96 6.47 30.34 -12.79
CA ARG A 96 5.79 31.62 -12.62
C ARG A 96 5.71 32.37 -13.96
N LYS A 97 5.27 31.64 -14.98
CA LYS A 97 4.97 32.12 -16.33
C LYS A 97 6.22 32.46 -17.15
N LYS A 98 7.42 32.10 -16.69
CA LYS A 98 8.65 32.41 -17.41
CA LYS A 98 8.65 32.41 -17.41
C LYS A 98 9.35 31.12 -17.82
N VAL A 99 9.88 31.11 -19.04
CA VAL A 99 10.41 29.92 -19.69
C VAL A 99 11.77 29.53 -19.09
N ILE A 100 11.97 28.22 -18.89
CA ILE A 100 13.26 27.71 -18.45
C ILE A 100 14.30 28.02 -19.51
N GLY A 101 15.37 28.70 -19.12
CA GLY A 101 16.40 29.13 -20.03
C GLY A 101 16.43 30.62 -20.25
N THR A 102 15.38 31.33 -19.84
CA THR A 102 15.41 32.79 -19.83
C THR A 102 16.18 33.27 -18.61
N GLU A 103 16.40 34.58 -18.54
CA GLU A 103 17.23 35.13 -17.47
C GLU A 103 16.65 34.81 -16.09
N ASP A 104 15.32 34.90 -15.94
CA ASP A 104 14.73 34.75 -14.63
C ASP A 104 14.58 33.30 -14.20
N VAL A 105 14.59 32.35 -15.13
CA VAL A 105 14.51 30.93 -14.78
C VAL A 105 15.65 30.21 -15.49
N PRO A 106 16.88 30.35 -15.01
CA PRO A 106 18.02 29.68 -15.64
C PRO A 106 17.88 28.17 -15.56
N VAL A 107 18.55 27.49 -16.49
CA VAL A 107 18.47 26.03 -16.48
C VAL A 107 19.01 25.46 -15.18
N SER A 108 19.94 26.17 -14.53
CA SER A 108 20.47 25.69 -13.24
C SER A 108 19.37 25.66 -12.17
N ALA A 109 18.37 26.54 -12.27
CA ALA A 109 17.27 26.53 -11.31
C ALA A 109 16.38 25.32 -11.54
N TYR A 110 16.15 24.98 -12.81
CA TYR A 110 15.43 23.76 -13.14
C TYR A 110 16.20 22.53 -12.69
N GLN A 111 17.51 22.49 -12.94
CA GLN A 111 18.30 21.36 -12.47
C GLN A 111 18.17 21.21 -10.96
N ASP A 112 18.19 22.32 -10.22
CA ASP A 112 18.09 22.25 -8.77
C ASP A 112 16.77 21.61 -8.34
N LEU A 113 15.66 22.00 -8.99
CA LEU A 113 14.38 21.36 -8.69
C LEU A 113 14.48 19.86 -8.84
N MET A 114 15.07 19.38 -9.94
CA MET A 114 15.04 17.94 -10.19
C MET A 114 16.00 17.20 -9.28
N GLU A 115 17.13 17.83 -8.93
CA GLU A 115 17.97 17.29 -7.88
C GLU A 115 17.17 17.09 -6.60
N ARG A 116 16.35 18.07 -6.22
CA ARG A 116 15.65 17.98 -4.94
C ARG A 116 14.54 16.95 -5.00
N ILE A 117 13.83 16.88 -6.14
CA ILE A 117 12.82 15.84 -6.31
C ILE A 117 13.46 14.46 -6.20
N ALA A 118 14.54 14.22 -6.94
CA ALA A 118 15.18 12.91 -6.90
C ALA A 118 15.73 12.60 -5.51
N LYS A 119 16.35 13.58 -4.85
CA LYS A 119 16.88 13.30 -3.51
C LYS A 119 15.78 12.87 -2.55
N ARG A 120 14.61 13.52 -2.62
CA ARG A 120 13.57 13.24 -1.64
C ARG A 120 12.91 11.89 -1.89
N TRP A 121 12.73 11.51 -3.15
CA TRP A 121 11.89 10.35 -3.45
C TRP A 121 12.59 9.18 -4.14
N GLN A 122 13.89 9.28 -4.46
CA GLN A 122 14.58 8.14 -5.07
C GLN A 122 14.55 6.91 -4.18
N GLY A 123 14.49 7.10 -2.87
CA GLY A 123 14.43 5.95 -1.98
C GLY A 123 13.07 5.33 -1.82
N HIS A 124 12.04 5.84 -2.50
CA HIS A 124 10.67 5.35 -2.30
C HIS A 124 10.37 4.24 -3.29
N ASP A 125 10.05 3.05 -2.76
CA ASP A 125 9.81 1.89 -3.62
CA ASP A 125 9.81 1.89 -3.61
C ASP A 125 8.64 2.09 -4.56
N ALA A 126 7.68 2.97 -4.21
CA ALA A 126 6.54 3.19 -5.08
C ALA A 126 6.85 4.12 -6.25
N LEU A 127 7.98 4.81 -6.23
CA LEU A 127 8.34 5.68 -7.34
C LEU A 127 8.83 4.83 -8.51
N PHE A 128 8.24 5.06 -9.68
CA PHE A 128 8.60 4.32 -10.88
C PHE A 128 9.51 5.10 -11.83
N ALA A 129 9.23 6.37 -12.06
CA ALA A 129 9.97 7.14 -13.05
C ALA A 129 9.67 8.63 -12.86
N TYR A 130 10.43 9.46 -13.56
CA TYR A 130 10.26 10.91 -13.53
C TYR A 130 9.88 11.38 -14.93
N ASP A 131 8.69 11.99 -15.04
CA ASP A 131 8.29 12.73 -16.24
C ASP A 131 8.70 14.18 -15.97
N ILE A 132 9.88 14.56 -16.47
CA ILE A 132 10.56 15.71 -15.89
C ILE A 132 9.88 17.03 -16.24
N MET A 133 9.03 17.05 -17.27
CA MET A 133 8.24 18.23 -17.64
C MET A 133 7.08 17.94 -18.60
N ASN A 134 5.90 18.42 -18.21
CA ASN A 134 4.70 18.26 -19.02
C ASN A 134 4.66 19.38 -20.05
N GLU A 135 4.57 19.01 -21.34
CA GLU A 135 4.19 19.85 -22.48
C GLU A 135 4.89 21.20 -22.58
N PRO A 136 6.20 21.22 -22.88
CA PRO A 136 6.79 22.47 -23.38
C PRO A 136 6.03 22.93 -24.61
N TYR A 137 5.81 24.24 -24.71
CA TYR A 137 5.09 24.77 -25.87
C TYR A 137 5.48 26.22 -26.12
N GLY A 138 5.23 26.68 -27.33
CA GLY A 138 5.37 28.09 -27.64
C GLY A 138 6.82 28.53 -27.57
N SER A 139 7.06 29.66 -26.90
CA SER A 139 8.41 30.19 -26.78
C SER A 139 9.34 29.27 -25.99
N ALA A 140 8.81 28.26 -25.30
CA ALA A 140 9.68 27.30 -24.63
C ALA A 140 10.29 26.28 -25.58
N ASP A 141 9.74 26.13 -26.79
CA ASP A 141 10.12 25.03 -27.67
C ASP A 141 11.61 25.05 -27.98
N LYS A 142 12.14 26.20 -28.41
CA LYS A 142 13.54 26.29 -28.81
CA LYS A 142 13.54 26.26 -28.81
C LYS A 142 14.48 26.06 -27.64
N LEU A 143 14.09 26.49 -26.45
CA LEU A 143 14.95 26.35 -25.28
C LEU A 143 14.77 25.01 -24.57
N TRP A 144 13.79 24.21 -24.98
CA TRP A 144 13.47 23.02 -24.19
C TRP A 144 14.59 21.97 -24.21
N PRO A 145 15.21 21.64 -25.35
CA PRO A 145 16.29 20.64 -25.30
C PRO A 145 17.38 20.94 -24.27
N ALA A 146 17.83 22.19 -24.18
CA ALA A 146 18.82 22.53 -23.15
C ALA A 146 18.23 22.36 -21.75
N ALA A 147 16.96 22.73 -21.56
CA ALA A 147 16.34 22.55 -20.25
C ALA A 147 16.25 21.07 -19.90
N ALA A 148 15.86 20.24 -20.87
CA ALA A 148 15.72 18.81 -20.62
C ALA A 148 17.04 18.20 -20.15
N GLN A 149 18.16 18.61 -20.76
CA GLN A 149 19.45 18.10 -20.36
C GLN A 149 19.76 18.47 -18.91
N ALA A 150 19.47 19.72 -18.52
CA ALA A 150 19.70 20.09 -17.13
C ALA A 150 18.81 19.29 -16.20
N GLY A 151 17.55 19.06 -16.59
CA GLY A 151 16.68 18.22 -15.78
C GLY A 151 17.20 16.80 -15.64
N ILE A 152 17.77 16.25 -16.73
CA ILE A 152 18.34 14.91 -16.68
C ILE A 152 19.53 14.88 -15.73
N ASP A 153 20.45 15.84 -15.90
CA ASP A 153 21.62 15.90 -15.04
C ASP A 153 21.21 16.00 -13.57
N GLY A 154 20.15 16.76 -13.28
CA GLY A 154 19.73 16.93 -11.90
C GLY A 154 19.26 15.63 -11.26
N VAL A 155 18.35 14.92 -11.93
CA VAL A 155 17.89 13.64 -11.39
C VAL A 155 19.05 12.68 -11.20
N ARG A 156 19.94 12.60 -12.19
CA ARG A 156 20.97 11.57 -12.17
C ARG A 156 22.00 11.78 -11.06
N LYS A 157 22.05 12.97 -10.46
CA LYS A 157 22.91 13.15 -9.30
C LYS A 157 22.44 12.34 -8.11
N TYR A 158 21.16 12.00 -8.04
CA TYR A 158 20.62 11.25 -6.91
C TYR A 158 19.96 9.94 -7.30
N ASP A 159 19.62 9.73 -8.57
CA ASP A 159 18.91 8.53 -9.00
C ASP A 159 19.49 8.12 -10.35
N LYS A 160 20.26 7.03 -10.34
CA LYS A 160 20.94 6.56 -11.54
C LYS A 160 20.28 5.33 -12.16
N LYS A 161 19.08 4.96 -11.72
CA LYS A 161 18.43 3.73 -12.20
CA LYS A 161 18.44 3.74 -12.22
CA LYS A 161 18.43 3.73 -12.19
C LYS A 161 17.08 3.96 -12.86
N ARG A 162 16.25 4.85 -12.32
CA ARG A 162 14.88 4.96 -12.80
C ARG A 162 14.81 5.58 -14.20
N PRO A 163 13.80 5.20 -14.99
CA PRO A 163 13.63 5.82 -16.30
C PRO A 163 13.32 7.30 -16.18
N LEU A 164 13.76 8.05 -17.17
CA LEU A 164 13.46 9.47 -17.30
C LEU A 164 12.55 9.64 -18.51
N LEU A 165 11.36 10.17 -18.27
CA LEU A 165 10.39 10.37 -19.34
CA LEU A 165 10.38 10.38 -19.33
C LEU A 165 10.56 11.78 -19.88
N ILE A 166 10.93 11.87 -21.16
CA ILE A 166 11.32 13.12 -21.82
C ILE A 166 10.23 13.47 -22.83
N GLU A 167 9.50 14.54 -22.57
CA GLU A 167 8.51 15.03 -23.51
C GLU A 167 9.16 15.97 -24.53
N GLY A 168 8.41 16.27 -25.59
CA GLY A 168 8.89 17.11 -26.67
C GLY A 168 8.19 18.45 -26.75
N ALA A 169 8.70 19.27 -27.66
CA ALA A 169 8.12 20.56 -27.96
C ALA A 169 6.70 20.41 -28.48
N SER A 170 5.99 21.54 -28.57
CA SER A 170 4.66 21.61 -29.16
C SER A 170 3.67 20.71 -28.42
N TRP A 171 3.60 20.91 -27.09
CA TRP A 171 2.72 20.14 -26.21
C TRP A 171 3.01 18.63 -26.30
N SER A 172 4.28 18.29 -26.58
CA SER A 172 4.73 16.92 -26.76
C SER A 172 3.87 16.17 -27.78
N SER A 173 3.48 16.88 -28.84
CA SER A 173 2.58 16.31 -29.83
C SER A 173 3.17 15.05 -30.47
N ALA A 174 2.40 13.96 -30.42
CA ALA A 174 2.82 12.75 -31.11
C ALA A 174 2.74 12.91 -32.62
N ALA A 175 1.66 13.54 -33.10
CA ALA A 175 1.44 13.67 -34.54
C ALA A 175 2.50 14.55 -35.20
N ARG A 176 2.98 15.58 -34.49
CA ARG A 176 3.96 16.50 -35.03
C ARG A 176 5.38 16.17 -34.58
N TRP A 177 5.55 15.12 -33.77
CA TRP A 177 6.83 14.77 -33.15
C TRP A 177 8.05 14.91 -34.05
N PRO A 178 8.09 14.32 -35.26
CA PRO A 178 9.34 14.37 -36.05
C PRO A 178 9.70 15.76 -36.55
N ARG A 179 8.79 16.73 -36.47
CA ARG A 179 9.12 18.08 -36.93
C ARG A 179 10.19 18.73 -36.05
N TYR A 180 10.26 18.34 -34.78
CA TYR A 180 11.14 18.98 -33.82
C TYR A 180 12.02 18.03 -33.04
N ALA A 181 11.68 16.75 -32.95
CA ALA A 181 12.35 15.85 -32.01
C ALA A 181 13.80 15.58 -32.36
N ASP A 182 14.26 15.90 -33.57
CA ASP A 182 15.67 15.64 -33.88
C ASP A 182 16.59 16.38 -32.92
N GLU A 183 16.14 17.52 -32.39
CA GLU A 183 16.97 18.23 -31.42
C GLU A 183 17.09 17.47 -30.11
N LEU A 184 16.18 16.53 -29.83
CA LEU A 184 16.29 15.70 -28.64
C LEU A 184 17.33 14.60 -28.77
N LEU A 185 17.85 14.36 -29.98
CA LEU A 185 18.86 13.33 -30.17
C LEU A 185 20.18 13.69 -29.51
N LYS A 186 20.40 14.96 -29.18
CA LYS A 186 21.63 15.38 -28.51
CA LYS A 186 21.63 15.38 -28.52
C LYS A 186 21.61 15.14 -27.02
N LEU A 187 20.46 14.78 -26.45
CA LEU A 187 20.37 14.52 -25.02
C LEU A 187 21.20 13.31 -24.64
N LYS A 188 21.89 13.42 -23.50
CA LYS A 188 22.77 12.37 -23.01
CA LYS A 188 22.77 12.37 -23.01
C LYS A 188 22.34 11.97 -21.61
N ASP A 189 22.17 10.68 -21.41
CA ASP A 189 21.81 10.14 -20.09
C ASP A 189 22.91 9.18 -19.69
N PRO A 190 23.66 9.49 -18.63
CA PRO A 190 24.71 8.55 -18.19
C PRO A 190 24.17 7.16 -17.91
N ALA A 191 22.92 7.06 -17.48
CA ALA A 191 22.32 5.76 -17.20
C ALA A 191 21.75 5.09 -18.43
N ASP A 192 21.65 5.79 -19.56
CA ASP A 192 21.12 5.23 -20.80
C ASP A 192 19.71 4.68 -20.57
N ASN A 193 18.88 5.45 -19.87
CA ASN A 193 17.53 5.01 -19.54
C ASN A 193 16.54 6.15 -19.72
N MET A 194 16.58 6.77 -20.91
CA MET A 194 15.58 7.77 -21.27
C MET A 194 14.49 7.13 -22.10
N VAL A 195 13.26 7.61 -21.88
CA VAL A 195 12.09 7.19 -22.64
C VAL A 195 11.34 8.43 -23.09
N PHE A 196 11.08 8.54 -24.38
CA PHE A 196 10.36 9.71 -24.88
C PHE A 196 8.87 9.52 -24.70
N SER A 197 8.18 10.60 -24.35
CA SER A 197 6.76 10.51 -23.98
C SER A 197 5.97 11.57 -24.73
N ALA A 198 5.11 11.11 -25.62
CA ALA A 198 4.28 12.01 -26.41
C ALA A 198 2.83 11.96 -25.93
N HIS A 199 2.05 12.95 -26.37
CA HIS A 199 0.67 13.11 -25.98
C HIS A 199 -0.21 13.10 -27.23
N VAL A 200 -1.42 12.56 -27.10
CA VAL A 200 -2.31 12.47 -28.25
C VAL A 200 -3.77 12.52 -27.80
N PHE A 201 -4.55 13.39 -28.43
CA PHE A 201 -6.00 13.32 -28.37
C PHE A 201 -6.51 13.15 -29.80
N ILE A 202 -7.75 12.70 -29.93
CA ILE A 202 -8.30 12.41 -31.25
C ILE A 202 -9.47 13.33 -31.59
N ASP A 203 -9.54 14.50 -30.97
CA ASP A 203 -10.47 15.53 -31.41
C ASP A 203 -9.85 16.27 -32.60
N GLU A 204 -10.52 17.34 -33.05
N GLU A 204 -10.51 17.33 -33.07
CA GLU A 204 -10.15 17.99 -34.31
CA GLU A 204 -10.13 17.96 -34.33
C GLU A 204 -8.75 18.59 -34.26
C GLU A 204 -8.72 18.57 -34.25
N ASP A 205 -8.47 19.40 -33.24
CA ASP A 205 -7.19 20.10 -33.13
C ASP A 205 -6.22 19.43 -32.17
N ALA A 206 -6.50 18.20 -31.74
CA ALA A 206 -5.66 17.44 -30.80
C ALA A 206 -5.44 18.19 -29.49
N SER A 207 -6.28 19.19 -29.19
CA SER A 207 -6.19 19.88 -27.91
C SER A 207 -6.85 19.10 -26.78
N GLY A 208 -7.69 18.12 -27.10
CA GLY A 208 -8.39 17.37 -26.09
C GLY A 208 -9.67 18.00 -25.59
N SER A 209 -10.12 19.08 -26.22
CA SER A 209 -11.35 19.75 -25.81
C SER A 209 -12.60 18.97 -26.21
N TYR A 210 -12.51 18.22 -27.31
CA TYR A 210 -13.65 17.46 -27.85
C TYR A 210 -14.91 18.31 -27.93
N LYS A 211 -14.74 19.50 -28.51
CA LYS A 211 -15.88 20.41 -28.67
CA LYS A 211 -15.88 20.41 -28.66
C LYS A 211 -16.96 19.81 -29.56
N LYS A 212 -16.57 18.98 -30.53
CA LYS A 212 -17.52 18.35 -31.43
CA LYS A 212 -17.50 18.35 -31.45
C LYS A 212 -17.42 16.83 -31.33
N GLY A 213 -18.45 16.17 -31.83
CA GLY A 213 -18.47 14.73 -31.84
C GLY A 213 -17.55 14.18 -32.91
N PRO A 214 -17.52 12.85 -33.03
CA PRO A 214 -16.66 12.23 -34.05
C PRO A 214 -16.92 12.73 -35.46
N GLY A 215 -18.17 13.07 -35.78
CA GLY A 215 -18.51 13.60 -37.09
C GLY A 215 -18.58 12.52 -38.15
N LYS A 216 -19.16 12.90 -39.30
CA LYS A 216 -19.23 11.98 -40.41
C LYS A 216 -17.84 11.73 -40.99
N ASP A 217 -17.68 10.56 -41.61
CA ASP A 217 -16.40 10.12 -42.15
CA ASP A 217 -16.40 10.11 -42.16
C ASP A 217 -15.33 10.05 -41.06
N PHE A 218 -15.72 9.69 -39.85
CA PHE A 218 -14.78 9.52 -38.77
C PHE A 218 -13.91 8.29 -39.04
N GLU A 219 -12.60 8.46 -38.94
CA GLU A 219 -11.66 7.37 -39.21
CA GLU A 219 -11.67 7.37 -39.21
C GLU A 219 -11.31 6.67 -37.91
N PRO A 220 -11.72 5.43 -37.69
CA PRO A 220 -11.43 4.77 -36.42
C PRO A 220 -9.94 4.62 -36.13
N MET A 221 -9.07 4.66 -37.15
CA MET A 221 -7.63 4.55 -36.92
C MET A 221 -6.96 5.91 -36.69
N ILE A 222 -7.74 6.95 -36.38
CA ILE A 222 -7.17 8.28 -36.21
C ILE A 222 -6.14 8.29 -35.09
N GLY A 223 -6.41 7.59 -33.98
CA GLY A 223 -5.44 7.53 -32.90
C GLY A 223 -4.14 6.89 -33.32
N VAL A 224 -4.23 5.78 -34.05
CA VAL A 224 -3.04 5.12 -34.58
C VAL A 224 -2.29 6.05 -35.54
N LYS A 225 -3.03 6.78 -36.39
CA LYS A 225 -2.38 7.63 -37.38
CA LYS A 225 -2.38 7.64 -37.38
C LYS A 225 -1.65 8.79 -36.73
N ARG A 226 -2.14 9.28 -35.58
CA ARG A 226 -1.49 10.41 -34.93
C ARG A 226 -0.29 10.00 -34.08
N VAL A 227 -0.18 8.73 -33.69
CA VAL A 227 1.00 8.28 -32.95
C VAL A 227 2.04 7.63 -33.87
N GLU A 228 1.65 7.22 -35.07
CA GLU A 228 2.61 6.68 -36.04
C GLU A 228 3.83 7.58 -36.28
N PRO A 229 3.70 8.90 -36.44
CA PRO A 229 4.93 9.71 -36.61
C PRO A 229 5.88 9.56 -35.44
N PHE A 230 5.33 9.51 -34.22
CA PHE A 230 6.13 9.32 -33.02
C PHE A 230 6.79 7.94 -33.03
N VAL A 231 6.00 6.87 -33.19
CA VAL A 231 6.54 5.52 -33.10
C VAL A 231 7.55 5.27 -34.22
N ASN A 232 7.26 5.77 -35.43
CA ASN A 232 8.21 5.57 -36.54
C ASN A 232 9.51 6.32 -36.32
N TRP A 233 9.47 7.48 -35.66
CA TRP A 233 10.70 8.19 -35.32
C TRP A 233 11.48 7.40 -34.28
N LEU A 234 10.78 6.78 -33.33
CA LEU A 234 11.46 5.95 -32.34
C LEU A 234 12.18 4.78 -33.01
N LYS A 235 11.51 4.13 -33.96
CA LYS A 235 12.12 2.99 -34.66
C LYS A 235 13.31 3.45 -35.49
N GLU A 236 13.17 4.57 -36.21
CA GLU A 236 14.25 5.06 -37.04
C GLU A 236 15.50 5.35 -36.23
N HIS A 237 15.34 5.87 -35.01
CA HIS A 237 16.46 6.33 -34.20
C HIS A 237 16.78 5.39 -33.05
N GLY A 238 16.12 4.24 -32.97
CA GLY A 238 16.44 3.27 -31.93
C GLY A 238 16.16 3.76 -30.53
N LYS A 239 15.06 4.49 -30.34
CA LYS A 239 14.70 5.05 -29.04
C LYS A 239 13.45 4.35 -28.49
N LYS A 240 13.19 4.58 -27.21
CA LYS A 240 12.05 4.00 -26.51
CA LYS A 240 12.06 3.99 -26.51
CA LYS A 240 12.05 4.00 -26.52
C LYS A 240 10.99 5.06 -26.27
N GLY A 241 9.73 4.63 -26.29
CA GLY A 241 8.61 5.56 -26.23
C GLY A 241 7.54 5.20 -25.20
N HIS A 242 6.57 6.11 -25.10
CA HIS A 242 5.59 6.21 -24.03
C HIS A 242 4.53 7.24 -24.44
N ILE A 243 3.28 6.99 -24.11
CA ILE A 243 2.21 7.96 -24.34
C ILE A 243 1.69 8.41 -22.98
N GLY A 244 2.05 9.63 -22.57
CA GLY A 244 1.72 10.04 -21.22
C GLY A 244 0.38 10.67 -21.03
N GLU A 245 -0.35 10.95 -22.12
CA GLU A 245 -1.63 11.63 -22.03
C GLU A 245 -2.48 11.26 -23.24
N PHE A 246 -3.66 10.69 -22.98
CA PHE A 246 -4.67 10.42 -23.99
C PHE A 246 -5.99 10.19 -23.26
N GLY A 247 -7.07 10.75 -23.79
CA GLY A 247 -8.38 10.50 -23.22
C GLY A 247 -9.47 10.77 -24.22
N ILE A 248 -10.65 10.22 -23.94
CA ILE A 248 -11.84 10.38 -24.79
C ILE A 248 -13.06 10.61 -23.92
N PRO A 249 -14.09 11.25 -24.48
CA PRO A 249 -15.39 11.28 -23.81
C PRO A 249 -16.00 9.89 -23.75
N ASN A 250 -17.03 9.76 -22.91
CA ASN A 250 -17.67 8.47 -22.65
C ASN A 250 -18.99 8.31 -23.39
N ASP A 251 -19.32 9.24 -24.29
CA ASP A 251 -20.68 9.31 -24.83
C ASP A 251 -20.76 8.93 -26.31
N ASP A 252 -19.71 8.36 -26.89
CA ASP A 252 -19.81 7.88 -28.27
C ASP A 252 -18.96 6.63 -28.45
N GLU A 253 -19.61 5.57 -28.94
CA GLU A 253 -18.91 4.30 -29.16
CA GLU A 253 -18.92 4.31 -29.16
C GLU A 253 -17.80 4.42 -30.19
N ARG A 254 -17.86 5.42 -31.08
CA ARG A 254 -16.79 5.58 -32.05
C ARG A 254 -15.49 6.00 -31.38
N TRP A 255 -15.57 6.80 -30.32
CA TRP A 255 -14.38 7.13 -29.54
C TRP A 255 -13.74 5.87 -28.97
N LEU A 256 -14.57 4.94 -28.47
CA LEU A 256 -14.05 3.72 -27.85
C LEU A 256 -13.39 2.81 -28.88
N ASP A 257 -14.00 2.71 -30.06
CA ASP A 257 -13.41 1.92 -31.13
C ASP A 257 -12.01 2.42 -31.47
N ALA A 258 -11.86 3.74 -31.60
CA ALA A 258 -10.54 4.31 -31.90
C ALA A 258 -9.57 4.07 -30.76
N MET A 259 -10.06 4.06 -29.52
CA MET A 259 -9.16 3.84 -28.39
C MET A 259 -8.73 2.38 -28.36
N ASP A 260 -9.63 1.45 -28.69
CA ASP A 260 -9.23 0.04 -28.81
C ASP A 260 -8.13 -0.11 -29.86
N LYS A 261 -8.35 0.45 -31.05
CA LYS A 261 -7.37 0.32 -32.12
C LYS A 261 -6.03 0.96 -31.74
N LEU A 262 -6.08 2.05 -30.98
CA LEU A 262 -4.83 2.66 -30.51
C LEU A 262 -4.11 1.75 -29.54
N LEU A 263 -4.85 1.15 -28.60
CA LEU A 263 -4.21 0.30 -27.58
C LEU A 263 -3.62 -0.95 -28.20
N ALA A 264 -4.30 -1.52 -29.22
CA ALA A 264 -3.73 -2.66 -29.93
C ALA A 264 -2.41 -2.29 -30.59
N TYR A 265 -2.37 -1.13 -31.25
CA TYR A 265 -1.13 -0.67 -31.89
C TYR A 265 -0.04 -0.41 -30.86
N LEU A 266 -0.40 0.20 -29.73
CA LEU A 266 0.59 0.43 -28.69
C LEU A 266 1.08 -0.88 -28.10
N ASN A 267 0.17 -1.86 -27.93
CA ASN A 267 0.57 -3.16 -27.42
C ASN A 267 1.58 -3.83 -28.34
N GLU A 268 1.32 -3.80 -29.65
CA GLU A 268 2.23 -4.43 -30.61
CA GLU A 268 2.23 -4.43 -30.61
C GLU A 268 3.62 -3.81 -30.59
N ASN A 269 3.74 -2.55 -30.14
CA ASN A 269 5.02 -1.87 -30.10
C ASN A 269 5.52 -1.66 -28.68
N CYS A 270 4.87 -2.29 -27.68
CA CYS A 270 5.27 -2.19 -26.28
C CYS A 270 5.41 -0.74 -25.81
N ILE A 271 4.44 0.09 -26.19
CA ILE A 271 4.39 1.51 -25.81
C ILE A 271 3.38 1.65 -24.69
N PRO A 272 3.79 2.01 -23.47
CA PRO A 272 2.81 2.19 -22.40
C PRO A 272 1.98 3.46 -22.62
N ILE A 273 0.79 3.47 -22.01
CA ILE A 273 -0.10 4.63 -22.06
C ILE A 273 -0.51 5.02 -20.65
N ASN A 274 -0.69 6.32 -20.44
CA ASN A 274 -1.28 6.85 -19.22
C ASN A 274 -2.55 7.59 -19.60
N TYR A 275 -3.70 7.02 -19.25
CA TYR A 275 -4.97 7.61 -19.65
C TYR A 275 -5.22 8.93 -18.93
N TRP A 276 -5.73 9.92 -19.67
CA TRP A 276 -6.05 11.24 -19.13
C TRP A 276 -7.57 11.40 -19.09
N ALA A 277 -8.17 11.37 -17.90
CA ALA A 277 -7.48 11.29 -16.59
C ALA A 277 -8.43 10.75 -15.53
N ALA A 278 -7.86 10.14 -14.49
CA ALA A 278 -8.59 9.93 -13.24
C ALA A 278 -8.22 11.04 -12.28
N GLY A 279 -8.87 11.05 -11.11
CA GLY A 279 -8.54 12.00 -10.08
C GLY A 279 -9.70 12.28 -9.13
N PRO A 280 -9.39 12.77 -7.93
CA PRO A 280 -10.43 12.90 -6.89
C PRO A 280 -11.36 14.09 -7.02
N SER A 281 -11.08 15.09 -7.86
CA SER A 281 -11.87 16.32 -7.87
CA SER A 281 -11.89 16.31 -7.87
C SER A 281 -12.07 16.81 -9.29
N TRP A 282 -12.45 15.91 -10.19
CA TRP A 282 -12.67 16.28 -11.59
C TRP A 282 -14.09 16.77 -11.86
N GLY A 283 -15.05 16.45 -10.99
CA GLY A 283 -16.41 16.87 -11.23
C GLY A 283 -16.92 16.33 -12.56
N ASN A 284 -17.45 17.24 -13.37
CA ASN A 284 -18.10 16.92 -14.64
C ASN A 284 -17.15 16.88 -15.82
N TYR A 285 -15.84 16.84 -15.58
CA TYR A 285 -14.86 16.80 -16.66
C TYR A 285 -15.13 15.66 -17.62
N LYS A 286 -15.22 16.00 -18.91
CA LYS A 286 -15.72 15.06 -19.92
C LYS A 286 -14.79 13.87 -20.13
N LEU A 287 -13.50 14.03 -19.90
CA LEU A 287 -12.55 12.95 -20.09
C LEU A 287 -12.32 12.13 -18.82
N SER A 288 -13.00 12.44 -17.73
CA SER A 288 -12.73 11.77 -16.47
C SER A 288 -13.13 10.30 -16.52
N ILE A 289 -12.27 9.43 -15.99
CA ILE A 289 -12.66 8.04 -15.74
C ILE A 289 -12.83 7.75 -14.27
N GLU A 290 -12.72 8.77 -13.41
CA GLU A 290 -13.05 8.58 -12.01
C GLU A 290 -14.51 8.17 -11.87
N PRO A 291 -14.83 7.20 -11.03
CA PRO A 291 -16.24 6.83 -10.83
C PRO A 291 -17.05 8.03 -10.39
N LYS A 292 -18.24 8.16 -10.96
CA LYS A 292 -19.14 9.27 -10.64
C LYS A 292 -20.56 8.78 -10.79
N ASP A 293 -21.37 8.99 -9.75
CA ASP A 293 -22.80 8.66 -9.83
C ASP A 293 -23.41 9.41 -11.00
N GLY A 294 -24.24 8.73 -11.78
CA GLY A 294 -24.68 9.39 -12.98
C GLY A 294 -23.57 9.62 -13.99
N GLU A 295 -22.53 8.78 -13.96
CA GLU A 295 -21.61 8.58 -15.09
C GLU A 295 -21.19 7.12 -15.17
N LYS A 296 -21.10 6.64 -16.40
CA LYS A 296 -20.43 5.41 -16.79
C LYS A 296 -19.16 5.65 -17.58
N ARG A 297 -18.17 4.78 -17.35
CA ARG A 297 -16.79 4.97 -17.81
C ARG A 297 -16.33 3.77 -18.64
N PRO A 298 -16.82 3.66 -19.88
CA PRO A 298 -16.44 2.50 -20.70
C PRO A 298 -14.96 2.47 -21.12
N GLN A 299 -14.17 3.49 -20.82
CA GLN A 299 -12.74 3.43 -21.08
C GLN A 299 -12.02 2.44 -20.16
N VAL A 300 -12.53 2.24 -18.94
CA VAL A 300 -11.84 1.41 -17.95
C VAL A 300 -11.81 -0.06 -18.38
N ALA A 301 -12.96 -0.60 -18.77
CA ALA A 301 -13.02 -1.96 -19.33
C ALA A 301 -12.04 -2.13 -20.49
N LEU A 302 -11.88 -1.10 -21.34
CA LEU A 302 -10.91 -1.22 -22.41
C LEU A 302 -9.49 -1.29 -21.87
N LEU A 303 -9.18 -0.47 -20.86
CA LEU A 303 -7.85 -0.48 -20.25
C LEU A 303 -7.58 -1.84 -19.61
N LYS A 304 -8.54 -2.35 -18.86
CA LYS A 304 -8.38 -3.66 -18.22
C LYS A 304 -8.18 -4.75 -19.26
N LYS A 305 -8.89 -4.66 -20.38
CA LYS A 305 -8.77 -5.67 -21.43
C LYS A 305 -7.34 -5.75 -21.95
N TYR A 306 -6.70 -4.60 -22.14
CA TYR A 306 -5.33 -4.59 -22.65
C TYR A 306 -4.30 -4.78 -21.56
N ALA A 307 -4.63 -4.49 -20.30
CA ALA A 307 -3.71 -4.84 -19.23
C ALA A 307 -3.50 -6.35 -19.16
N ALA A 308 -4.54 -7.13 -19.49
CA ALA A 308 -4.41 -8.58 -19.46
C ALA A 308 -3.60 -9.10 -20.65
N LYS A 309 -3.45 -8.30 -21.70
CA LYS A 309 -2.64 -8.68 -22.86
C LYS A 309 -1.21 -8.18 -22.77
N ASP A 310 -0.84 -7.52 -21.69
CA ASP A 310 0.48 -6.91 -21.58
C ASP A 310 1.51 -8.00 -21.35
N ASN A 311 2.30 -8.32 -22.39
CA ASN A 311 3.41 -9.25 -22.25
C ASN A 311 4.74 -8.58 -22.61
N CYS A 312 4.83 -7.27 -22.38
CA CYS A 312 6.04 -6.51 -22.60
C CYS A 312 6.84 -6.40 -21.30
N SER A 313 8.15 -6.58 -21.41
CA SER A 313 9.05 -6.46 -20.28
CA SER A 313 9.04 -6.45 -20.28
C SER A 313 9.83 -5.15 -20.27
N ASP A 314 9.81 -4.41 -21.38
CA ASP A 314 10.55 -3.17 -21.49
CA ASP A 314 10.56 -3.17 -21.51
C ASP A 314 9.82 -2.23 -22.43
N PHE A 315 10.17 -0.95 -22.35
CA PHE A 315 9.61 0.03 -23.28
C PHE A 315 9.99 -0.33 -24.71
N GLY A 316 9.01 -0.34 -25.60
CA GLY A 316 9.27 -0.51 -27.01
C GLY A 316 9.51 0.84 -27.66
N PRO A 317 9.53 0.89 -29.00
CA PRO A 317 9.31 -0.20 -29.95
C PRO A 317 10.56 -1.04 -30.16
N ALA A 318 10.41 -2.19 -30.79
CA ALA A 318 11.54 -3.08 -31.07
C ALA A 318 12.37 -2.52 -32.21
N SER B 1 -10.45 18.05 1.48
CA SER B 1 -10.05 17.81 2.86
CA SER B 1 -10.04 17.81 2.86
C SER B 1 -10.86 18.67 3.82
N VAL B 2 -11.07 18.14 5.03
CA VAL B 2 -11.81 18.86 6.07
C VAL B 2 -10.97 20.02 6.57
N ASP B 3 -11.55 21.23 6.57
CA ASP B 3 -10.86 22.41 7.12
C ASP B 3 -11.01 22.44 8.63
N LEU B 4 -9.88 22.57 9.35
CA LEU B 4 -9.96 22.76 10.79
C LEU B 4 -10.43 24.17 11.18
N ILE B 5 -10.29 25.15 10.30
CA ILE B 5 -10.55 26.55 10.65
C ILE B 5 -11.71 27.06 9.79
N GLY B 6 -12.76 27.55 10.43
CA GLY B 6 -13.90 28.11 9.72
C GLY B 6 -14.59 29.14 10.57
N ILE B 7 -15.61 29.78 9.99
CA ILE B 7 -16.31 30.88 10.64
C ILE B 7 -17.81 30.71 10.46
N ASN B 8 -18.55 31.18 11.46
CA ASN B 8 -19.98 31.41 11.29
C ASN B 8 -20.19 32.72 10.54
N VAL B 9 -21.14 32.72 9.62
CA VAL B 9 -21.57 33.93 8.93
C VAL B 9 -23.05 34.10 9.27
N ALA B 10 -23.33 34.92 10.27
CA ALA B 10 -24.65 35.02 10.85
C ALA B 10 -25.40 36.23 10.28
N GLY B 11 -26.72 36.14 10.33
CA GLY B 11 -27.53 37.25 9.87
C GLY B 11 -28.88 36.81 9.34
N ALA B 12 -28.91 35.65 8.68
CA ALA B 12 -30.17 35.19 8.08
C ALA B 12 -31.16 34.74 9.14
N GLU B 13 -30.69 34.49 10.36
CA GLU B 13 -31.52 34.08 11.48
C GLU B 13 -31.86 35.24 12.42
N PHE B 14 -31.48 36.46 12.08
CA PHE B 14 -31.66 37.59 13.00
C PHE B 14 -33.15 37.93 13.19
N THR B 15 -33.43 38.60 14.30
CA THR B 15 -34.75 39.17 14.59
C THR B 15 -35.86 38.12 14.45
N GLY B 16 -35.73 37.06 15.25
CA GLY B 16 -36.60 35.90 15.10
C GLY B 16 -38.05 36.16 15.41
N GLY B 17 -38.36 37.28 16.07
CA GLY B 17 -39.74 37.63 16.33
C GLY B 17 -40.48 38.22 15.15
N LYS B 18 -39.78 38.65 14.11
CA LYS B 18 -40.39 39.25 12.92
CA LYS B 18 -40.39 39.25 12.92
C LYS B 18 -40.41 38.18 11.82
N LEU B 19 -41.57 37.55 11.64
CA LEU B 19 -41.74 36.51 10.65
C LEU B 19 -42.87 36.89 9.70
N PRO B 20 -42.66 36.83 8.39
CA PRO B 20 -41.40 36.40 7.74
C PRO B 20 -40.29 37.45 7.80
N GLY B 21 -40.65 38.70 8.05
CA GLY B 21 -39.69 39.79 8.04
C GLY B 21 -39.24 40.17 6.65
N LYS B 22 -38.51 41.29 6.57
CA LYS B 22 -37.99 41.81 5.31
C LYS B 22 -36.47 41.64 5.27
N HIS B 23 -35.98 41.06 4.18
CA HIS B 23 -34.54 40.98 3.98
C HIS B 23 -33.97 42.39 3.83
N GLY B 24 -32.83 42.62 4.48
CA GLY B 24 -32.26 43.95 4.56
C GLY B 24 -32.83 44.81 5.65
N THR B 25 -33.88 44.36 6.34
CA THR B 25 -34.46 45.06 7.48
C THR B 25 -34.37 44.23 8.75
N HIS B 26 -34.92 43.02 8.75
CA HIS B 26 -34.90 42.17 9.94
C HIS B 26 -33.85 41.08 9.88
N TYR B 27 -33.50 40.60 8.68
CA TYR B 27 -32.48 39.57 8.53
C TYR B 27 -31.61 39.91 7.33
N PHE B 28 -30.41 39.34 7.32
CA PHE B 28 -29.37 39.82 6.40
C PHE B 28 -28.59 38.64 5.83
N PHE B 29 -28.57 38.55 4.50
CA PHE B 29 -27.72 37.61 3.79
C PHE B 29 -26.47 38.33 3.31
N PRO B 30 -25.38 37.60 3.01
CA PRO B 30 -24.16 38.26 2.55
C PRO B 30 -24.41 39.06 1.28
N PRO B 31 -24.04 40.34 1.26
CA PRO B 31 -24.09 41.09 0.00
C PRO B 31 -23.07 40.51 -0.98
N GLU B 32 -23.22 40.89 -2.25
CA GLU B 32 -22.23 40.48 -3.23
C GLU B 32 -20.86 41.00 -2.81
N GLY B 33 -19.82 40.22 -3.12
CA GLY B 33 -18.48 40.55 -2.71
C GLY B 33 -18.12 40.18 -1.29
N TYR B 34 -19.06 39.64 -0.51
CA TYR B 34 -18.80 39.38 0.90
C TYR B 34 -17.76 38.27 1.08
N PHE B 35 -17.93 37.16 0.36
CA PHE B 35 -17.06 36.01 0.59
C PHE B 35 -15.65 36.24 0.06
N GLU B 36 -15.47 37.19 -0.86
CA GLU B 36 -14.13 37.50 -1.36
C GLU B 36 -13.18 37.81 -0.22
N TYR B 37 -13.63 38.59 0.76
CA TYR B 37 -12.77 38.96 1.87
C TYR B 37 -12.27 37.74 2.61
N TRP B 38 -13.17 36.83 2.97
CA TRP B 38 -12.76 35.67 3.76
C TRP B 38 -11.91 34.72 2.94
N SER B 39 -12.23 34.55 1.65
CA SER B 39 -11.38 33.76 0.78
C SER B 39 -9.99 34.37 0.65
N GLU B 40 -9.92 35.71 0.60
CA GLU B 40 -8.62 36.37 0.59
CA GLU B 40 -8.60 36.36 0.58
C GLU B 40 -7.85 36.13 1.89
N GLN B 41 -8.56 35.90 2.99
CA GLN B 41 -7.94 35.62 4.28
C GLN B 41 -7.59 34.15 4.45
N GLY B 42 -7.83 33.31 3.45
CA GLY B 42 -7.49 31.91 3.58
C GLY B 42 -8.44 31.11 4.44
N ILE B 43 -9.66 31.61 4.66
CA ILE B 43 -10.68 30.93 5.43
C ILE B 43 -11.76 30.49 4.45
N HIS B 44 -12.03 29.18 4.39
CA HIS B 44 -12.77 28.63 3.27
C HIS B 44 -13.92 27.73 3.70
N THR B 45 -14.24 27.67 4.99
CA THR B 45 -15.39 26.93 5.48
C THR B 45 -16.25 27.87 6.30
N VAL B 46 -17.56 27.88 6.02
CA VAL B 46 -18.49 28.79 6.64
C VAL B 46 -19.69 27.99 7.17
N ARG B 47 -20.06 28.24 8.43
CA ARG B 47 -21.33 27.79 8.99
C ARG B 47 -22.36 28.91 8.84
N PHE B 48 -23.53 28.58 8.29
CA PHE B 48 -24.52 29.58 7.92
C PHE B 48 -25.86 29.35 8.60
N PRO B 49 -26.17 30.08 9.67
CA PRO B 49 -27.48 29.97 10.31
C PRO B 49 -28.64 30.30 9.38
N LEU B 50 -29.72 29.54 9.54
CA LEU B 50 -30.97 29.76 8.84
C LEU B 50 -32.11 29.65 9.85
N LYS B 51 -33.18 30.40 9.59
CA LYS B 51 -34.36 30.42 10.45
C LYS B 51 -35.41 29.47 9.88
N TRP B 52 -35.75 28.42 10.64
CA TRP B 52 -36.75 27.45 10.19
C TRP B 52 -38.04 28.12 9.74
N GLU B 53 -38.58 29.01 10.57
CA GLU B 53 -39.87 29.63 10.28
C GLU B 53 -39.85 30.45 8.99
N ARG B 54 -38.68 30.95 8.58
CA ARG B 54 -38.60 31.65 7.31
C ARG B 54 -38.47 30.68 6.15
N LEU B 55 -37.74 29.59 6.36
CA LEU B 55 -37.66 28.54 5.33
C LEU B 55 -39.03 27.91 5.09
N GLN B 56 -39.80 27.69 6.15
CA GLN B 56 -41.10 27.05 6.10
C GLN B 56 -42.07 27.86 6.94
N PRO B 57 -42.81 28.79 6.33
CA PRO B 57 -43.81 29.56 7.09
C PRO B 57 -44.95 28.70 7.64
N SER B 58 -45.15 27.50 7.09
CA SER B 58 -46.10 26.55 7.61
C SER B 58 -45.47 25.17 7.60
N LEU B 59 -45.73 24.39 8.64
CA LEU B 59 -45.16 23.06 8.73
C LEU B 59 -45.62 22.20 7.55
N ASN B 60 -44.70 21.40 7.03
CA ASN B 60 -44.94 20.44 5.96
C ASN B 60 -45.22 21.09 4.62
N ALA B 61 -44.89 22.37 4.49
CA ALA B 61 -45.20 23.12 3.29
C ALA B 61 -43.93 23.34 2.47
N GLU B 62 -44.12 23.73 1.22
CA GLU B 62 -43.00 24.02 0.35
C GLU B 62 -42.13 25.11 0.96
N LEU B 63 -40.83 25.04 0.68
CA LEU B 63 -39.92 26.09 1.14
C LEU B 63 -40.33 27.44 0.57
N ASP B 64 -40.15 28.49 1.38
CA ASP B 64 -40.50 29.84 0.94
C ASP B 64 -39.61 30.26 -0.23
N ASP B 65 -40.24 30.75 -1.30
CA ASP B 65 -39.47 31.05 -2.50
C ASP B 65 -38.46 32.16 -2.28
N VAL B 66 -38.86 33.21 -1.56
CA VAL B 66 -37.98 34.36 -1.36
C VAL B 66 -36.79 33.98 -0.49
N TYR B 67 -37.05 33.35 0.66
CA TYR B 67 -35.97 33.03 1.59
C TYR B 67 -35.06 31.96 1.03
N ALA B 68 -35.63 30.90 0.44
CA ALA B 68 -34.82 29.83 -0.12
C ALA B 68 -34.01 30.32 -1.32
N SER B 69 -34.57 31.23 -2.12
CA SER B 69 -33.78 31.76 -3.23
C SER B 69 -32.59 32.56 -2.72
N LEU B 70 -32.74 33.24 -1.58
CA LEU B 70 -31.59 33.93 -0.99
C LEU B 70 -30.52 32.93 -0.56
N VAL B 71 -30.94 31.75 -0.09
CA VAL B 71 -29.96 30.71 0.21
C VAL B 71 -29.29 30.22 -1.07
N ASP B 72 -30.07 30.04 -2.14
CA ASP B 72 -29.51 29.72 -3.46
C ASP B 72 -28.41 30.70 -3.82
N ASP B 73 -28.72 32.00 -3.76
CA ASP B 73 -27.74 33.02 -4.14
C ASP B 73 -26.51 32.97 -3.26
N MET B 74 -26.70 32.76 -1.95
CA MET B 74 -25.55 32.74 -1.07
C MET B 74 -24.64 31.56 -1.40
N LEU B 75 -25.23 30.39 -1.64
CA LEU B 75 -24.42 29.22 -2.03
C LEU B 75 -23.70 29.46 -3.36
N ASP B 76 -24.36 30.15 -4.30
CA ASP B 76 -23.69 30.49 -5.55
C ASP B 76 -22.46 31.36 -5.29
N GLN B 77 -22.62 32.40 -4.46
CA GLN B 77 -21.48 33.26 -4.15
CA GLN B 77 -21.50 33.26 -4.12
C GLN B 77 -20.40 32.48 -3.41
N ALA B 78 -20.80 31.55 -2.55
CA ALA B 78 -19.80 30.73 -1.87
C ALA B 78 -18.99 29.91 -2.88
N LYS B 79 -19.68 29.26 -3.83
CA LYS B 79 -18.99 28.47 -4.84
C LYS B 79 -18.02 29.33 -5.64
N GLU B 80 -18.45 30.52 -6.02
CA GLU B 80 -17.58 31.36 -6.80
CA GLU B 80 -17.63 31.45 -6.77
C GLU B 80 -16.33 31.80 -6.03
N ASN B 81 -16.34 31.71 -4.71
CA ASN B 81 -15.21 32.12 -3.90
C ASN B 81 -14.57 30.95 -3.15
N ASP B 82 -14.80 29.73 -3.60
CA ASP B 82 -14.17 28.54 -3.05
C ASP B 82 -14.47 28.41 -1.56
N ILE B 83 -15.73 28.65 -1.18
CA ILE B 83 -16.20 28.53 0.20
C ILE B 83 -17.04 27.27 0.30
N LYS B 84 -16.78 26.45 1.31
CA LYS B 84 -17.63 25.31 1.65
C LYS B 84 -18.58 25.71 2.77
N VAL B 85 -19.86 25.34 2.64
CA VAL B 85 -20.90 25.88 3.50
C VAL B 85 -21.56 24.76 4.30
N ILE B 86 -21.67 24.98 5.60
CA ILE B 86 -22.46 24.15 6.51
C ILE B 86 -23.77 24.88 6.77
N LEU B 87 -24.88 24.35 6.28
CA LEU B 87 -26.17 24.93 6.60
C LEU B 87 -26.58 24.53 8.01
N ASP B 88 -27.09 25.51 8.76
CA ASP B 88 -27.38 25.40 10.19
C ASP B 88 -28.84 25.81 10.40
N VAL B 89 -29.69 24.85 10.77
CA VAL B 89 -31.05 25.19 11.17
C VAL B 89 -30.98 25.72 12.60
N HIS B 90 -31.05 27.04 12.75
CA HIS B 90 -30.63 27.72 13.98
C HIS B 90 -31.82 27.93 14.92
N ASN B 91 -32.41 26.83 15.40
CA ASN B 91 -33.76 26.91 15.95
C ASN B 91 -33.96 26.31 17.33
N TYR B 92 -32.90 25.82 18.00
CA TYR B 92 -33.01 25.41 19.39
C TYR B 92 -34.06 24.31 19.58
N ALA B 93 -34.21 23.46 18.56
CA ALA B 93 -35.15 22.34 18.59
C ALA B 93 -36.60 22.79 18.77
N ARG B 94 -36.94 23.98 18.29
CA ARG B 94 -38.27 24.52 18.43
C ARG B 94 -38.72 25.13 17.12
N TYR B 95 -40.04 25.11 16.90
CA TYR B 95 -40.67 25.79 15.77
C TYR B 95 -41.78 26.68 16.32
N ARG B 96 -41.66 27.99 16.10
CA ARG B 96 -42.55 28.97 16.69
C ARG B 96 -42.70 28.74 18.20
N LYS B 97 -41.55 28.54 18.84
CA LYS B 97 -41.38 28.45 20.29
C LYS B 97 -41.92 27.14 20.87
N LYS B 98 -42.18 26.14 20.05
CA LYS B 98 -42.69 24.86 20.55
C LYS B 98 -41.73 23.74 20.16
N VAL B 99 -41.47 22.84 21.12
CA VAL B 99 -40.40 21.87 20.99
C VAL B 99 -40.78 20.78 20.00
N ILE B 100 -39.81 20.37 19.17
CA ILE B 100 -39.99 19.24 18.27
C ILE B 100 -40.30 17.99 19.07
N GLY B 101 -41.41 17.34 18.75
CA GLY B 101 -41.90 16.20 19.50
C GLY B 101 -43.18 16.48 20.26
N THR B 102 -43.54 17.74 20.45
CA THR B 102 -44.80 18.08 21.07
C THR B 102 -45.92 17.96 20.04
N GLU B 103 -47.15 18.19 20.49
CA GLU B 103 -48.31 17.98 19.62
CA GLU B 103 -48.31 17.98 19.62
C GLU B 103 -48.26 18.90 18.40
N ASP B 104 -47.90 20.17 18.60
CA ASP B 104 -47.93 21.15 17.52
CA ASP B 104 -47.96 21.12 17.49
C ASP B 104 -46.73 21.05 16.58
N VAL B 105 -45.66 20.37 16.99
CA VAL B 105 -44.50 20.23 16.12
C VAL B 105 -44.05 18.78 16.17
N PRO B 106 -44.70 17.87 15.45
CA PRO B 106 -44.28 16.47 15.48
C PRO B 106 -42.97 16.25 14.75
N VAL B 107 -42.32 15.14 15.08
CA VAL B 107 -41.01 14.84 14.48
C VAL B 107 -41.15 14.68 12.98
N SER B 108 -42.31 14.21 12.49
CA SER B 108 -42.50 14.09 11.05
C SER B 108 -42.41 15.44 10.36
N ALA B 109 -42.80 16.52 11.04
CA ALA B 109 -42.66 17.85 10.45
C ALA B 109 -41.19 18.25 10.36
N TYR B 110 -40.43 17.96 11.41
CA TYR B 110 -39.00 18.25 11.37
C TYR B 110 -38.32 17.43 10.29
N GLN B 111 -38.67 16.15 10.17
CA GLN B 111 -38.17 15.32 9.08
C GLN B 111 -38.49 15.95 7.73
N ASP B 112 -39.71 16.48 7.58
CA ASP B 112 -40.11 17.09 6.32
C ASP B 112 -39.23 18.27 5.97
N LEU B 113 -38.94 19.14 6.95
CA LEU B 113 -38.04 20.26 6.67
C LEU B 113 -36.70 19.75 6.14
N MET B 114 -36.19 18.67 6.71
CA MET B 114 -34.82 18.30 6.37
C MET B 114 -34.79 17.62 5.02
N GLU B 115 -35.87 16.90 4.67
CA GLU B 115 -36.03 16.40 3.31
C GLU B 115 -35.96 17.53 2.30
N ARG B 116 -36.68 18.63 2.56
CA ARG B 116 -36.78 19.72 1.59
C ARG B 116 -35.48 20.49 1.46
N ILE B 117 -34.75 20.64 2.57
CA ILE B 117 -33.42 21.27 2.52
C ILE B 117 -32.48 20.42 1.69
N ALA B 118 -32.43 19.11 1.96
CA ALA B 118 -31.56 18.22 1.20
C ALA B 118 -31.97 18.15 -0.27
N LYS B 119 -33.28 18.08 -0.53
CA LYS B 119 -33.72 17.97 -1.92
C LYS B 119 -33.30 19.19 -2.73
N ARG B 120 -33.38 20.37 -2.13
CA ARG B 120 -33.12 21.59 -2.89
C ARG B 120 -31.63 21.81 -3.13
N TRP B 121 -30.78 21.42 -2.18
CA TRP B 121 -29.38 21.81 -2.23
C TRP B 121 -28.37 20.67 -2.26
N GLN B 122 -28.82 19.40 -2.29
CA GLN B 122 -27.83 18.32 -2.37
C GLN B 122 -26.99 18.40 -3.64
N GLY B 123 -27.49 19.05 -4.69
CA GLY B 123 -26.71 19.16 -5.91
C GLY B 123 -25.74 20.32 -5.97
N HIS B 124 -25.64 21.13 -4.91
CA HIS B 124 -24.83 22.34 -4.96
C HIS B 124 -23.41 22.05 -4.49
N ASP B 125 -22.44 22.41 -5.33
CA ASP B 125 -21.04 22.10 -5.05
C ASP B 125 -20.54 22.81 -3.80
N ALA B 126 -21.13 23.95 -3.45
CA ALA B 126 -20.68 24.67 -2.26
C ALA B 126 -21.19 24.08 -0.96
N LEU B 127 -22.20 23.20 -1.02
CA LEU B 127 -22.73 22.60 0.20
C LEU B 127 -21.74 21.56 0.73
N PHE B 128 -21.31 21.74 1.98
CA PHE B 128 -20.40 20.82 2.63
C PHE B 128 -21.09 19.85 3.58
N ALA B 129 -21.98 20.34 4.45
CA ALA B 129 -22.58 19.50 5.48
C ALA B 129 -23.85 20.16 5.99
N TYR B 130 -24.64 19.38 6.71
CA TYR B 130 -25.85 19.87 7.37
C TYR B 130 -25.67 19.82 8.88
N ASP B 131 -25.77 20.98 9.51
CA ASP B 131 -25.87 21.08 10.97
C ASP B 131 -27.37 21.13 11.26
N ILE B 132 -27.94 19.98 11.61
CA ILE B 132 -29.38 19.83 11.48
C ILE B 132 -30.17 20.62 12.52
N MET B 133 -29.55 21.01 13.63
CA MET B 133 -30.29 21.84 14.59
C MET B 133 -29.30 22.49 15.54
N ASN B 134 -29.44 23.80 15.75
CA ASN B 134 -28.58 24.55 16.67
C ASN B 134 -29.16 24.48 18.08
N GLU B 135 -28.36 24.00 19.03
CA GLU B 135 -28.57 24.12 20.47
C GLU B 135 -29.96 23.75 20.99
N PRO B 136 -30.33 22.47 20.95
CA PRO B 136 -31.43 22.02 21.80
C PRO B 136 -31.14 22.40 23.26
N TYR B 137 -32.19 22.74 24.00
CA TYR B 137 -32.02 23.09 25.40
C TYR B 137 -33.36 22.99 26.12
N GLY B 138 -33.30 22.94 27.45
CA GLY B 138 -34.51 22.99 28.25
C GLY B 138 -35.38 21.77 28.05
N SER B 139 -36.68 22.00 27.91
CA SER B 139 -37.63 20.91 27.68
C SER B 139 -37.36 20.16 26.38
N ALA B 140 -36.54 20.71 25.48
CA ALA B 140 -36.17 19.98 24.27
C ALA B 140 -35.19 18.87 24.55
N ASP B 141 -34.51 18.90 25.70
CA ASP B 141 -33.39 17.98 25.93
C ASP B 141 -33.83 16.51 25.84
N LYS B 142 -34.88 16.14 26.59
CA LYS B 142 -35.29 14.73 26.60
CA LYS B 142 -35.30 14.74 26.59
C LYS B 142 -35.87 14.30 25.25
N LEU B 143 -36.48 15.22 24.52
CA LEU B 143 -37.07 14.88 23.22
C LEU B 143 -36.08 15.00 22.08
N TRP B 144 -34.87 15.50 22.32
CA TRP B 144 -33.96 15.79 21.21
C TRP B 144 -33.45 14.52 20.51
N PRO B 145 -33.12 13.43 21.22
CA PRO B 145 -32.67 12.23 20.48
C PRO B 145 -33.66 11.73 19.43
N ALA B 146 -34.96 11.73 19.73
CA ALA B 146 -35.93 11.30 18.72
C ALA B 146 -36.04 12.32 17.58
N ALA B 147 -35.96 13.61 17.91
CA ALA B 147 -35.99 14.64 16.88
C ALA B 147 -34.76 14.54 15.98
N ALA B 148 -33.59 14.36 16.58
CA ALA B 148 -32.36 14.22 15.79
C ALA B 148 -32.46 13.08 14.80
N GLN B 149 -33.02 11.94 15.22
CA GLN B 149 -33.17 10.82 14.29
C GLN B 149 -34.08 11.19 13.12
N ALA B 150 -35.15 11.95 13.38
CA ALA B 150 -36.04 12.36 12.31
C ALA B 150 -35.34 13.28 11.33
N GLY B 151 -34.54 14.22 11.83
CA GLY B 151 -33.80 15.11 10.96
C GLY B 151 -32.80 14.36 10.09
N ILE B 152 -32.10 13.39 10.68
CA ILE B 152 -31.20 12.52 9.92
C ILE B 152 -31.97 11.77 8.85
N ASP B 153 -33.09 11.15 9.24
CA ASP B 153 -33.92 10.43 8.27
C ASP B 153 -34.32 11.34 7.12
N GLY B 154 -34.61 12.61 7.43
CA GLY B 154 -35.06 13.52 6.39
C GLY B 154 -33.95 13.84 5.40
N VAL B 155 -32.77 14.20 5.90
CA VAL B 155 -31.67 14.51 4.99
C VAL B 155 -31.37 13.30 4.10
N ARG B 156 -31.32 12.12 4.70
CA ARG B 156 -30.83 10.94 3.98
C ARG B 156 -31.79 10.47 2.90
N LYS B 157 -33.02 10.96 2.88
CA LYS B 157 -33.91 10.62 1.77
CA LYS B 157 -33.92 10.63 1.78
C LYS B 157 -33.38 11.17 0.46
N TYR B 158 -32.64 12.28 0.50
CA TYR B 158 -32.17 12.95 -0.72
C TYR B 158 -30.66 13.18 -0.77
N ASP B 159 -29.95 13.15 0.34
CA ASP B 159 -28.50 13.29 0.35
C ASP B 159 -27.95 12.13 1.18
N LYS B 160 -27.40 11.13 0.51
CA LYS B 160 -26.91 9.93 1.18
C LYS B 160 -25.41 9.96 1.44
N LYS B 161 -24.73 11.07 1.19
CA LYS B 161 -23.28 11.12 1.32
CA LYS B 161 -23.28 11.12 1.33
C LYS B 161 -22.78 12.13 2.34
N ARG B 162 -23.34 13.34 2.36
CA ARG B 162 -22.71 14.42 3.10
C ARG B 162 -22.73 14.21 4.61
N PRO B 163 -21.74 14.76 5.32
CA PRO B 163 -21.73 14.65 6.78
C PRO B 163 -22.92 15.35 7.40
N LEU B 164 -23.43 14.78 8.48
CA LEU B 164 -24.47 15.36 9.30
C LEU B 164 -23.85 15.77 10.63
N LEU B 165 -23.90 17.07 10.92
CA LEU B 165 -23.38 17.59 12.18
C LEU B 165 -24.49 17.52 13.22
N ILE B 166 -24.31 16.67 14.24
CA ILE B 166 -25.33 16.40 15.24
C ILE B 166 -24.93 17.09 16.54
N GLU B 167 -25.74 18.04 16.95
CA GLU B 167 -25.52 18.75 18.21
C GLU B 167 -26.21 17.99 19.35
N GLY B 168 -25.89 18.39 20.57
CA GLY B 168 -26.40 17.73 21.76
C GLY B 168 -27.29 18.62 22.59
N ALA B 169 -27.85 18.01 23.64
CA ALA B 169 -28.70 18.71 24.59
C ALA B 169 -27.89 19.75 25.36
N SER B 170 -28.61 20.59 26.11
CA SER B 170 -28.01 21.61 26.97
C SER B 170 -27.15 22.59 26.17
N TRP B 171 -27.76 23.17 25.13
CA TRP B 171 -27.09 24.11 24.23
C TRP B 171 -25.85 23.50 23.60
N SER B 172 -25.86 22.18 23.39
CA SER B 172 -24.74 21.43 22.83
C SER B 172 -23.44 21.71 23.58
N SER B 173 -23.56 21.90 24.90
CA SER B 173 -22.40 22.21 25.74
C SER B 173 -21.32 21.14 25.60
N ALA B 174 -20.11 21.57 25.20
CA ALA B 174 -18.98 20.65 25.22
C ALA B 174 -18.61 20.25 26.65
N ALA B 175 -18.69 21.20 27.58
CA ALA B 175 -18.26 20.95 28.95
C ALA B 175 -19.17 19.94 29.65
N ARG B 176 -20.47 19.98 29.36
CA ARG B 176 -21.42 19.06 29.96
C ARG B 176 -21.72 17.86 29.06
N TRP B 177 -21.02 17.72 27.94
CA TRP B 177 -21.37 16.74 26.91
C TRP B 177 -21.62 15.33 27.44
N PRO B 178 -20.72 14.70 28.20
CA PRO B 178 -20.95 13.30 28.61
C PRO B 178 -22.16 13.12 29.53
N ARG B 179 -22.70 14.19 30.10
CA ARG B 179 -23.88 14.01 30.95
C ARG B 179 -25.11 13.64 30.13
N TYR B 180 -25.15 14.07 28.87
CA TYR B 180 -26.32 13.88 28.02
C TYR B 180 -26.07 13.01 26.80
N ALA B 181 -24.83 12.88 26.36
CA ALA B 181 -24.56 12.41 24.99
C ALA B 181 -24.79 10.92 24.78
N ASP B 182 -24.84 10.11 25.84
CA ASP B 182 -24.95 8.67 25.62
C ASP B 182 -26.22 8.30 24.85
N GLU B 183 -27.27 9.12 24.96
CA GLU B 183 -28.48 8.85 24.19
CA GLU B 183 -28.48 8.83 24.19
C GLU B 183 -28.27 8.97 22.69
N LEU B 184 -27.25 9.72 22.26
CA LEU B 184 -26.98 9.89 20.84
C LEU B 184 -26.26 8.70 20.23
N LEU B 185 -25.79 7.76 21.07
CA LEU B 185 -25.13 6.56 20.56
C LEU B 185 -26.09 5.64 19.81
N LYS B 186 -27.39 5.83 19.98
CA LYS B 186 -28.39 5.01 19.31
CA LYS B 186 -28.37 5.00 19.30
C LYS B 186 -28.86 5.60 17.99
N LEU B 187 -28.40 6.79 17.61
CA LEU B 187 -28.78 7.40 16.35
C LEU B 187 -28.33 6.52 15.19
N LYS B 188 -29.21 6.37 14.20
CA LYS B 188 -29.01 5.45 13.08
C LYS B 188 -28.83 6.24 11.80
N ASP B 189 -27.66 6.13 11.19
CA ASP B 189 -27.38 6.76 9.89
C ASP B 189 -26.95 5.66 8.91
N PRO B 190 -27.73 5.37 7.87
CA PRO B 190 -27.32 4.31 6.94
C PRO B 190 -26.00 4.59 6.24
N ALA B 191 -25.64 5.86 6.05
CA ALA B 191 -24.36 6.22 5.48
C ALA B 191 -23.23 6.29 6.50
N ASP B 192 -23.55 6.14 7.79
CA ASP B 192 -22.55 6.18 8.87
C ASP B 192 -21.62 7.38 8.69
N ASN B 193 -22.21 8.56 8.56
CA ASN B 193 -21.43 9.77 8.34
C ASN B 193 -21.96 10.90 9.20
N MET B 194 -21.96 10.67 10.52
CA MET B 194 -22.40 11.64 11.50
C MET B 194 -21.17 12.21 12.19
N VAL B 195 -21.20 13.50 12.48
CA VAL B 195 -20.15 14.19 13.23
C VAL B 195 -20.81 14.97 14.35
N PHE B 196 -20.36 14.77 15.58
CA PHE B 196 -20.99 15.47 16.69
C PHE B 196 -20.37 16.85 16.81
N SER B 197 -21.19 17.85 17.13
CA SER B 197 -20.74 19.24 17.11
C SER B 197 -21.15 19.92 18.41
N ALA B 198 -20.17 20.28 19.23
CA ALA B 198 -20.40 20.92 20.52
C ALA B 198 -20.02 22.40 20.47
N HIS B 199 -20.49 23.15 21.47
CA HIS B 199 -20.30 24.60 21.55
C HIS B 199 -19.60 24.95 22.85
N VAL B 200 -18.78 26.01 22.82
CA VAL B 200 -18.03 26.38 24.01
C VAL B 200 -17.75 27.87 23.98
N PHE B 201 -18.01 28.53 25.10
CA PHE B 201 -17.54 29.88 25.37
C PHE B 201 -16.77 29.85 26.69
N ILE B 202 -15.94 30.86 26.92
CA ILE B 202 -15.05 30.79 28.06
C ILE B 202 -15.30 31.92 29.07
N ASP B 203 -16.46 32.56 29.01
CA ASP B 203 -16.90 33.36 30.14
C ASP B 203 -17.41 32.42 31.23
N GLU B 204 -17.79 32.98 32.39
CA GLU B 204 -18.01 32.15 33.56
C GLU B 204 -19.15 31.15 33.36
N ASP B 205 -20.27 31.60 32.80
CA ASP B 205 -21.44 30.74 32.64
C ASP B 205 -21.51 30.07 31.27
N ALA B 206 -20.48 30.24 30.44
CA ALA B 206 -20.39 29.62 29.11
C ALA B 206 -21.53 30.06 28.18
N SER B 207 -22.23 31.14 28.52
CA SER B 207 -23.29 31.65 27.65
C SER B 207 -22.75 32.44 26.46
N GLY B 208 -21.49 32.87 26.52
CA GLY B 208 -20.96 33.76 25.52
C GLY B 208 -21.39 35.20 25.67
N SER B 209 -22.04 35.55 26.78
CA SER B 209 -22.44 36.93 27.02
C SER B 209 -21.23 37.82 27.29
N TYR B 210 -20.22 37.27 27.97
CA TYR B 210 -19.03 38.01 28.39
C TYR B 210 -19.41 39.32 29.08
N LYS B 211 -20.30 39.21 30.06
CA LYS B 211 -20.80 40.39 30.75
C LYS B 211 -19.70 41.14 31.48
N LYS B 212 -18.66 40.43 31.90
CA LYS B 212 -17.52 41.05 32.55
CA LYS B 212 -17.53 41.02 32.56
C LYS B 212 -16.24 40.47 31.97
N GLY B 213 -15.11 41.02 32.42
CA GLY B 213 -13.83 40.59 31.95
C GLY B 213 -13.44 39.24 32.52
N PRO B 214 -12.25 38.77 32.16
CA PRO B 214 -11.83 37.43 32.59
C PRO B 214 -11.67 37.29 34.09
N GLY B 215 -11.43 38.38 34.82
CA GLY B 215 -11.33 38.31 36.26
C GLY B 215 -9.97 37.86 36.74
N LYS B 216 -9.77 37.99 38.06
CA LYS B 216 -8.46 37.75 38.64
C LYS B 216 -8.11 36.26 38.68
N ASP B 217 -9.12 35.38 38.73
CA ASP B 217 -8.87 33.94 38.80
C ASP B 217 -8.98 33.27 37.44
N PHE B 218 -8.81 34.01 36.35
CA PHE B 218 -8.90 33.45 35.01
C PHE B 218 -7.86 32.36 34.81
N GLU B 219 -8.24 31.31 34.09
CA GLU B 219 -7.35 30.19 33.80
CA GLU B 219 -7.34 30.21 33.80
C GLU B 219 -7.14 30.09 32.29
N PRO B 220 -5.91 30.18 31.79
CA PRO B 220 -5.70 30.16 30.33
C PRO B 220 -6.17 28.89 29.65
N MET B 221 -6.17 27.76 30.34
CA MET B 221 -6.57 26.50 29.73
CA MET B 221 -6.57 26.50 29.73
C MET B 221 -8.07 26.22 29.84
N ILE B 222 -8.88 27.23 30.19
CA ILE B 222 -10.30 26.98 30.43
C ILE B 222 -10.99 26.48 29.18
N GLY B 223 -10.58 26.98 28.00
CA GLY B 223 -11.13 26.48 26.76
C GLY B 223 -10.82 25.01 26.55
N VAL B 224 -9.54 24.64 26.70
CA VAL B 224 -9.16 23.24 26.59
C VAL B 224 -9.94 22.40 27.60
N LYS B 225 -10.02 22.89 28.84
CA LYS B 225 -10.68 22.13 29.90
C LYS B 225 -12.17 21.97 29.65
N ARG B 226 -12.80 22.92 28.96
CA ARG B 226 -14.22 22.80 28.70
C ARG B 226 -14.51 21.92 27.48
N VAL B 227 -13.55 21.69 26.60
CA VAL B 227 -13.79 20.78 25.48
C VAL B 227 -13.24 19.37 25.72
N GLU B 228 -12.36 19.19 26.70
CA GLU B 228 -11.89 17.85 27.02
C GLU B 228 -13.01 16.84 27.29
N PRO B 229 -14.06 17.16 28.04
CA PRO B 229 -15.12 16.15 28.25
C PRO B 229 -15.75 15.67 26.94
N PHE B 230 -15.97 16.59 26.01
CA PHE B 230 -16.49 16.26 24.69
C PHE B 230 -15.51 15.41 23.91
N VAL B 231 -14.26 15.87 23.77
CA VAL B 231 -13.30 15.14 22.95
C VAL B 231 -13.00 13.77 23.56
N ASN B 232 -12.94 13.69 24.90
CA ASN B 232 -12.67 12.39 25.51
C ASN B 232 -13.83 11.42 25.33
N TRP B 233 -15.06 11.92 25.34
CA TRP B 233 -16.21 11.09 25.02
C TRP B 233 -16.14 10.58 23.58
N LEU B 234 -15.73 11.44 22.65
CA LEU B 234 -15.57 11.01 21.26
C LEU B 234 -14.50 9.93 21.13
N LYS B 235 -13.38 10.10 21.82
CA LYS B 235 -12.32 9.10 21.80
C LYS B 235 -12.83 7.78 22.36
N GLU B 236 -13.57 7.84 23.47
CA GLU B 236 -14.01 6.62 24.15
C GLU B 236 -14.94 5.80 23.27
N HIS B 237 -15.79 6.47 22.49
CA HIS B 237 -16.82 5.80 21.71
C HIS B 237 -16.48 5.73 20.22
N GLY B 238 -15.28 6.15 19.84
CA GLY B 238 -14.87 6.06 18.44
C GLY B 238 -15.69 6.92 17.51
N LYS B 239 -16.05 8.11 17.95
CA LYS B 239 -16.87 9.02 17.16
C LYS B 239 -16.03 10.20 16.69
N LYS B 240 -16.60 11.00 15.80
CA LYS B 240 -15.96 12.18 15.23
C LYS B 240 -16.62 13.46 15.75
N GLY B 241 -15.82 14.54 15.84
CA GLY B 241 -16.25 15.73 16.51
C GLY B 241 -15.92 17.02 15.76
N HIS B 242 -16.42 18.12 16.32
CA HIS B 242 -16.53 19.41 15.66
C HIS B 242 -16.93 20.43 16.72
N ILE B 243 -16.43 21.65 16.61
CA ILE B 243 -16.82 22.73 17.51
C ILE B 243 -17.53 23.77 16.64
N GLY B 244 -18.86 23.81 16.71
CA GLY B 244 -19.62 24.68 15.82
C GLY B 244 -19.74 26.12 16.25
N GLU B 245 -19.39 26.44 17.50
CA GLU B 245 -19.57 27.80 18.00
C GLU B 245 -18.57 28.05 19.12
N PHE B 246 -17.74 29.08 18.96
CA PHE B 246 -16.83 29.58 19.98
C PHE B 246 -16.44 31.00 19.58
N GLY B 247 -16.41 31.91 20.55
CA GLY B 247 -15.95 33.26 20.27
C GLY B 247 -15.50 33.96 21.53
N ILE B 248 -14.77 35.05 21.33
CA ILE B 248 -14.26 35.87 22.44
C ILE B 248 -14.32 37.33 22.05
N PRO B 249 -14.34 38.22 23.04
CA PRO B 249 -14.16 39.65 22.74
C PRO B 249 -12.72 39.93 22.32
N ASN B 250 -12.53 41.14 21.78
CA ASN B 250 -11.23 41.57 21.28
C ASN B 250 -10.51 42.52 22.24
N ASP B 251 -11.02 42.70 23.46
CA ASP B 251 -10.49 43.73 24.34
CA ASP B 251 -10.52 43.73 24.37
C ASP B 251 -9.37 43.24 25.26
N ASP B 252 -9.32 41.95 25.57
CA ASP B 252 -8.34 41.45 26.53
C ASP B 252 -7.46 40.38 25.90
N GLU B 253 -6.15 40.58 25.99
CA GLU B 253 -5.21 39.62 25.42
CA GLU B 253 -5.20 39.63 25.43
C GLU B 253 -5.23 38.28 26.13
N ARG B 254 -5.78 38.21 27.36
CA ARG B 254 -5.89 36.94 28.04
CA ARG B 254 -5.87 36.93 28.05
C ARG B 254 -6.87 36.01 27.34
N TRP B 255 -7.95 36.55 26.79
CA TRP B 255 -8.86 35.72 26.01
C TRP B 255 -8.16 35.11 24.82
N LEU B 256 -7.37 35.92 24.10
CA LEU B 256 -6.64 35.44 22.93
C LEU B 256 -5.69 34.31 23.29
N ASP B 257 -5.04 34.39 24.44
CA ASP B 257 -4.16 33.31 24.88
C ASP B 257 -4.96 32.02 25.07
N ALA B 258 -6.12 32.14 25.74
CA ALA B 258 -6.98 30.97 25.91
C ALA B 258 -7.44 30.42 24.56
N MET B 259 -7.76 31.32 23.62
CA MET B 259 -8.17 30.89 22.28
C MET B 259 -7.05 30.12 21.58
N ASP B 260 -5.82 30.61 21.69
CA ASP B 260 -4.69 29.93 21.06
C ASP B 260 -4.50 28.55 21.65
N LYS B 261 -4.56 28.44 22.98
CA LYS B 261 -4.42 27.14 23.63
C LYS B 261 -5.51 26.18 23.16
N LEU B 262 -6.75 26.67 23.01
CA LEU B 262 -7.83 25.82 22.53
C LEU B 262 -7.58 25.36 21.09
N LEU B 263 -7.18 26.30 20.22
CA LEU B 263 -6.93 25.92 18.84
C LEU B 263 -5.80 24.90 18.71
N ALA B 264 -4.79 24.98 19.59
CA ALA B 264 -3.72 23.99 19.54
C ALA B 264 -4.25 22.61 19.91
N TYR B 265 -5.07 22.54 20.96
CA TYR B 265 -5.64 21.27 21.38
C TYR B 265 -6.60 20.72 20.32
N LEU B 266 -7.39 21.58 19.69
CA LEU B 266 -8.25 21.10 18.61
C LEU B 266 -7.41 20.63 17.44
N ASN B 267 -6.29 21.30 17.15
CA ASN B 267 -5.43 20.88 16.05
C ASN B 267 -4.84 19.49 16.32
N GLU B 268 -4.37 19.23 17.54
CA GLU B 268 -3.81 17.92 17.84
CA GLU B 268 -3.82 17.92 17.87
CA GLU B 268 -3.81 17.92 17.85
C GLU B 268 -4.81 16.80 17.62
N ASN B 269 -6.10 17.09 17.81
CA ASN B 269 -7.15 16.08 17.69
C ASN B 269 -7.95 16.21 16.41
N CYS B 270 -7.53 17.07 15.48
CA CYS B 270 -8.19 17.21 14.19
C CYS B 270 -9.68 17.56 14.35
N ILE B 271 -9.99 18.42 15.32
CA ILE B 271 -11.36 18.87 15.57
C ILE B 271 -11.54 20.23 14.91
N PRO B 272 -12.36 20.35 13.86
CA PRO B 272 -12.60 21.67 13.26
C PRO B 272 -13.36 22.60 14.20
N ILE B 273 -13.20 23.90 13.96
CA ILE B 273 -13.89 24.94 14.70
C ILE B 273 -14.59 25.88 13.73
N ASN B 274 -15.73 26.42 14.14
CA ASN B 274 -16.41 27.52 13.46
C ASN B 274 -16.49 28.69 14.43
N TYR B 275 -15.72 29.74 14.17
CA TYR B 275 -15.70 30.88 15.08
C TYR B 275 -17.04 31.62 15.05
N TRP B 276 -17.51 32.03 16.24
CA TRP B 276 -18.73 32.81 16.37
C TRP B 276 -18.35 34.24 16.75
N ALA B 277 -18.57 35.21 15.84
CA ALA B 277 -19.12 35.02 14.49
C ALA B 277 -18.69 36.16 13.59
N ALA B 278 -18.72 35.91 12.29
CA ALA B 278 -18.68 36.97 11.29
C ALA B 278 -20.10 37.22 10.79
N GLY B 279 -20.26 38.20 9.93
CA GLY B 279 -21.55 38.48 9.36
C GLY B 279 -21.74 39.93 8.96
N PRO B 280 -22.64 40.17 8.01
CA PRO B 280 -22.74 41.51 7.40
C PRO B 280 -23.39 42.58 8.27
N SER B 281 -24.14 42.23 9.31
CA SER B 281 -24.88 43.26 10.07
C SER B 281 -24.77 43.02 11.57
N TRP B 282 -23.55 42.84 12.06
CA TRP B 282 -23.34 42.64 13.48
C TRP B 282 -23.23 43.95 14.25
N GLY B 283 -22.88 45.06 13.60
CA GLY B 283 -22.73 46.30 14.33
C GLY B 283 -21.60 46.21 15.33
N ASN B 284 -21.86 46.65 16.56
CA ASN B 284 -20.86 46.69 17.62
CA ASN B 284 -20.86 46.69 17.62
C ASN B 284 -20.79 45.39 18.42
N TYR B 285 -21.29 44.29 17.87
CA TYR B 285 -21.29 43.01 18.57
C TYR B 285 -19.89 42.66 19.06
N LYS B 286 -19.81 42.33 20.35
CA LYS B 286 -18.51 42.20 21.01
C LYS B 286 -17.70 41.02 20.47
N LEU B 287 -18.35 39.98 19.97
CA LEU B 287 -17.62 38.82 19.46
C LEU B 287 -17.36 38.89 17.96
N SER B 288 -17.80 39.93 17.28
CA SER B 288 -17.70 39.99 15.83
C SER B 288 -16.25 39.98 15.36
N ILE B 289 -15.99 39.19 14.31
CA ILE B 289 -14.74 39.28 13.58
C ILE B 289 -14.94 39.88 12.19
N GLU B 290 -16.13 40.38 11.90
CA GLU B 290 -16.35 41.10 10.66
C GLU B 290 -15.51 42.38 10.67
N PRO B 291 -14.81 42.69 9.59
CA PRO B 291 -14.06 43.95 9.54
C PRO B 291 -14.96 45.14 9.85
N LYS B 292 -14.42 46.08 10.60
CA LYS B 292 -15.18 47.27 11.01
CA LYS B 292 -15.18 47.27 11.02
C LYS B 292 -14.20 48.41 11.24
N ASP B 293 -14.52 49.58 10.70
CA ASP B 293 -13.62 50.71 10.82
C ASP B 293 -13.35 51.04 12.28
N GLY B 294 -12.07 51.13 12.63
CA GLY B 294 -11.66 51.42 13.98
C GLY B 294 -11.66 50.24 14.92
N GLU B 295 -12.01 49.04 14.46
CA GLU B 295 -12.05 47.87 15.31
C GLU B 295 -11.00 46.87 14.84
N LYS B 296 -10.21 46.37 15.77
CA LYS B 296 -9.20 45.35 15.49
CA LYS B 296 -9.21 45.34 15.49
C LYS B 296 -9.79 43.97 15.79
N ARG B 297 -9.44 42.99 14.96
CA ARG B 297 -9.93 41.62 15.08
C ARG B 297 -8.76 40.66 15.27
N PRO B 298 -8.13 40.68 16.45
CA PRO B 298 -6.99 39.75 16.68
C PRO B 298 -7.39 38.29 16.66
N GLN B 299 -8.66 37.97 16.82
CA GLN B 299 -9.09 36.58 16.71
C GLN B 299 -8.82 36.03 15.32
N VAL B 300 -8.86 36.90 14.31
CA VAL B 300 -8.66 36.45 12.95
C VAL B 300 -7.20 36.04 12.73
N ALA B 301 -6.26 36.80 13.30
CA ALA B 301 -4.86 36.41 13.22
C ALA B 301 -4.65 35.00 13.81
N LEU B 302 -5.32 34.70 14.92
CA LEU B 302 -5.21 33.36 15.50
C LEU B 302 -5.80 32.30 14.58
N LEU B 303 -6.96 32.57 13.97
CA LEU B 303 -7.54 31.61 13.05
C LEU B 303 -6.64 31.38 11.84
N LYS B 304 -6.02 32.44 11.32
CA LYS B 304 -5.12 32.27 10.19
C LYS B 304 -3.88 31.50 10.60
N LYS B 305 -3.40 31.75 11.82
CA LYS B 305 -2.22 31.03 12.31
C LYS B 305 -2.47 29.54 12.31
N TYR B 306 -3.65 29.12 12.77
CA TYR B 306 -3.95 27.70 12.86
C TYR B 306 -4.48 27.12 11.56
N ALA B 307 -5.01 27.93 10.66
CA ALA B 307 -5.32 27.43 9.32
C ALA B 307 -4.05 26.99 8.61
N ALA B 308 -2.94 27.69 8.83
CA ALA B 308 -1.67 27.31 8.22
C ALA B 308 -1.08 26.07 8.86
N LYS B 309 -1.60 25.63 10.01
CA LYS B 309 -1.14 24.43 10.69
C LYS B 309 -2.04 23.24 10.44
N ASP B 310 -3.09 23.41 9.63
CA ASP B 310 -4.10 22.38 9.39
C ASP B 310 -3.56 21.36 8.42
N ASN B 311 -3.10 20.22 8.93
CA ASN B 311 -2.72 19.09 8.08
C ASN B 311 -3.58 17.87 8.36
N CYS B 312 -4.85 18.08 8.69
CA CYS B 312 -5.81 17.01 8.91
C CYS B 312 -6.60 16.75 7.64
N SER B 313 -6.72 15.49 7.27
CA SER B 313 -7.51 15.12 6.11
C SER B 313 -8.96 14.83 6.46
N ASP B 314 -9.25 14.47 7.71
CA ASP B 314 -10.60 14.04 8.09
C ASP B 314 -10.86 14.49 9.52
N PHE B 315 -12.13 14.46 9.90
CA PHE B 315 -12.52 14.78 11.28
C PHE B 315 -11.83 13.85 12.26
N GLY B 316 -11.23 14.41 13.31
CA GLY B 316 -10.81 13.64 14.45
C GLY B 316 -11.94 13.46 15.46
N PRO B 317 -11.63 12.96 16.67
CA PRO B 317 -10.30 12.55 17.14
C PRO B 317 -9.98 11.11 16.79
N ALA B 318 -8.75 10.69 17.06
CA ALA B 318 -8.40 9.28 16.95
C ALA B 318 -9.09 8.50 18.06
N LYS B 319 -9.62 7.32 17.71
CA LYS B 319 -10.29 6.48 18.69
C LYS B 319 -9.31 6.05 19.77
N ALA B 320 -9.81 5.93 21.00
CA ALA B 320 -9.04 5.36 22.09
C ALA B 320 -9.16 3.84 22.05
N GLU B 321 -8.06 3.17 22.37
CA GLU B 321 -8.07 1.71 22.48
C GLU B 321 -7.82 1.30 23.92
N SER C 1 9.38 -24.68 19.11
CA SER C 1 8.24 -25.46 18.68
C SER C 1 7.14 -24.56 18.13
N VAL C 2 6.90 -24.65 16.82
CA VAL C 2 6.00 -23.76 16.12
C VAL C 2 4.71 -24.52 15.83
N ASP C 3 3.68 -24.27 16.63
CA ASP C 3 2.35 -24.79 16.32
C ASP C 3 1.69 -23.84 15.33
N LEU C 4 1.13 -24.40 14.25
CA LEU C 4 0.38 -23.55 13.33
C LEU C 4 -0.91 -23.04 13.95
N ILE C 5 -1.51 -23.80 14.86
CA ILE C 5 -2.81 -23.48 15.42
C ILE C 5 -2.66 -23.12 16.88
N GLY C 6 -3.07 -21.91 17.23
CA GLY C 6 -3.05 -21.43 18.60
C GLY C 6 -4.22 -20.51 18.85
N ILE C 7 -4.33 -20.05 20.09
CA ILE C 7 -5.43 -19.19 20.51
C ILE C 7 -4.90 -18.05 21.38
N ASN C 8 -5.61 -16.93 21.32
CA ASN C 8 -5.48 -15.89 22.33
C ASN C 8 -6.31 -16.27 23.54
N VAL C 9 -5.75 -16.04 24.72
CA VAL C 9 -6.49 -16.18 25.98
C VAL C 9 -6.49 -14.80 26.60
N ALA C 10 -7.58 -14.07 26.41
CA ALA C 10 -7.67 -12.67 26.76
C ALA C 10 -8.44 -12.48 28.06
N GLY C 11 -8.17 -11.35 28.72
CA GLY C 11 -8.83 -11.05 29.97
C GLY C 11 -7.98 -10.24 30.93
N ALA C 12 -6.67 -10.46 30.89
CA ALA C 12 -5.79 -9.74 31.82
C ALA C 12 -5.65 -8.26 31.45
N GLU C 13 -6.03 -7.90 30.23
CA GLU C 13 -5.95 -6.53 29.72
C GLU C 13 -7.31 -5.82 29.73
N PHE C 14 -8.34 -6.46 30.28
CA PHE C 14 -9.69 -5.93 30.20
C PHE C 14 -9.84 -4.68 31.06
N THR C 15 -10.86 -3.89 30.72
CA THR C 15 -11.29 -2.72 31.49
C THR C 15 -10.12 -1.77 31.76
N GLY C 16 -9.51 -1.30 30.66
CA GLY C 16 -8.29 -0.52 30.76
C GLY C 16 -8.45 0.79 31.51
N GLY C 17 -9.67 1.24 31.72
CA GLY C 17 -9.89 2.45 32.49
C GLY C 17 -9.76 2.29 33.98
N LYS C 18 -9.69 1.06 34.47
CA LYS C 18 -9.58 0.77 35.90
CA LYS C 18 -9.58 0.77 35.90
C LYS C 18 -8.14 0.33 36.17
N LEU C 19 -7.33 1.25 36.68
CA LEU C 19 -5.93 0.98 36.99
C LEU C 19 -5.67 1.33 38.45
N PRO C 20 -5.09 0.41 39.24
CA PRO C 20 -4.65 -0.93 38.86
C PRO C 20 -5.80 -1.89 38.56
N GLY C 21 -6.98 -1.59 39.09
CA GLY C 21 -8.10 -2.49 38.97
C GLY C 21 -7.97 -3.66 39.92
N LYS C 22 -9.05 -4.43 40.04
CA LYS C 22 -9.11 -5.57 40.93
CA LYS C 22 -9.12 -5.56 40.94
C LYS C 22 -9.29 -6.84 40.13
N HIS C 23 -8.41 -7.82 40.37
CA HIS C 23 -8.54 -9.11 39.71
C HIS C 23 -9.85 -9.78 40.11
N GLY C 24 -10.56 -10.33 39.13
CA GLY C 24 -11.88 -10.88 39.35
C GLY C 24 -13.02 -9.90 39.20
N THR C 25 -12.73 -8.60 39.13
CA THR C 25 -13.74 -7.57 38.95
C THR C 25 -13.55 -6.80 37.65
N HIS C 26 -12.35 -6.32 37.38
CA HIS C 26 -12.07 -5.58 36.16
C HIS C 26 -11.24 -6.33 35.15
N TYR C 27 -10.37 -7.24 35.58
CA TYR C 27 -9.58 -8.05 34.66
C TYR C 27 -9.51 -9.46 35.21
N PHE C 28 -9.13 -10.42 34.37
CA PHE C 28 -9.35 -11.83 34.68
C PHE C 28 -8.22 -12.69 34.13
N PHE C 29 -7.53 -13.42 35.02
CA PHE C 29 -6.59 -14.44 34.59
C PHE C 29 -7.26 -15.80 34.54
N PRO C 30 -6.68 -16.78 33.85
CA PRO C 30 -7.29 -18.11 33.79
C PRO C 30 -7.36 -18.74 35.16
N PRO C 31 -8.52 -19.19 35.58
CA PRO C 31 -8.62 -19.92 36.86
C PRO C 31 -7.96 -21.28 36.76
N GLU C 32 -7.74 -21.90 37.92
CA GLU C 32 -7.22 -23.25 37.94
C GLU C 32 -8.15 -24.17 37.17
N GLY C 33 -7.57 -25.07 36.39
CA GLY C 33 -8.35 -25.94 35.55
C GLY C 33 -8.69 -25.37 34.19
N TYR C 34 -8.27 -24.14 33.91
CA TYR C 34 -8.63 -23.50 32.64
C TYR C 34 -7.90 -24.13 31.47
N PHE C 35 -6.57 -24.28 31.56
CA PHE C 35 -5.80 -24.72 30.41
C PHE C 35 -6.03 -26.18 30.08
N GLU C 36 -6.50 -26.99 31.03
CA GLU C 36 -6.77 -28.40 30.78
C GLU C 36 -7.68 -28.59 29.58
N TYR C 37 -8.76 -27.80 29.52
CA TYR C 37 -9.71 -27.93 28.43
C TYR C 37 -9.04 -27.72 27.08
N TRP C 38 -8.25 -26.65 26.97
CA TRP C 38 -7.65 -26.34 25.67
C TRP C 38 -6.57 -27.34 25.30
N SER C 39 -5.82 -27.85 26.28
CA SER C 39 -4.86 -28.90 25.99
C SER C 39 -5.58 -30.13 25.47
N GLU C 40 -6.71 -30.49 26.09
CA GLU C 40 -7.47 -31.66 25.65
CA GLU C 40 -7.47 -31.66 25.65
CA GLU C 40 -7.47 -31.66 25.65
C GLU C 40 -7.96 -31.49 24.21
N GLN C 41 -8.29 -30.26 23.82
CA GLN C 41 -8.67 -29.96 22.44
C GLN C 41 -7.50 -29.96 21.48
N GLY C 42 -6.29 -30.26 21.96
CA GLY C 42 -5.12 -30.30 21.11
C GLY C 42 -4.54 -28.94 20.77
N ILE C 43 -4.82 -27.91 21.56
CA ILE C 43 -4.27 -26.58 21.36
C ILE C 43 -3.10 -26.42 22.31
N HIS C 44 -1.92 -26.10 21.76
CA HIS C 44 -0.70 -26.09 22.55
C HIS C 44 0.07 -24.78 22.54
N THR C 45 -0.47 -23.74 21.90
CA THR C 45 0.13 -22.41 21.92
C THR C 45 -0.94 -21.39 22.27
N VAL C 46 -0.60 -20.49 23.19
CA VAL C 46 -1.53 -19.48 23.68
C VAL C 46 -0.84 -18.12 23.65
N ARG C 47 -1.49 -17.13 23.02
CA ARG C 47 -1.05 -15.74 23.11
C ARG C 47 -1.80 -15.07 24.26
N PHE C 48 -1.06 -14.39 25.13
CA PHE C 48 -1.63 -13.91 26.39
C PHE C 48 -1.46 -12.40 26.55
N PRO C 49 -2.51 -11.61 26.30
CA PRO C 49 -2.42 -10.16 26.48
C PRO C 49 -2.17 -9.77 27.93
N LEU C 50 -1.29 -8.77 28.11
CA LEU C 50 -1.06 -8.10 29.38
C LEU C 50 -1.15 -6.59 29.20
N LYS C 51 -1.54 -5.89 30.26
CA LYS C 51 -1.63 -4.43 30.23
C LYS C 51 -0.37 -3.83 30.86
N TRP C 52 0.33 -2.98 30.09
CA TRP C 52 1.56 -2.37 30.57
C TRP C 52 1.34 -1.63 31.90
N GLU C 53 0.28 -0.83 31.97
CA GLU C 53 0.05 0.01 33.14
C GLU C 53 -0.18 -0.82 34.40
N ARG C 54 -0.69 -2.04 34.26
CA ARG C 54 -0.82 -2.91 35.44
C ARG C 54 0.50 -3.59 35.78
N LEU C 55 1.25 -3.99 34.75
CA LEU C 55 2.59 -4.53 34.97
C LEU C 55 3.50 -3.51 35.62
N GLN C 56 3.37 -2.24 35.22
CA GLN C 56 4.34 -1.21 35.61
C GLN C 56 3.57 0.09 35.86
N PRO C 57 3.05 0.27 37.08
CA PRO C 57 2.27 1.48 37.37
C PRO C 57 3.06 2.77 37.26
N SER C 58 4.38 2.70 37.27
CA SER C 58 5.23 3.86 37.07
CA SER C 58 5.23 3.86 37.07
C SER C 58 6.36 3.47 36.12
N LEU C 59 6.66 4.34 35.16
CA LEU C 59 7.72 4.05 34.21
C LEU C 59 9.06 3.87 34.92
N ASN C 60 9.88 2.99 34.37
CA ASN C 60 11.25 2.73 34.84
C ASN C 60 11.33 2.16 36.25
N ALA C 61 10.23 1.61 36.77
CA ALA C 61 10.23 1.07 38.12
C ALA C 61 9.80 -0.39 38.10
N GLU C 62 9.92 -1.03 39.27
CA GLU C 62 9.72 -2.46 39.41
C GLU C 62 8.32 -2.87 38.99
N LEU C 63 8.19 -4.10 38.52
CA LEU C 63 6.90 -4.63 38.13
C LEU C 63 6.01 -4.79 39.36
N ASP C 64 4.71 -4.59 39.15
CA ASP C 64 3.74 -4.75 40.21
C ASP C 64 3.71 -6.19 40.68
N ASP C 65 3.96 -6.39 41.97
CA ASP C 65 4.10 -7.75 42.48
C ASP C 65 2.82 -8.55 42.32
N VAL C 66 1.66 -7.91 42.52
CA VAL C 66 0.40 -8.65 42.50
C VAL C 66 0.06 -9.09 41.08
N TYR C 67 0.09 -8.14 40.13
CA TYR C 67 -0.20 -8.48 38.74
C TYR C 67 0.85 -9.43 38.17
N ALA C 68 2.12 -9.16 38.42
CA ALA C 68 3.17 -10.05 37.90
C ALA C 68 3.06 -11.45 38.48
N SER C 69 2.66 -11.57 39.76
CA SER C 69 2.49 -12.89 40.35
CA SER C 69 2.48 -12.89 40.35
C SER C 69 1.36 -13.67 39.68
N LEU C 70 0.31 -12.97 39.24
CA LEU C 70 -0.75 -13.65 38.49
C LEU C 70 -0.20 -14.19 37.17
N VAL C 71 0.71 -13.46 36.55
CA VAL C 71 1.38 -13.97 35.35
C VAL C 71 2.22 -15.20 35.70
N ASP C 72 2.97 -15.15 36.82
CA ASP C 72 3.66 -16.34 37.30
C ASP C 72 2.71 -17.53 37.36
N ASP C 73 1.57 -17.35 38.03
CA ASP C 73 0.63 -18.46 38.24
C ASP C 73 0.12 -18.99 36.90
N MET C 74 -0.17 -18.08 35.98
CA MET C 74 -0.62 -18.46 34.65
C MET C 74 0.43 -19.28 33.90
N LEU C 75 1.70 -18.86 33.94
CA LEU C 75 2.73 -19.67 33.28
C LEU C 75 2.89 -21.03 33.96
N ASP C 76 2.81 -21.06 35.29
CA ASP C 76 2.86 -22.34 36.00
C ASP C 76 1.77 -23.28 35.53
N GLN C 77 0.54 -22.77 35.41
CA GLN C 77 -0.56 -23.63 34.94
C GLN C 77 -0.34 -24.06 33.51
N ALA C 78 0.18 -23.16 32.67
CA ALA C 78 0.45 -23.51 31.27
C ALA C 78 1.43 -24.66 31.17
N LYS C 79 2.51 -24.62 31.97
CA LYS C 79 3.49 -25.70 31.93
C LYS C 79 2.87 -27.02 32.32
N GLU C 80 1.99 -27.02 33.33
CA GLU C 80 1.37 -28.26 33.78
C GLU C 80 0.46 -28.86 32.73
N ASN C 81 0.09 -28.08 31.72
CA ASN C 81 -0.88 -28.52 30.72
C ASN C 81 -0.30 -28.48 29.30
N ASP C 82 1.02 -28.49 29.16
CA ASP C 82 1.68 -28.58 27.85
CA ASP C 82 1.67 -28.59 27.85
C ASP C 82 1.25 -27.44 26.94
N ILE C 83 1.19 -26.23 27.50
CA ILE C 83 0.85 -25.01 26.76
C ILE C 83 2.11 -24.16 26.66
N LYS C 84 2.43 -23.70 25.46
CA LYS C 84 3.47 -22.70 25.22
C LYS C 84 2.84 -21.32 25.14
N VAL C 85 3.45 -20.33 25.79
CA VAL C 85 2.82 -19.02 25.97
C VAL C 85 3.61 -17.92 25.26
N ILE C 86 2.90 -17.13 24.46
CA ILE C 86 3.40 -15.89 23.89
C ILE C 86 2.87 -14.75 24.75
N LEU C 87 3.75 -14.07 25.49
CA LEU C 87 3.30 -12.90 26.23
C LEU C 87 3.15 -11.73 25.29
N ASP C 88 2.07 -10.98 25.46
CA ASP C 88 1.69 -9.90 24.57
C ASP C 88 1.51 -8.62 25.38
N VAL C 89 2.37 -7.64 25.13
CA VAL C 89 2.21 -6.32 25.73
C VAL C 89 1.11 -5.62 24.93
N HIS C 90 -0.09 -5.55 25.49
CA HIS C 90 -1.29 -5.26 24.70
C HIS C 90 -1.64 -3.77 24.78
N ASN C 91 -0.74 -2.92 24.26
CA ASN C 91 -0.80 -1.51 24.61
C ASN C 91 -0.81 -0.51 23.47
N TYR C 92 -0.86 -0.94 22.21
CA TYR C 92 -1.06 -0.03 21.07
C TYR C 92 0.03 1.05 21.01
N ALA C 93 1.24 0.67 21.44
CA ALA C 93 2.41 1.54 21.42
C ALA C 93 2.20 2.80 22.25
N ARG C 94 1.42 2.69 23.33
CA ARG C 94 1.10 3.80 24.21
C ARG C 94 1.26 3.37 25.67
N TYR C 95 1.62 4.34 26.51
CA TYR C 95 1.57 4.18 27.96
C TYR C 95 0.74 5.33 28.52
N ARG C 96 -0.31 4.98 29.26
CA ARG C 96 -1.28 5.96 29.76
C ARG C 96 -1.65 6.96 28.67
N LYS C 97 -1.96 6.41 27.49
CA LYS C 97 -2.50 7.10 26.31
C LYS C 97 -1.49 7.97 25.58
N LYS C 98 -0.21 7.90 25.94
CA LYS C 98 0.83 8.68 25.26
C LYS C 98 1.76 7.73 24.49
N VAL C 99 2.13 8.13 23.28
CA VAL C 99 2.81 7.24 22.35
C VAL C 99 4.27 7.06 22.76
N ILE C 100 4.79 5.84 22.62
CA ILE C 100 6.20 5.59 22.89
C ILE C 100 7.06 6.38 21.91
N GLY C 101 8.00 7.15 22.44
CA GLY C 101 8.84 8.01 21.65
C GLY C 101 8.46 9.48 21.75
N THR C 102 7.27 9.78 22.26
CA THR C 102 6.94 11.13 22.66
C THR C 102 7.67 11.41 23.97
N GLU C 103 7.37 12.55 24.56
CA GLU C 103 8.20 12.93 25.69
C GLU C 103 7.76 12.30 26.98
N ASP C 104 6.45 12.12 27.13
CA ASP C 104 5.93 11.51 28.32
C ASP C 104 6.36 10.05 28.43
N VAL C 105 6.73 9.42 27.31
CA VAL C 105 7.09 8.02 27.25
C VAL C 105 8.32 7.81 26.36
N PRO C 106 9.53 8.09 26.84
CA PRO C 106 10.71 7.89 26.00
C PRO C 106 10.94 6.42 25.69
N VAL C 107 11.68 6.17 24.59
CA VAL C 107 11.90 4.78 24.19
C VAL C 107 12.65 4.02 25.28
N SER C 108 13.45 4.73 26.08
CA SER C 108 14.15 4.08 27.18
C SER C 108 13.17 3.48 28.19
N ALA C 109 12.02 4.12 28.39
CA ALA C 109 11.03 3.57 29.30
C ALA C 109 10.43 2.27 28.77
N TYR C 110 10.14 2.23 27.47
CA TYR C 110 9.68 0.99 26.86
C TYR C 110 10.75 -0.09 26.95
N GLN C 111 12.01 0.26 26.68
CA GLN C 111 13.09 -0.71 26.82
C GLN C 111 13.14 -1.26 28.23
N ASP C 112 13.00 -0.37 29.23
CA ASP C 112 13.00 -0.82 30.63
C ASP C 112 11.91 -1.84 30.90
N LEU C 113 10.70 -1.62 30.36
CA LEU C 113 9.62 -2.58 30.57
C LEU C 113 10.03 -3.96 30.04
N MET C 114 10.56 -4.00 28.83
CA MET C 114 10.88 -5.27 28.20
C MET C 114 12.04 -5.96 28.90
N GLU C 115 13.04 -5.19 29.36
CA GLU C 115 14.08 -5.77 30.21
C GLU C 115 13.47 -6.49 31.41
N ARG C 116 12.53 -5.84 32.08
CA ARG C 116 11.96 -6.41 33.30
C ARG C 116 11.10 -7.64 33.00
N ILE C 117 10.38 -7.63 31.87
CA ILE C 117 9.58 -8.80 31.49
C ILE C 117 10.49 -9.99 31.22
N ALA C 118 11.54 -9.78 30.43
CA ALA C 118 12.46 -10.87 30.13
C ALA C 118 13.20 -11.33 31.38
N LYS C 119 13.59 -10.40 32.25
CA LYS C 119 14.30 -10.80 33.46
C LYS C 119 13.42 -11.70 34.33
N ARG C 120 12.13 -11.39 34.42
CA ARG C 120 11.30 -12.16 35.33
C ARG C 120 10.92 -13.52 34.77
N TRP C 121 10.76 -13.64 33.46
CA TRP C 121 10.12 -14.83 32.91
C TRP C 121 10.98 -15.61 31.92
N GLN C 122 12.20 -15.14 31.60
CA GLN C 122 13.07 -15.91 30.70
C GLN C 122 13.31 -17.31 31.22
N GLY C 123 13.33 -17.49 32.53
CA GLY C 123 13.60 -18.80 33.09
C GLY C 123 12.45 -19.77 33.07
N HIS C 124 11.25 -19.37 32.65
CA HIS C 124 10.09 -20.21 32.85
C HIS C 124 9.88 -21.06 31.60
N ASP C 125 9.75 -22.38 31.78
CA ASP C 125 9.71 -23.29 30.65
C ASP C 125 8.49 -23.07 29.76
N ALA C 126 7.38 -22.57 30.31
CA ALA C 126 6.18 -22.38 29.50
C ALA C 126 6.22 -21.13 28.65
N LEU C 127 7.17 -20.23 28.86
CA LEU C 127 7.30 -19.08 27.99
C LEU C 127 7.90 -19.50 26.66
N PHE C 128 7.21 -19.17 25.57
CA PHE C 128 7.66 -19.50 24.22
C PHE C 128 8.22 -18.28 23.47
N ALA C 129 7.57 -17.12 23.57
CA ALA C 129 7.94 -15.98 22.73
C ALA C 129 7.38 -14.69 23.32
N TYR C 130 7.88 -13.56 22.82
CA TYR C 130 7.45 -12.25 23.25
C TYR C 130 6.81 -11.52 22.07
N ASP C 131 5.53 -11.20 22.19
CA ASP C 131 4.85 -10.27 21.28
C ASP C 131 5.03 -8.89 21.89
N ILE C 132 6.02 -8.14 21.42
CA ILE C 132 6.50 -7.02 22.22
C ILE C 132 5.53 -5.85 22.27
N MET C 133 4.57 -5.78 21.34
CA MET C 133 3.57 -4.71 21.39
C MET C 133 2.41 -5.04 20.46
N ASN C 134 1.20 -4.97 21.01
CA ASN C 134 -0.02 -5.17 20.23
C ASN C 134 -0.41 -3.90 19.49
N GLU C 135 -0.58 -4.01 18.17
CA GLU C 135 -1.27 -3.02 17.33
C GLU C 135 -0.87 -1.56 17.55
N PRO C 136 0.36 -1.17 17.23
CA PRO C 136 0.64 0.27 17.06
C PRO C 136 -0.34 0.84 16.05
N TYR C 137 -0.77 2.09 16.25
CA TYR C 137 -1.69 2.72 15.32
C TYR C 137 -1.60 4.24 15.43
N GLY C 138 -2.17 4.91 14.43
CA GLY C 138 -2.32 6.35 14.48
C GLY C 138 -0.97 7.05 14.52
N SER C 139 -0.86 8.03 15.42
CA SER C 139 0.37 8.80 15.56
C SER C 139 1.55 7.95 16.04
N ALA C 140 1.30 6.73 16.51
CA ALA C 140 2.38 5.82 16.85
C ALA C 140 3.07 5.22 15.63
N ASP C 141 2.41 5.25 14.46
CA ASP C 141 2.90 4.51 13.30
C ASP C 141 4.32 4.93 12.91
N LYS C 142 4.55 6.24 12.77
CA LYS C 142 5.87 6.69 12.30
CA LYS C 142 5.87 6.69 12.30
C LYS C 142 6.93 6.52 13.39
N LEU C 143 6.53 6.51 14.65
CA LEU C 143 7.46 6.35 15.76
C LEU C 143 7.70 4.89 16.14
N TRP C 144 6.94 3.97 15.59
CA TRP C 144 7.00 2.57 16.03
C TRP C 144 8.33 1.87 15.70
N PRO C 145 8.92 2.04 14.51
CA PRO C 145 10.21 1.35 14.26
C PRO C 145 11.29 1.67 15.27
N ALA C 146 11.38 2.92 15.70
CA ALA C 146 12.34 3.27 16.75
C ALA C 146 11.98 2.61 18.07
N ALA C 147 10.68 2.57 18.39
CA ALA C 147 10.25 1.95 19.64
C ALA C 147 10.49 0.45 19.61
N ALA C 148 10.26 -0.19 18.47
CA ALA C 148 10.45 -1.63 18.36
C ALA C 148 11.90 -2.01 18.61
N GLN C 149 12.85 -1.21 18.11
CA GLN C 149 14.26 -1.52 18.37
C GLN C 149 14.57 -1.46 19.85
N ALA C 150 13.97 -0.50 20.56
CA ALA C 150 14.21 -0.38 21.99
C ALA C 150 13.62 -1.57 22.74
N GLY C 151 12.45 -2.03 22.32
CA GLY C 151 11.87 -3.22 22.93
C GLY C 151 12.70 -4.46 22.64
N ILE C 152 13.22 -4.57 21.42
CA ILE C 152 14.10 -5.69 21.09
C ILE C 152 15.35 -5.65 21.95
N ASP C 153 15.94 -4.47 22.08
CA ASP C 153 17.13 -4.32 22.92
C ASP C 153 16.85 -4.71 24.36
N GLY C 154 15.65 -4.37 24.85
CA GLY C 154 15.30 -4.70 26.23
C GLY C 154 15.23 -6.19 26.47
N VAL C 155 14.47 -6.91 25.62
CA VAL C 155 14.33 -8.35 25.81
C VAL C 155 15.69 -9.03 25.74
N ARG C 156 16.49 -8.69 24.72
CA ARG C 156 17.74 -9.38 24.45
C ARG C 156 18.77 -9.21 25.55
N LYS C 157 18.59 -8.24 26.45
CA LYS C 157 19.49 -8.09 27.58
CA LYS C 157 19.51 -8.10 27.57
C LYS C 157 19.35 -9.24 28.57
N TYR C 158 18.17 -9.87 28.63
CA TYR C 158 18.01 -11.01 29.54
C TYR C 158 17.56 -12.29 28.86
N ASP C 159 17.07 -12.22 27.63
CA ASP C 159 16.68 -13.41 26.87
C ASP C 159 17.32 -13.29 25.49
N LYS C 160 18.39 -14.04 25.26
CA LYS C 160 19.13 -13.98 24.01
C LYS C 160 18.68 -15.01 22.99
N LYS C 161 17.60 -15.75 23.26
CA LYS C 161 17.25 -16.90 22.42
CA LYS C 161 17.26 -16.88 22.40
C LYS C 161 15.84 -16.84 21.86
N ARG C 162 14.85 -16.46 22.66
CA ARG C 162 13.46 -16.68 22.26
C ARG C 162 13.06 -15.79 21.09
N PRO C 163 12.13 -16.26 20.26
CA PRO C 163 11.65 -15.42 19.15
C PRO C 163 10.95 -14.16 19.65
N LEU C 164 11.10 -13.09 18.89
CA LEU C 164 10.45 -11.83 19.15
C LEU C 164 9.41 -11.61 18.06
N LEU C 165 8.16 -11.46 18.46
CA LEU C 165 7.08 -11.22 17.50
C LEU C 165 6.92 -9.71 17.35
N ILE C 166 7.18 -9.22 16.13
CA ILE C 166 7.23 -7.80 15.83
C ILE C 166 6.00 -7.46 14.99
N GLU C 167 5.09 -6.69 15.56
CA GLU C 167 3.91 -6.23 14.83
C GLU C 167 4.25 -4.95 14.07
N GLY C 168 3.34 -4.53 13.20
CA GLY C 168 3.52 -3.35 12.38
C GLY C 168 2.53 -2.25 12.67
N ALA C 169 2.71 -1.16 11.93
CA ALA C 169 1.84 0.01 12.05
C ALA C 169 0.41 -0.33 11.61
N SER C 170 -0.50 0.60 11.91
CA SER C 170 -1.89 0.53 11.42
C SER C 170 -2.58 -0.71 11.96
N TRP C 171 -2.56 -0.86 13.29
CA TRP C 171 -3.11 -2.03 13.97
C TRP C 171 -2.53 -3.35 13.45
N SER C 172 -1.26 -3.31 13.03
CA SER C 172 -0.57 -4.46 12.44
C SER C 172 -1.37 -5.10 11.31
N SER C 173 -2.01 -4.26 10.51
CA SER C 173 -2.88 -4.77 9.44
CA SER C 173 -2.88 -4.78 9.45
C SER C 173 -2.08 -5.60 8.46
N ALA C 174 -2.53 -6.85 8.23
CA ALA C 174 -1.91 -7.66 7.18
C ALA C 174 -2.18 -7.04 5.81
N ALA C 175 -3.39 -6.53 5.60
CA ALA C 175 -3.81 -6.05 4.29
C ALA C 175 -3.04 -4.81 3.87
N ARG C 176 -2.69 -3.96 4.84
CA ARG C 176 -1.98 -2.72 4.53
C ARG C 176 -0.50 -2.83 4.81
N TRP C 177 -0.02 -4.01 5.22
CA TRP C 177 1.37 -4.22 5.64
C TRP C 177 2.43 -3.56 4.77
N PRO C 178 2.41 -3.68 3.43
CA PRO C 178 3.54 -3.14 2.65
C PRO C 178 3.72 -1.64 2.75
N ARG C 179 2.73 -0.90 3.26
CA ARG C 179 2.83 0.56 3.24
C ARG C 179 3.94 1.07 4.15
N TYR C 180 4.13 0.42 5.30
CA TYR C 180 5.11 0.84 6.29
C TYR C 180 6.16 -0.20 6.64
N ALA C 181 5.98 -1.45 6.22
CA ALA C 181 6.79 -2.52 6.78
C ALA C 181 8.26 -2.42 6.39
N ASP C 182 8.60 -1.74 5.28
CA ASP C 182 10.00 -1.63 4.92
C ASP C 182 10.82 -0.94 6.01
N GLU C 183 10.18 -0.09 6.83
CA GLU C 183 10.89 0.51 7.96
C GLU C 183 11.34 -0.54 8.96
N LEU C 184 10.66 -1.66 9.03
CA LEU C 184 11.04 -2.70 9.98
C LEU C 184 12.24 -3.51 9.53
N LEU C 185 12.62 -3.41 8.24
CA LEU C 185 13.78 -4.13 7.72
C LEU C 185 15.08 -3.66 8.36
N LYS C 186 15.08 -2.50 9.01
CA LYS C 186 16.29 -1.98 9.65
CA LYS C 186 16.28 -1.97 9.66
CA LYS C 186 16.29 -1.98 9.64
C LYS C 186 16.46 -2.48 11.08
N LEU C 187 15.46 -3.14 11.63
CA LEU C 187 15.55 -3.66 13.00
C LEU C 187 16.70 -4.65 13.12
N LYS C 188 17.44 -4.53 14.21
CA LYS C 188 18.62 -5.37 14.48
CA LYS C 188 18.62 -5.37 14.48
C LYS C 188 18.35 -6.25 15.69
N ASP C 189 18.50 -7.55 15.50
CA ASP C 189 18.35 -8.51 16.60
C ASP C 189 19.61 -9.37 16.59
N PRO C 190 20.44 -9.33 17.63
CA PRO C 190 21.67 -10.13 17.61
C PRO C 190 21.42 -11.61 17.46
N ALA C 191 20.29 -12.11 17.95
CA ALA C 191 19.95 -13.52 17.78
C ALA C 191 19.33 -13.81 16.42
N ASP C 192 19.01 -12.78 15.63
CA ASP C 192 18.34 -12.93 14.34
C ASP C 192 17.17 -13.90 14.47
N ASN C 193 16.26 -13.58 15.40
CA ASN C 193 15.13 -14.45 15.68
C ASN C 193 13.87 -13.61 15.87
N MET C 194 13.60 -12.72 14.92
CA MET C 194 12.35 -11.98 14.89
C MET C 194 11.37 -12.63 13.92
N VAL C 195 10.09 -12.58 14.28
CA VAL C 195 9.01 -13.06 13.45
C VAL C 195 7.97 -11.96 13.37
N PHE C 196 7.56 -11.60 12.16
CA PHE C 196 6.60 -10.52 12.01
C PHE C 196 5.18 -11.06 12.18
N SER C 197 4.34 -10.29 12.87
CA SER C 197 3.02 -10.77 13.25
C SER C 197 1.97 -9.73 12.88
N ALA C 198 1.09 -10.09 11.95
CA ALA C 198 0.04 -9.22 11.44
C ALA C 198 -1.32 -9.72 11.92
N HIS C 199 -2.32 -8.84 11.86
CA HIS C 199 -3.66 -9.14 12.31
C HIS C 199 -4.64 -9.01 11.16
N VAL C 200 -5.69 -9.83 11.19
CA VAL C 200 -6.67 -9.78 10.10
C VAL C 200 -8.04 -10.14 10.64
N PHE C 201 -9.01 -9.26 10.37
CA PHE C 201 -10.43 -9.56 10.58
C PHE C 201 -11.14 -9.32 9.25
N ILE C 202 -12.30 -9.96 9.09
CA ILE C 202 -12.90 -9.99 7.76
C ILE C 202 -14.27 -9.32 7.73
N ASP C 203 -14.61 -8.49 8.74
CA ASP C 203 -15.66 -7.53 8.51
C ASP C 203 -15.16 -6.42 7.59
N GLU C 204 -16.09 -5.60 7.09
CA GLU C 204 -15.75 -4.62 6.05
CA GLU C 204 -15.74 -4.63 6.04
C GLU C 204 -14.54 -3.78 6.44
N ASP C 205 -14.59 -3.15 7.61
CA ASP C 205 -13.51 -2.25 7.99
C ASP C 205 -12.35 -2.96 8.71
N ALA C 206 -12.39 -4.29 8.80
CA ALA C 206 -11.34 -5.11 9.41
C ALA C 206 -11.08 -4.74 10.87
N SER C 207 -12.07 -4.17 11.54
CA SER C 207 -11.96 -3.88 12.98
C SER C 207 -12.24 -5.10 13.85
N GLY C 208 -12.89 -6.12 13.31
CA GLY C 208 -13.35 -7.21 14.14
C GLY C 208 -14.56 -6.88 14.98
N SER C 209 -15.25 -5.78 14.68
CA SER C 209 -16.49 -5.45 15.38
C SER C 209 -17.63 -6.35 14.92
N TYR C 210 -17.67 -6.68 13.63
CA TYR C 210 -18.73 -7.50 13.04
C TYR C 210 -20.12 -6.97 13.39
N LYS C 211 -20.32 -5.68 13.13
CA LYS C 211 -21.61 -5.05 13.41
C LYS C 211 -22.71 -5.68 12.56
N LYS C 212 -22.39 -5.98 11.30
CA LYS C 212 -23.36 -6.54 10.36
C LYS C 212 -23.01 -7.98 10.01
N GLY C 213 -23.99 -8.67 9.40
CA GLY C 213 -23.72 -9.94 8.79
C GLY C 213 -22.85 -9.81 7.55
N PRO C 214 -22.53 -10.95 6.93
CA PRO C 214 -21.57 -10.94 5.81
C PRO C 214 -21.95 -10.03 4.64
N GLY C 215 -23.23 -9.86 4.36
CA GLY C 215 -23.61 -9.04 3.21
C GLY C 215 -23.69 -9.83 1.92
N LYS C 216 -24.58 -9.41 1.02
CA LYS C 216 -24.92 -10.24 -0.14
CA LYS C 216 -24.90 -10.27 -0.11
C LYS C 216 -23.74 -10.42 -1.09
N ASP C 217 -22.78 -9.52 -1.07
CA ASP C 217 -21.63 -9.63 -1.96
C ASP C 217 -20.39 -10.17 -1.24
N PHE C 218 -20.60 -10.91 -0.14
CA PHE C 218 -19.47 -11.41 0.64
C PHE C 218 -18.51 -12.21 -0.23
N GLU C 219 -17.22 -12.01 0.00
CA GLU C 219 -16.18 -12.68 -0.77
C GLU C 219 -15.49 -13.73 0.09
N PRO C 220 -15.67 -15.02 -0.18
CA PRO C 220 -15.11 -16.05 0.73
C PRO C 220 -13.59 -16.01 0.86
N MET C 221 -12.86 -15.59 -0.17
CA MET C 221 -11.41 -15.46 -0.11
C MET C 221 -10.94 -14.19 0.61
N ILE C 222 -11.83 -13.44 1.28
CA ILE C 222 -11.43 -12.13 1.78
C ILE C 222 -10.30 -12.25 2.80
N GLY C 223 -10.32 -13.30 3.61
CA GLY C 223 -9.25 -13.49 4.57
C GLY C 223 -7.91 -13.71 3.89
N VAL C 224 -7.89 -14.58 2.89
CA VAL C 224 -6.68 -14.82 2.11
C VAL C 224 -6.24 -13.55 1.42
N LYS C 225 -7.18 -12.84 0.79
CA LYS C 225 -6.84 -11.62 0.06
CA LYS C 225 -6.83 -11.63 0.07
CA LYS C 225 -6.83 -11.63 0.07
C LYS C 225 -6.19 -10.59 0.98
N ARG C 226 -6.64 -10.51 2.24
CA ARG C 226 -6.07 -9.53 3.17
C ARG C 226 -4.72 -9.95 3.73
N VAL C 227 -4.42 -11.25 3.81
CA VAL C 227 -3.10 -11.65 4.30
CA VAL C 227 -3.11 -11.68 4.30
C VAL C 227 -2.07 -11.78 3.18
N GLU C 228 -2.51 -11.92 1.92
CA GLU C 228 -1.58 -12.00 0.80
C GLU C 228 -0.55 -10.88 0.76
N PRO C 229 -0.89 -9.60 1.00
CA PRO C 229 0.16 -8.57 0.95
C PRO C 229 1.23 -8.78 2.00
N PHE C 230 0.83 -9.25 3.19
CA PHE C 230 1.77 -9.58 4.25
C PHE C 230 2.66 -10.74 3.86
N VAL C 231 2.07 -11.87 3.44
CA VAL C 231 2.85 -13.05 3.09
C VAL C 231 3.77 -12.75 1.91
N ASN C 232 3.29 -11.98 0.93
CA ASN C 232 4.14 -11.70 -0.22
C ASN C 232 5.31 -10.81 0.16
N TRP C 233 5.10 -9.89 1.11
CA TRP C 233 6.20 -9.10 1.62
C TRP C 233 7.22 -9.97 2.35
N LEU C 234 6.73 -10.95 3.12
CA LEU C 234 7.64 -11.86 3.80
C LEU C 234 8.46 -12.67 2.80
N LYS C 235 7.82 -13.14 1.73
CA LYS C 235 8.55 -13.89 0.72
C LYS C 235 9.57 -13.01 0.02
N GLU C 236 9.19 -11.77 -0.30
CA GLU C 236 10.07 -10.88 -1.05
C GLU C 236 11.32 -10.55 -0.26
N HIS C 237 11.22 -10.50 1.07
CA HIS C 237 12.34 -10.07 1.91
C HIS C 237 12.93 -11.22 2.72
N GLY C 238 12.49 -12.44 2.48
CA GLY C 238 13.03 -13.60 3.18
C GLY C 238 12.84 -13.58 4.68
N LYS C 239 11.68 -13.14 5.15
CA LYS C 239 11.38 -13.04 6.57
C LYS C 239 10.35 -14.10 6.97
N LYS C 240 10.16 -14.24 8.28
CA LYS C 240 9.20 -15.18 8.84
C LYS C 240 7.99 -14.44 9.39
N GLY C 241 6.83 -15.09 9.33
CA GLY C 241 5.57 -14.44 9.60
C GLY C 241 4.67 -15.26 10.52
N HIS C 242 3.56 -14.63 10.90
CA HIS C 242 2.68 -15.03 11.99
C HIS C 242 1.42 -14.18 11.94
N ILE C 243 0.27 -14.79 12.21
CA ILE C 243 -0.99 -14.05 12.32
C ILE C 243 -1.41 -14.07 13.79
N GLY C 244 -1.26 -12.94 14.47
CA GLY C 244 -1.49 -12.93 15.90
C GLY C 244 -2.93 -12.77 16.34
N GLU C 245 -3.81 -12.36 15.42
CA GLU C 245 -5.23 -12.15 15.70
C GLU C 245 -6.06 -12.37 14.45
N PHE C 246 -7.10 -13.18 14.61
CA PHE C 246 -8.15 -13.37 13.60
C PHE C 246 -9.30 -14.02 14.35
N GLY C 247 -10.52 -13.53 14.15
CA GLY C 247 -11.68 -14.17 14.76
C GLY C 247 -12.92 -13.86 13.92
N ILE C 248 -13.95 -14.68 14.13
CA ILE C 248 -15.21 -14.53 13.38
C ILE C 248 -16.39 -14.83 14.29
N PRO C 249 -17.57 -14.34 13.93
CA PRO C 249 -18.80 -14.78 14.62
C PRO C 249 -19.09 -16.25 14.33
N ASN C 250 -19.98 -16.82 15.14
CA ASN C 250 -20.35 -18.22 15.03
C ASN C 250 -21.71 -18.43 14.37
N ASP C 251 -22.31 -17.39 13.80
CA ASP C 251 -23.71 -17.47 13.36
C ASP C 251 -23.91 -17.26 11.85
N ASP C 252 -22.88 -17.46 11.03
CA ASP C 252 -23.09 -17.57 9.59
C ASP C 252 -22.04 -18.47 8.99
N GLU C 253 -22.49 -19.47 8.22
CA GLU C 253 -21.54 -20.42 7.66
C GLU C 253 -20.57 -19.77 6.67
N ARG C 254 -20.91 -18.59 6.14
CA ARG C 254 -19.97 -17.91 5.24
C ARG C 254 -18.72 -17.46 5.98
N TRP C 255 -18.86 -17.00 7.24
CA TRP C 255 -17.67 -16.67 8.03
C TRP C 255 -16.76 -17.87 8.18
N LEU C 256 -17.33 -19.05 8.43
CA LEU C 256 -16.53 -20.25 8.66
C LEU C 256 -15.84 -20.70 7.38
N ASP C 257 -16.53 -20.58 6.24
CA ASP C 257 -15.92 -20.88 4.95
C ASP C 257 -14.71 -19.99 4.70
N ALA C 258 -14.83 -18.69 5.01
CA ALA C 258 -13.68 -17.80 4.84
C ALA C 258 -12.55 -18.18 5.79
N MET C 259 -12.89 -18.57 7.01
CA MET C 259 -11.87 -19.02 7.96
C MET C 259 -11.17 -20.27 7.43
N ASP C 260 -11.96 -21.23 6.92
CA ASP C 260 -11.39 -22.45 6.36
C ASP C 260 -10.41 -22.13 5.24
N LYS C 261 -10.81 -21.27 4.30
CA LYS C 261 -9.91 -20.91 3.20
C LYS C 261 -8.68 -20.17 3.71
N LEU C 262 -8.84 -19.34 4.74
CA LEU C 262 -7.68 -18.64 5.30
C LEU C 262 -6.71 -19.64 5.92
N LEU C 263 -7.24 -20.59 6.71
CA LEU C 263 -6.38 -21.57 7.38
C LEU C 263 -5.65 -22.44 6.36
N ALA C 264 -6.30 -22.75 5.25
CA ALA C 264 -5.63 -23.53 4.21
C ALA C 264 -4.47 -22.77 3.61
N TYR C 265 -4.66 -21.47 3.39
CA TYR C 265 -3.59 -20.65 2.84
C TYR C 265 -2.45 -20.50 3.84
N LEU C 266 -2.79 -20.27 5.12
CA LEU C 266 -1.76 -20.19 6.15
C LEU C 266 -0.99 -21.50 6.29
N ASN C 267 -1.69 -22.64 6.21
CA ASN C 267 -0.99 -23.92 6.29
C ASN C 267 -0.01 -24.09 5.14
N GLU C 268 -0.42 -23.72 3.92
CA GLU C 268 0.46 -23.87 2.77
CA GLU C 268 0.46 -23.86 2.76
C GLU C 268 1.74 -23.05 2.93
N ASN C 269 1.69 -21.98 3.70
CA ASN C 269 2.84 -21.10 3.89
C ASN C 269 3.46 -21.22 5.28
N CYS C 270 3.04 -22.22 6.06
CA CYS C 270 3.55 -22.43 7.41
C CYS C 270 3.47 -21.16 8.25
N ILE C 271 2.36 -20.44 8.13
CA ILE C 271 2.13 -19.22 8.91
C ILE C 271 1.23 -19.59 10.09
N PRO C 272 1.73 -19.55 11.33
CA PRO C 272 0.87 -19.83 12.48
C PRO C 272 -0.20 -18.77 12.68
N ILE C 273 -1.27 -19.17 13.37
CA ILE C 273 -2.36 -18.27 13.71
C ILE C 273 -2.67 -18.38 15.20
N ASN C 274 -3.07 -17.26 15.79
CA ASN C 274 -3.63 -17.18 17.14
C ASN C 274 -5.07 -16.68 17.00
N TYR C 275 -6.04 -17.59 17.13
CA TYR C 275 -7.44 -17.20 17.04
C TYR C 275 -7.79 -16.18 18.13
N TRP C 276 -8.56 -15.14 17.74
CA TRP C 276 -9.06 -14.12 18.67
C TRP C 276 -10.56 -14.30 18.86
N ALA C 277 -10.98 -14.81 20.01
CA ALA C 277 -10.16 -15.09 21.18
C ALA C 277 -10.88 -16.10 22.07
N ALA C 278 -10.12 -16.81 22.89
CA ALA C 278 -10.64 -17.50 24.05
C ALA C 278 -10.41 -16.63 25.28
N GLY C 279 -10.88 -17.09 26.43
CA GLY C 279 -10.65 -16.37 27.66
C GLY C 279 -11.71 -16.62 28.72
N PRO C 280 -11.34 -16.39 29.98
CA PRO C 280 -12.21 -16.81 31.10
C PRO C 280 -13.40 -15.91 31.38
N SER C 281 -13.52 -14.74 30.76
CA SER C 281 -14.62 -13.84 31.11
C SER C 281 -15.03 -12.99 29.91
N TRP C 282 -15.33 -13.66 28.79
CA TRP C 282 -15.80 -12.97 27.59
C TRP C 282 -17.30 -12.80 27.53
N GLY C 283 -18.07 -13.57 28.31
CA GLY C 283 -19.52 -13.45 28.20
C GLY C 283 -19.98 -13.82 26.79
N ASN C 284 -20.93 -13.05 26.27
CA ASN C 284 -21.50 -13.29 24.95
C ASN C 284 -20.74 -12.58 23.83
N TYR C 285 -19.45 -12.29 24.02
CA TYR C 285 -18.60 -11.73 22.98
C TYR C 285 -18.73 -12.53 21.68
N LYS C 286 -18.99 -11.82 20.58
CA LYS C 286 -19.35 -12.47 19.32
C LYS C 286 -18.27 -13.40 18.81
N LEU C 287 -17.00 -13.10 19.07
CA LEU C 287 -15.90 -13.86 18.51
CA LEU C 287 -15.89 -13.85 18.51
C LEU C 287 -15.37 -14.95 19.44
N SER C 288 -15.89 -15.03 20.66
CA SER C 288 -15.37 -15.95 21.66
C SER C 288 -15.48 -17.40 21.23
N ILE C 289 -14.42 -18.18 21.48
CA ILE C 289 -14.47 -19.63 21.35
C ILE C 289 -14.40 -20.31 22.71
N GLU C 290 -14.45 -19.54 23.80
CA GLU C 290 -14.52 -20.16 25.11
C GLU C 290 -15.82 -20.96 25.22
N PRO C 291 -15.79 -22.15 25.81
CA PRO C 291 -17.03 -22.88 26.07
C PRO C 291 -18.01 -22.01 26.83
N LYS C 292 -19.27 -22.08 26.44
CA LYS C 292 -20.34 -21.37 27.13
C LYS C 292 -21.59 -22.21 26.95
N ASP C 293 -22.36 -22.38 28.03
CA ASP C 293 -23.55 -23.21 27.97
C ASP C 293 -24.50 -22.69 26.90
N GLY C 294 -24.95 -23.60 26.04
CA GLY C 294 -25.87 -23.24 24.97
C GLY C 294 -25.24 -22.59 23.77
N GLU C 295 -23.91 -22.45 23.72
CA GLU C 295 -23.23 -21.87 22.58
C GLU C 295 -22.48 -22.95 21.82
N LYS C 296 -22.59 -22.92 20.49
CA LYS C 296 -21.74 -23.73 19.63
C LYS C 296 -20.53 -22.90 19.20
N ARG C 297 -19.36 -23.53 19.16
CA ARG C 297 -18.15 -22.87 18.69
C ARG C 297 -17.60 -23.62 17.49
N PRO C 298 -18.23 -23.48 16.33
CA PRO C 298 -17.74 -24.17 15.13
C PRO C 298 -16.34 -23.76 14.73
N GLN C 299 -15.87 -22.57 15.17
CA GLN C 299 -14.50 -22.20 14.87
C GLN C 299 -13.51 -23.20 15.44
N VAL C 300 -13.84 -23.80 16.59
CA VAL C 300 -12.91 -24.71 17.25
C VAL C 300 -12.73 -25.99 16.43
N ALA C 301 -13.82 -26.52 15.86
CA ALA C 301 -13.68 -27.71 15.03
C ALA C 301 -12.78 -27.44 13.83
N LEU C 302 -12.87 -26.23 13.26
CA LEU C 302 -11.98 -25.84 12.17
C LEU C 302 -10.53 -25.75 12.64
N LEU C 303 -10.29 -25.16 13.81
CA LEU C 303 -8.93 -25.09 14.32
C LEU C 303 -8.35 -26.48 14.53
N LYS C 304 -9.16 -27.40 15.09
CA LYS C 304 -8.67 -28.75 15.32
C LYS C 304 -8.39 -29.46 14.00
N LYS C 305 -9.22 -29.21 12.99
CA LYS C 305 -9.03 -29.83 11.69
C LYS C 305 -7.67 -29.46 11.09
N TYR C 306 -7.27 -28.19 11.20
CA TYR C 306 -5.99 -27.76 10.66
C TYR C 306 -4.83 -28.03 11.62
N ALA C 307 -5.09 -28.12 12.93
CA ALA C 307 -4.05 -28.56 13.84
C ALA C 307 -3.56 -29.96 13.49
N ALA C 308 -4.44 -30.82 12.99
CA ALA C 308 -4.04 -32.16 12.59
C ALA C 308 -3.26 -32.16 11.28
N LYS C 309 -3.23 -31.05 10.55
CA LYS C 309 -2.49 -30.92 9.29
C LYS C 309 -1.13 -30.26 9.47
N ASP C 310 -0.77 -29.87 10.70
CA ASP C 310 0.43 -29.10 10.96
C ASP C 310 1.66 -30.01 10.89
N ASN C 311 2.52 -29.76 9.90
CA ASN C 311 3.80 -30.45 9.76
CA ASN C 311 3.80 -30.45 9.76
C ASN C 311 4.94 -29.46 9.56
N CYS C 312 4.77 -28.22 10.01
CA CYS C 312 5.75 -27.19 9.77
C CYS C 312 6.86 -27.25 10.82
N SER C 313 8.10 -27.21 10.34
CA SER C 313 9.26 -27.23 11.23
C SER C 313 9.63 -25.85 11.74
N ASP C 314 9.12 -24.78 11.12
CA ASP C 314 9.55 -23.43 11.45
C ASP C 314 8.47 -22.47 10.97
N PHE C 315 8.58 -21.21 11.41
CA PHE C 315 7.77 -20.16 10.82
C PHE C 315 8.08 -20.04 9.34
N GLY C 316 7.03 -20.02 8.52
CA GLY C 316 7.17 -19.76 7.11
C GLY C 316 7.09 -18.27 6.85
N PRO C 317 6.94 -17.87 5.57
CA PRO C 317 6.81 -18.73 4.38
C PRO C 317 8.13 -19.32 3.94
N ALA C 318 8.06 -20.37 3.14
CA ALA C 318 9.26 -21.07 2.66
C ALA C 318 9.95 -20.26 1.58
N VAL D 2 36.06 -25.14 -25.61
CA VAL D 2 35.96 -26.07 -24.49
C VAL D 2 34.75 -25.69 -23.62
N ASP D 3 34.71 -24.41 -23.21
CA ASP D 3 33.57 -23.84 -22.49
CA ASP D 3 33.60 -23.82 -22.48
C ASP D 3 33.27 -24.57 -21.18
N LEU D 4 34.32 -24.85 -20.40
CA LEU D 4 34.11 -25.35 -19.05
C LEU D 4 33.47 -24.30 -18.13
N ILE D 5 33.29 -23.07 -18.60
CA ILE D 5 32.75 -21.98 -17.80
C ILE D 5 31.49 -21.45 -18.49
N GLY D 6 30.36 -21.55 -17.82
CA GLY D 6 29.10 -21.04 -18.34
C GLY D 6 28.27 -20.43 -17.23
N ILE D 7 27.11 -19.88 -17.60
CA ILE D 7 26.26 -19.19 -16.65
C ILE D 7 24.80 -19.60 -16.85
N ASN D 8 24.07 -19.65 -15.75
CA ASN D 8 22.61 -19.69 -15.82
C ASN D 8 22.09 -18.31 -16.14
N VAL D 9 21.04 -18.25 -16.97
CA VAL D 9 20.30 -17.03 -17.24
C VAL D 9 18.86 -17.35 -16.84
N ALA D 10 18.49 -16.95 -15.63
CA ALA D 10 17.20 -17.35 -15.06
C ALA D 10 16.20 -16.20 -15.10
N GLY D 11 14.92 -16.57 -15.10
CA GLY D 11 13.86 -15.59 -15.13
C GLY D 11 12.60 -16.07 -15.83
N ALA D 12 12.75 -16.99 -16.79
CA ALA D 12 11.59 -17.51 -17.50
C ALA D 12 10.77 -18.46 -16.65
N GLU D 13 11.34 -18.94 -15.55
CA GLU D 13 10.69 -19.86 -14.64
C GLU D 13 10.15 -19.18 -13.40
N PHE D 14 10.28 -17.86 -13.31
CA PHE D 14 9.94 -17.11 -12.11
C PHE D 14 8.44 -17.15 -11.83
N THR D 15 8.10 -16.91 -10.56
CA THR D 15 6.72 -16.74 -10.10
C THR D 15 5.86 -17.94 -10.49
N GLY D 16 6.21 -19.09 -9.91
CA GLY D 16 5.52 -20.32 -10.24
C GLY D 16 4.06 -20.33 -9.89
N GLY D 17 3.62 -19.44 -8.99
CA GLY D 17 2.22 -19.38 -8.62
C GLY D 17 1.32 -18.65 -9.59
N LYS D 18 1.87 -18.03 -10.62
CA LYS D 18 1.07 -17.33 -11.64
C LYS D 18 1.23 -18.07 -12.96
N LEU D 19 0.24 -18.88 -13.29
CA LEU D 19 0.22 -19.65 -14.52
C LEU D 19 -1.01 -19.28 -15.33
N PRO D 20 -0.86 -18.87 -16.60
CA PRO D 20 0.43 -18.74 -17.30
C PRO D 20 1.26 -17.53 -16.88
N GLY D 21 0.63 -16.53 -16.26
CA GLY D 21 1.32 -15.29 -15.97
C GLY D 21 1.58 -14.49 -17.23
N LYS D 22 2.20 -13.32 -17.04
CA LYS D 22 2.49 -12.40 -18.13
C LYS D 22 3.99 -12.13 -18.20
N HIS D 23 4.53 -12.15 -19.41
CA HIS D 23 5.94 -11.82 -19.60
C HIS D 23 6.18 -10.36 -19.27
N GLY D 24 7.20 -10.09 -18.45
CA GLY D 24 7.47 -8.75 -18.00
C GLY D 24 6.78 -8.35 -16.72
N THR D 25 5.89 -9.20 -16.20
CA THR D 25 5.28 -9.01 -14.88
C THR D 25 5.60 -10.17 -13.96
N HIS D 26 5.49 -11.41 -14.44
CA HIS D 26 5.73 -12.58 -13.61
C HIS D 26 6.95 -13.39 -14.01
N TYR D 27 7.31 -13.40 -15.30
CA TYR D 27 8.50 -14.10 -15.76
C TYR D 27 9.17 -13.26 -16.82
N PHE D 28 10.46 -13.53 -17.07
CA PHE D 28 11.29 -12.58 -17.80
C PHE D 28 12.28 -13.32 -18.69
N PHE D 29 12.23 -13.01 -19.98
CA PHE D 29 13.19 -13.46 -20.96
C PHE D 29 14.22 -12.38 -21.21
N PRO D 30 15.38 -12.73 -21.74
CA PRO D 30 16.43 -11.73 -22.00
C PRO D 30 15.95 -10.68 -22.99
N PRO D 31 16.10 -9.39 -22.65
CA PRO D 31 15.74 -8.33 -23.58
C PRO D 31 16.70 -8.25 -24.75
N GLU D 32 16.42 -7.38 -25.72
CA GLU D 32 17.33 -7.17 -26.85
CA GLU D 32 17.33 -7.22 -26.84
C GLU D 32 18.72 -6.81 -26.36
N GLY D 33 19.74 -7.35 -27.01
CA GLY D 33 21.12 -7.06 -26.65
C GLY D 33 21.60 -7.67 -25.35
N TYR D 34 20.76 -8.44 -24.65
CA TYR D 34 21.18 -9.00 -23.37
C TYR D 34 22.38 -9.92 -23.52
N PHE D 35 22.37 -10.78 -24.54
CA PHE D 35 23.46 -11.74 -24.71
C PHE D 35 24.75 -11.09 -25.18
N GLU D 36 24.70 -9.82 -25.62
CA GLU D 36 25.92 -9.16 -26.10
CA GLU D 36 25.92 -9.16 -26.10
C GLU D 36 26.91 -8.94 -24.96
N TYR D 37 26.41 -8.56 -23.77
CA TYR D 37 27.31 -8.30 -22.65
C TYR D 37 28.06 -9.56 -22.25
N TRP D 38 27.35 -10.69 -22.10
CA TRP D 38 28.00 -11.90 -21.63
C TRP D 38 28.92 -12.47 -22.70
N SER D 39 28.58 -12.31 -23.98
CA SER D 39 29.47 -12.77 -25.03
CA SER D 39 29.47 -12.77 -25.03
C SER D 39 30.79 -12.00 -25.01
N GLU D 40 30.74 -10.70 -24.72
CA GLU D 40 31.97 -9.93 -24.60
CA GLU D 40 31.96 -9.92 -24.58
C GLU D 40 32.75 -10.29 -23.34
N GLN D 41 32.10 -10.91 -22.35
CA GLN D 41 32.78 -11.34 -21.14
C GLN D 41 33.49 -12.68 -21.31
N GLY D 42 33.34 -13.34 -22.46
CA GLY D 42 33.97 -14.61 -22.72
C GLY D 42 33.10 -15.83 -22.48
N ILE D 43 31.87 -15.65 -22.02
CA ILE D 43 30.97 -16.77 -21.76
C ILE D 43 30.24 -17.13 -23.05
N HIS D 44 30.30 -18.41 -23.41
CA HIS D 44 29.70 -18.91 -24.64
C HIS D 44 28.70 -20.03 -24.41
N THR D 45 28.36 -20.32 -23.16
CA THR D 45 27.41 -21.38 -22.82
C THR D 45 26.46 -20.87 -21.75
N VAL D 46 25.16 -21.07 -21.97
CA VAL D 46 24.12 -20.55 -21.09
C VAL D 46 23.15 -21.68 -20.77
N ARG D 47 22.85 -21.87 -19.49
CA ARG D 47 21.78 -22.74 -19.04
C ARG D 47 20.54 -21.90 -18.79
N PHE D 48 19.42 -22.29 -19.40
CA PHE D 48 18.22 -21.45 -19.44
C PHE D 48 17.03 -22.16 -18.81
N PRO D 49 16.66 -21.84 -17.58
CA PRO D 49 15.47 -22.45 -16.97
C PRO D 49 14.21 -22.11 -17.73
N LEU D 50 13.33 -23.11 -17.83
CA LEU D 50 11.98 -22.97 -18.38
C LEU D 50 10.98 -23.59 -17.42
N LYS D 51 9.75 -23.11 -17.46
CA LYS D 51 8.66 -23.62 -16.63
C LYS D 51 7.79 -24.58 -17.44
N TRP D 52 7.70 -25.84 -16.99
CA TRP D 52 6.89 -26.83 -17.70
C TRP D 52 5.45 -26.38 -17.86
N GLU D 53 4.83 -25.86 -16.79
CA GLU D 53 3.43 -25.48 -16.85
C GLU D 53 3.19 -24.34 -17.83
N ARG D 54 4.22 -23.55 -18.14
CA ARG D 54 4.11 -22.51 -19.15
C ARG D 54 4.36 -23.05 -20.55
N LEU D 55 5.24 -24.04 -20.69
CA LEU D 55 5.42 -24.69 -21.99
C LEU D 55 4.21 -25.52 -22.35
N GLN D 56 3.62 -26.22 -21.37
CA GLN D 56 2.49 -27.12 -21.59
C GLN D 56 1.41 -26.82 -20.55
N PRO D 57 0.49 -25.90 -20.83
CA PRO D 57 -0.57 -25.61 -19.85
C PRO D 57 -1.45 -26.81 -19.52
N SER D 58 -1.45 -27.86 -20.35
CA SER D 58 -2.13 -29.10 -20.02
C SER D 58 -1.31 -30.25 -20.59
N LEU D 59 -1.23 -31.34 -19.84
CA LEU D 59 -0.43 -32.49 -20.26
C LEU D 59 -0.87 -33.02 -21.61
N ASN D 60 0.09 -33.58 -22.35
CA ASN D 60 -0.14 -34.23 -23.63
C ASN D 60 -0.74 -33.29 -24.67
N ALA D 61 -0.57 -31.98 -24.48
CA ALA D 61 -1.06 -30.97 -25.41
C ALA D 61 0.11 -30.22 -26.04
N GLU D 62 -0.17 -29.58 -27.18
CA GLU D 62 0.87 -28.85 -27.89
CA GLU D 62 0.87 -28.85 -27.89
C GLU D 62 1.36 -27.67 -27.04
N LEU D 63 2.61 -27.27 -27.30
CA LEU D 63 3.24 -26.21 -26.54
C LEU D 63 2.46 -24.90 -26.68
N ASP D 64 2.56 -24.06 -25.65
CA ASP D 64 1.91 -22.76 -25.66
C ASP D 64 2.59 -21.85 -26.67
N ASP D 65 1.79 -21.19 -27.51
CA ASP D 65 2.35 -20.39 -28.60
C ASP D 65 3.19 -19.23 -28.07
N VAL D 66 2.64 -18.49 -27.10
CA VAL D 66 3.33 -17.29 -26.62
C VAL D 66 4.64 -17.65 -25.92
N TYR D 67 4.59 -18.63 -25.01
CA TYR D 67 5.78 -18.96 -24.22
C TYR D 67 6.85 -19.61 -25.08
N ALA D 68 6.46 -20.54 -25.96
CA ALA D 68 7.44 -21.16 -26.84
C ALA D 68 8.03 -20.16 -27.82
N SER D 69 7.26 -19.16 -28.24
CA SER D 69 7.79 -18.13 -29.14
C SER D 69 8.83 -17.27 -28.45
N LEU D 70 8.67 -17.04 -27.14
CA LEU D 70 9.72 -16.36 -26.39
C LEU D 70 11.00 -17.18 -26.35
N VAL D 71 10.86 -18.51 -26.25
CA VAL D 71 12.03 -19.38 -26.32
C VAL D 71 12.65 -19.33 -27.72
N ASP D 72 11.80 -19.29 -28.76
CA ASP D 72 12.29 -19.07 -30.11
C ASP D 72 13.17 -17.82 -30.18
N ASP D 73 12.65 -16.70 -29.66
CA ASP D 73 13.38 -15.43 -29.78
C ASP D 73 14.65 -15.44 -28.95
N MET D 74 14.64 -16.15 -27.82
CA MET D 74 15.84 -16.25 -26.99
C MET D 74 16.93 -17.04 -27.71
N LEU D 75 16.56 -18.17 -28.32
CA LEU D 75 17.53 -18.95 -29.07
C LEU D 75 18.05 -18.18 -30.27
N ASP D 76 17.20 -17.36 -30.90
CA ASP D 76 17.67 -16.54 -32.00
C ASP D 76 18.72 -15.54 -31.55
N GLN D 77 18.53 -14.94 -30.37
CA GLN D 77 19.48 -13.93 -29.91
C GLN D 77 20.79 -14.57 -29.45
N ALA D 78 20.71 -15.75 -28.83
CA ALA D 78 21.93 -16.46 -28.46
C ALA D 78 22.76 -16.80 -29.69
N LYS D 79 22.10 -17.23 -30.77
CA LYS D 79 22.83 -17.54 -31.99
C LYS D 79 23.47 -16.29 -32.57
N GLU D 80 22.83 -15.12 -32.39
CA GLU D 80 23.42 -13.87 -32.85
C GLU D 80 24.73 -13.55 -32.16
N ASN D 81 24.92 -14.05 -30.93
CA ASN D 81 26.09 -13.70 -30.14
C ASN D 81 26.95 -14.93 -29.81
N ASP D 82 26.88 -15.96 -30.66
CA ASP D 82 27.69 -17.17 -30.52
C ASP D 82 27.59 -17.75 -29.12
N ILE D 83 26.34 -17.89 -28.65
CA ILE D 83 26.05 -18.48 -27.35
C ILE D 83 25.35 -19.81 -27.58
N LYS D 84 25.84 -20.86 -26.92
CA LYS D 84 25.17 -22.14 -26.91
CA LYS D 84 25.18 -22.15 -26.91
C LYS D 84 24.29 -22.23 -25.68
N VAL D 85 23.09 -22.79 -25.86
CA VAL D 85 22.07 -22.78 -24.81
C VAL D 85 21.77 -24.21 -24.38
N ILE D 86 21.73 -24.42 -23.07
CA ILE D 86 21.20 -25.65 -22.47
C ILE D 86 19.80 -25.34 -21.95
N LEU D 87 18.79 -25.97 -22.55
CA LEU D 87 17.42 -25.80 -22.07
C LEU D 87 17.21 -26.64 -20.82
N ASP D 88 16.58 -26.05 -19.81
CA ASP D 88 16.44 -26.64 -18.48
C ASP D 88 14.97 -26.64 -18.12
N VAL D 89 14.39 -27.83 -17.99
CA VAL D 89 13.02 -27.98 -17.50
C VAL D 89 13.11 -27.89 -15.97
N HIS D 90 12.78 -26.70 -15.45
CA HIS D 90 13.14 -26.31 -14.08
C HIS D 90 12.02 -26.66 -13.11
N ASN D 91 11.73 -27.96 -12.97
CA ASN D 91 10.45 -28.35 -12.39
C ASN D 91 10.50 -29.35 -11.25
N TYR D 92 11.68 -29.74 -10.78
CA TYR D 92 11.80 -30.54 -9.56
C TYR D 92 11.03 -31.85 -9.66
N ALA D 93 10.98 -32.40 -10.87
CA ALA D 93 10.33 -33.67 -11.15
C ALA D 93 8.84 -33.64 -10.78
N ARG D 94 8.22 -32.46 -10.89
CA ARG D 94 6.83 -32.28 -10.56
C ARG D 94 6.13 -31.47 -11.64
N TYR D 95 4.86 -31.76 -11.86
CA TYR D 95 3.99 -30.96 -12.71
C TYR D 95 2.79 -30.51 -11.87
N ARG D 96 2.56 -29.20 -11.81
CA ARG D 96 1.52 -28.61 -10.97
C ARG D 96 1.54 -29.22 -9.57
N LYS D 97 2.73 -29.32 -9.00
CA LYS D 97 3.03 -29.76 -7.65
C LYS D 97 2.78 -31.25 -7.43
N LYS D 98 2.60 -32.03 -8.50
CA LYS D 98 2.39 -33.47 -8.41
CA LYS D 98 2.40 -33.46 -8.39
C LYS D 98 3.59 -34.18 -9.02
N VAL D 99 4.14 -35.17 -8.30
CA VAL D 99 5.35 -35.84 -8.71
C VAL D 99 5.12 -36.62 -10.01
N ILE D 100 6.11 -36.58 -10.90
CA ILE D 100 6.08 -37.40 -12.11
C ILE D 100 6.06 -38.87 -11.71
N GLY D 101 5.03 -39.58 -12.17
CA GLY D 101 4.81 -40.97 -11.81
C GLY D 101 3.57 -41.21 -10.98
N THR D 102 2.94 -40.16 -10.48
CA THR D 102 1.75 -40.29 -9.67
C THR D 102 0.50 -40.32 -10.55
N GLU D 103 -0.67 -40.27 -9.90
CA GLU D 103 -1.92 -40.50 -10.60
CA GLU D 103 -1.93 -40.49 -10.59
C GLU D 103 -2.15 -39.47 -11.70
N ASP D 104 -2.02 -38.19 -11.38
CA ASP D 104 -2.36 -37.13 -12.34
C ASP D 104 -1.19 -36.71 -13.22
N VAL D 105 0.01 -37.22 -12.99
CA VAL D 105 1.15 -36.90 -13.84
C VAL D 105 1.80 -38.20 -14.31
N PRO D 106 1.24 -38.86 -15.33
CA PRO D 106 1.82 -40.13 -15.79
C PRO D 106 3.20 -39.92 -16.39
N VAL D 107 4.00 -40.99 -16.35
CA VAL D 107 5.36 -40.92 -16.86
C VAL D 107 5.34 -40.68 -18.37
N SER D 108 4.28 -41.10 -19.05
CA SER D 108 4.14 -40.82 -20.48
C SER D 108 3.92 -39.34 -20.74
N ALA D 109 3.30 -38.61 -19.80
CA ALA D 109 3.09 -37.19 -19.99
C ALA D 109 4.42 -36.43 -19.97
N TYR D 110 5.32 -36.81 -19.07
CA TYR D 110 6.66 -36.22 -19.08
C TYR D 110 7.39 -36.59 -20.36
N GLN D 111 7.27 -37.84 -20.80
CA GLN D 111 7.78 -38.23 -22.12
C GLN D 111 7.25 -37.31 -23.22
N ASP D 112 5.95 -37.01 -23.18
CA ASP D 112 5.34 -36.21 -24.23
C ASP D 112 5.93 -34.80 -24.26
N LEU D 113 6.20 -34.23 -23.08
CA LEU D 113 6.81 -32.89 -23.03
C LEU D 113 8.14 -32.88 -23.76
N MET D 114 9.01 -33.85 -23.46
CA MET D 114 10.36 -33.82 -24.02
C MET D 114 10.36 -34.11 -25.51
N GLU D 115 9.38 -34.88 -26.00
CA GLU D 115 9.19 -35.00 -27.43
C GLU D 115 8.98 -33.64 -28.08
N ARG D 116 8.03 -32.87 -27.52
CA ARG D 116 7.64 -31.61 -28.14
C ARG D 116 8.76 -30.59 -28.05
N ILE D 117 9.50 -30.60 -26.93
CA ILE D 117 10.65 -29.71 -26.79
C ILE D 117 11.69 -30.03 -27.87
N ALA D 118 12.03 -31.32 -28.00
CA ALA D 118 13.03 -31.71 -28.98
C ALA D 118 12.54 -31.47 -30.40
N LYS D 119 11.26 -31.73 -30.68
CA LYS D 119 10.74 -31.52 -32.02
CA LYS D 119 10.74 -31.52 -32.02
C LYS D 119 10.85 -30.06 -32.44
N ARG D 120 10.52 -29.14 -31.54
CA ARG D 120 10.46 -27.74 -31.94
C ARG D 120 11.83 -27.12 -32.11
N TRP D 121 12.80 -27.50 -31.27
CA TRP D 121 14.10 -26.84 -31.28
C TRP D 121 15.23 -27.76 -31.73
N GLN D 122 14.90 -28.90 -32.34
CA GLN D 122 15.92 -29.75 -32.98
C GLN D 122 16.80 -28.97 -33.93
N GLY D 123 16.20 -28.14 -34.79
CA GLY D 123 16.90 -27.50 -35.87
C GLY D 123 17.62 -26.21 -35.56
N HIS D 124 17.53 -25.72 -34.34
CA HIS D 124 18.21 -24.48 -33.94
C HIS D 124 19.62 -24.84 -33.48
N ASP D 125 20.63 -24.32 -34.20
CA ASP D 125 22.02 -24.63 -33.87
CA ASP D 125 22.00 -24.67 -33.85
C ASP D 125 22.47 -23.99 -32.56
N ALA D 126 21.76 -22.97 -32.09
CA ALA D 126 22.11 -22.38 -30.80
C ALA D 126 21.77 -23.31 -29.65
N LEU D 127 20.92 -24.31 -29.88
CA LEU D 127 20.62 -25.31 -28.87
C LEU D 127 21.82 -26.24 -28.72
N PHE D 128 22.32 -26.36 -27.49
CA PHE D 128 23.45 -27.21 -27.18
C PHE D 128 23.03 -28.55 -26.58
N ALA D 129 22.14 -28.53 -25.59
CA ALA D 129 21.82 -29.76 -24.87
C ALA D 129 20.50 -29.59 -24.13
N TYR D 130 20.01 -30.69 -23.59
CA TYR D 130 18.78 -30.71 -22.80
C TYR D 130 19.09 -31.13 -21.39
N ASP D 131 18.87 -30.23 -20.43
CA ASP D 131 18.86 -30.57 -19.02
C ASP D 131 17.42 -30.98 -18.70
N ILE D 132 17.16 -32.29 -18.69
CA ILE D 132 15.79 -32.74 -18.86
C ILE D 132 14.93 -32.45 -17.63
N MET D 133 15.54 -32.21 -16.47
CA MET D 133 14.79 -31.84 -15.29
C MET D 133 15.70 -31.35 -14.18
N ASN D 134 15.31 -30.23 -13.57
CA ASN D 134 16.08 -29.60 -12.52
C ASN D 134 15.67 -30.17 -11.17
N GLU D 135 16.62 -30.78 -10.48
CA GLU D 135 16.54 -31.11 -9.06
C GLU D 135 15.29 -31.88 -8.63
N PRO D 136 15.16 -33.16 -8.99
CA PRO D 136 14.20 -34.02 -8.30
C PRO D 136 14.54 -34.05 -6.80
N TYR D 137 13.50 -34.13 -5.97
CA TYR D 137 13.70 -34.18 -4.53
C TYR D 137 12.48 -34.79 -3.86
N GLY D 138 12.67 -35.19 -2.60
CA GLY D 138 11.55 -35.61 -1.77
C GLY D 138 10.91 -36.87 -2.29
N SER D 139 9.57 -36.88 -2.36
CA SER D 139 8.84 -38.04 -2.85
C SER D 139 9.16 -38.37 -4.31
N ALA D 140 9.79 -37.46 -5.05
CA ALA D 140 10.20 -37.73 -6.42
C ALA D 140 11.47 -38.56 -6.51
N ASP D 141 12.24 -38.65 -5.42
CA ASP D 141 13.53 -39.33 -5.46
C ASP D 141 13.40 -40.78 -5.91
N LYS D 142 12.48 -41.53 -5.29
CA LYS D 142 12.34 -42.94 -5.62
CA LYS D 142 12.33 -42.94 -5.62
CA LYS D 142 12.34 -42.94 -5.62
C LYS D 142 11.85 -43.14 -7.05
N LEU D 143 11.01 -42.24 -7.54
CA LEU D 143 10.45 -42.38 -8.88
C LEU D 143 11.25 -41.69 -9.98
N TRP D 144 12.30 -40.95 -9.63
CA TRP D 144 13.00 -40.16 -10.65
C TRP D 144 13.69 -41.00 -11.72
N PRO D 145 14.42 -42.09 -11.41
CA PRO D 145 15.09 -42.82 -12.49
C PRO D 145 14.13 -43.39 -13.53
N ALA D 146 12.93 -43.84 -13.12
CA ALA D 146 11.93 -44.22 -14.09
C ALA D 146 11.46 -43.02 -14.92
N ALA D 147 11.29 -41.87 -14.26
CA ALA D 147 10.91 -40.66 -14.99
C ALA D 147 12.02 -40.22 -15.95
N ALA D 148 13.28 -40.35 -15.52
CA ALA D 148 14.39 -39.91 -16.35
C ALA D 148 14.46 -40.70 -17.65
N GLN D 149 14.26 -42.02 -17.58
CA GLN D 149 14.32 -42.84 -18.79
C GLN D 149 13.28 -42.40 -19.81
N ALA D 150 12.08 -42.04 -19.33
CA ALA D 150 11.04 -41.56 -20.24
C ALA D 150 11.41 -40.22 -20.84
N GLY D 151 12.02 -39.34 -20.05
CA GLY D 151 12.50 -38.08 -20.60
C GLY D 151 13.56 -38.29 -21.68
N ILE D 152 14.46 -39.23 -21.45
CA ILE D 152 15.44 -39.59 -22.49
C ILE D 152 14.73 -40.13 -23.71
N ASP D 153 13.76 -41.04 -23.51
CA ASP D 153 13.01 -41.59 -24.63
C ASP D 153 12.31 -40.49 -25.41
N GLY D 154 11.80 -39.47 -24.72
CA GLY D 154 11.08 -38.42 -25.41
C GLY D 154 11.96 -37.59 -26.31
N VAL D 155 13.07 -37.09 -25.78
CA VAL D 155 14.00 -36.29 -26.57
C VAL D 155 14.56 -37.12 -27.73
N ARG D 156 14.92 -38.37 -27.46
CA ARG D 156 15.57 -39.20 -28.48
C ARG D 156 14.63 -39.58 -29.61
N LYS D 157 13.31 -39.43 -29.42
CA LYS D 157 12.40 -39.70 -30.53
C LYS D 157 12.60 -38.69 -31.66
N TYR D 158 13.02 -37.47 -31.34
CA TYR D 158 13.27 -36.47 -32.36
C TYR D 158 14.73 -36.02 -32.45
N ASP D 159 15.48 -36.00 -31.36
CA ASP D 159 16.87 -35.55 -31.37
C ASP D 159 17.75 -36.68 -30.86
N LYS D 160 18.66 -37.14 -31.70
CA LYS D 160 19.55 -38.25 -31.36
C LYS D 160 21.02 -37.87 -31.51
N LYS D 161 21.36 -36.59 -31.46
CA LYS D 161 22.74 -36.15 -31.64
CA LYS D 161 22.73 -36.14 -31.64
CA LYS D 161 22.74 -36.16 -31.63
CA LYS D 161 22.73 -36.13 -31.66
C LYS D 161 23.23 -35.18 -30.57
N ARG D 162 22.31 -34.57 -29.74
CA ARG D 162 22.75 -33.63 -28.72
C ARG D 162 22.91 -34.31 -27.36
N PRO D 163 23.77 -33.79 -26.50
CA PRO D 163 23.93 -34.41 -25.17
C PRO D 163 22.71 -34.20 -24.28
N LEU D 164 22.47 -35.17 -23.42
CA LEU D 164 21.39 -35.13 -22.44
C LEU D 164 21.99 -34.99 -21.05
N LEU D 165 21.57 -33.95 -20.33
CA LEU D 165 22.07 -33.68 -18.98
C LEU D 165 21.12 -34.30 -17.97
N ILE D 166 21.59 -35.34 -17.29
CA ILE D 166 20.77 -36.09 -16.35
C ILE D 166 21.14 -35.68 -14.93
N GLU D 167 20.18 -35.14 -14.20
CA GLU D 167 20.37 -34.79 -12.80
C GLU D 167 19.93 -35.94 -11.92
N GLY D 168 20.43 -35.93 -10.68
CA GLY D 168 20.14 -36.96 -9.71
C GLY D 168 19.13 -36.53 -8.66
N ALA D 169 18.79 -37.48 -7.80
CA ALA D 169 17.82 -37.23 -6.75
C ALA D 169 18.41 -36.29 -5.69
N SER D 170 17.56 -35.91 -4.73
CA SER D 170 17.96 -35.05 -3.61
C SER D 170 18.57 -33.75 -4.12
N TRP D 171 17.77 -33.04 -4.93
CA TRP D 171 18.17 -31.76 -5.52
C TRP D 171 19.47 -31.89 -6.32
N SER D 172 19.68 -33.06 -6.91
CA SER D 172 20.89 -33.38 -7.67
C SER D 172 22.15 -33.07 -6.87
N SER D 173 22.07 -33.32 -5.56
CA SER D 173 23.18 -33.02 -4.67
C SER D 173 24.45 -33.76 -5.09
N ALA D 174 25.51 -33.01 -5.36
CA ALA D 174 26.80 -33.64 -5.65
C ALA D 174 27.36 -34.34 -4.42
N ALA D 175 27.11 -33.78 -3.22
CA ALA D 175 27.69 -34.36 -2.01
C ALA D 175 27.02 -35.66 -1.62
N ARG D 176 25.72 -35.80 -1.91
CA ARG D 176 24.99 -37.03 -1.62
C ARG D 176 24.80 -37.90 -2.85
N TRP D 177 25.48 -37.57 -3.95
CA TRP D 177 25.30 -38.27 -5.22
C TRP D 177 25.35 -39.79 -5.11
N PRO D 178 26.35 -40.42 -4.47
CA PRO D 178 26.39 -41.89 -4.44
C PRO D 178 25.25 -42.54 -3.65
N ARG D 179 24.48 -41.77 -2.88
CA ARG D 179 23.38 -42.36 -2.10
C ARG D 179 22.33 -43.00 -3.01
N TYR D 180 22.02 -42.34 -4.13
CA TYR D 180 20.96 -42.83 -5.03
C TYR D 180 21.39 -43.03 -6.47
N ALA D 181 22.56 -42.55 -6.89
CA ALA D 181 22.90 -42.51 -8.30
C ALA D 181 23.07 -43.89 -8.92
N ASP D 182 23.17 -44.96 -8.12
CA ASP D 182 23.30 -46.29 -8.70
C ASP D 182 22.08 -46.64 -9.55
N GLU D 183 20.90 -46.18 -9.13
CA GLU D 183 19.69 -46.45 -9.91
CA GLU D 183 19.69 -46.44 -9.89
C GLU D 183 19.72 -45.77 -11.27
N LEU D 184 20.55 -44.75 -11.45
CA LEU D 184 20.68 -44.11 -12.75
C LEU D 184 21.60 -44.87 -13.70
N LEU D 185 22.31 -45.89 -13.21
CA LEU D 185 23.14 -46.70 -14.08
C LEU D 185 22.31 -47.55 -15.03
N LYS D 186 21.03 -47.77 -14.71
CA LYS D 186 20.15 -48.54 -15.59
CA LYS D 186 20.14 -48.54 -15.58
C LYS D 186 19.61 -47.72 -16.76
N LEU D 187 19.85 -46.40 -16.77
CA LEU D 187 19.40 -45.57 -17.88
C LEU D 187 20.12 -45.97 -19.16
N LYS D 188 19.37 -46.05 -20.25
CA LYS D 188 19.91 -46.43 -21.56
CA LYS D 188 19.91 -46.43 -21.56
C LYS D 188 19.65 -45.31 -22.56
N ASP D 189 20.70 -44.93 -23.29
CA ASP D 189 20.62 -43.89 -24.31
C ASP D 189 21.14 -44.46 -25.61
N PRO D 190 20.30 -44.61 -26.64
CA PRO D 190 20.79 -45.20 -27.90
C PRO D 190 21.87 -44.37 -28.57
N ALA D 191 21.93 -43.07 -28.32
CA ALA D 191 23.01 -42.23 -28.82
C ALA D 191 24.23 -42.23 -27.89
N ASP D 192 24.07 -42.78 -26.68
CA ASP D 192 25.15 -42.84 -25.68
C ASP D 192 25.83 -41.49 -25.54
N ASN D 193 25.03 -40.47 -25.26
CA ASN D 193 25.51 -39.11 -25.12
C ASN D 193 24.84 -38.45 -23.92
N MET D 194 24.99 -39.09 -22.77
CA MET D 194 24.43 -38.58 -21.52
C MET D 194 25.55 -38.01 -20.67
N VAL D 195 25.26 -36.89 -20.02
CA VAL D 195 26.18 -36.24 -19.09
C VAL D 195 25.43 -36.01 -17.78
N PHE D 196 25.97 -36.51 -16.68
CA PHE D 196 25.33 -36.30 -15.40
C PHE D 196 25.68 -34.92 -14.87
N SER D 197 24.66 -34.23 -14.34
CA SER D 197 24.79 -32.84 -13.88
C SER D 197 24.37 -32.75 -12.42
N ALA D 198 25.31 -32.39 -11.57
CA ALA D 198 25.05 -32.23 -10.14
C ALA D 198 25.11 -30.75 -9.78
N HIS D 199 24.53 -30.43 -8.63
CA HIS D 199 24.47 -29.06 -8.13
C HIS D 199 25.23 -28.96 -6.81
N VAL D 200 25.77 -27.78 -6.54
CA VAL D 200 26.51 -27.60 -5.29
C VAL D 200 26.49 -26.15 -4.83
N PHE D 201 26.17 -25.94 -3.56
CA PHE D 201 26.38 -24.67 -2.90
C PHE D 201 27.22 -24.91 -1.65
N ILE D 202 27.82 -23.83 -1.14
CA ILE D 202 28.76 -24.00 -0.04
C ILE D 202 28.32 -23.28 1.22
N ASP D 203 27.03 -22.95 1.35
CA ASP D 203 26.51 -22.65 2.67
C ASP D 203 26.36 -23.96 3.46
N GLU D 204 26.00 -23.85 4.74
CA GLU D 204 26.08 -25.02 5.60
CA GLU D 204 26.05 -25.01 5.63
C GLU D 204 25.09 -26.11 5.18
N ASP D 205 23.87 -25.74 4.81
CA ASP D 205 22.91 -26.76 4.42
C ASP D 205 22.93 -27.05 2.92
N ALA D 206 23.84 -26.43 2.18
CA ALA D 206 24.00 -26.63 0.73
C ALA D 206 22.75 -26.26 -0.07
N SER D 207 21.83 -25.51 0.53
CA SER D 207 20.64 -25.06 -0.20
C SER D 207 20.92 -23.87 -1.10
N GLY D 208 22.02 -23.16 -0.88
CA GLY D 208 22.25 -21.93 -1.60
C GLY D 208 21.49 -20.74 -1.07
N SER D 209 20.89 -20.84 0.11
CA SER D 209 20.23 -19.69 0.73
C SER D 209 21.23 -18.71 1.33
N TYR D 210 22.36 -19.20 1.84
CA TYR D 210 23.40 -18.36 2.42
C TYR D 210 22.82 -17.42 3.49
N LYS D 211 22.05 -18.01 4.41
CA LYS D 211 21.44 -17.23 5.48
C LYS D 211 22.47 -16.65 6.43
N LYS D 212 23.66 -17.26 6.52
CA LYS D 212 24.74 -16.77 7.36
C LYS D 212 26.02 -16.68 6.55
N GLY D 213 27.03 -16.05 7.14
CA GLY D 213 28.33 -15.91 6.53
C GLY D 213 29.10 -17.22 6.55
N PRO D 214 30.36 -17.17 6.13
CA PRO D 214 31.17 -18.41 6.12
C PRO D 214 31.37 -19.02 7.51
N GLY D 215 31.41 -18.22 8.56
CA GLY D 215 31.68 -18.73 9.88
C GLY D 215 33.15 -18.60 10.25
N LYS D 216 33.43 -18.94 11.51
CA LYS D 216 34.79 -18.79 12.02
CA LYS D 216 34.78 -18.81 12.04
C LYS D 216 35.69 -19.95 11.61
N ASP D 217 35.14 -21.15 11.45
CA ASP D 217 35.92 -22.31 11.07
C ASP D 217 35.61 -22.77 9.65
N PHE D 218 35.28 -21.82 8.78
CA PHE D 218 34.93 -22.14 7.41
C PHE D 218 36.05 -22.91 6.74
N GLU D 219 35.67 -23.96 6.01
CA GLU D 219 36.63 -24.84 5.35
C GLU D 219 36.79 -24.41 3.90
N PRO D 220 37.94 -23.87 3.50
CA PRO D 220 38.09 -23.38 2.12
C PRO D 220 37.89 -24.44 1.05
N MET D 221 38.22 -25.70 1.34
CA MET D 221 37.99 -26.83 0.42
C MET D 221 36.52 -27.28 0.34
N ILE D 222 35.57 -26.59 0.98
CA ILE D 222 34.23 -27.15 1.15
C ILE D 222 33.60 -27.47 -0.21
N GLY D 223 33.88 -26.64 -1.22
CA GLY D 223 33.31 -26.90 -2.54
C GLY D 223 33.87 -28.16 -3.17
N VAL D 224 35.19 -28.32 -3.11
CA VAL D 224 35.84 -29.53 -3.61
C VAL D 224 35.33 -30.75 -2.85
N LYS D 225 35.25 -30.64 -1.52
CA LYS D 225 34.81 -31.77 -0.71
CA LYS D 225 34.81 -31.77 -0.71
C LYS D 225 33.38 -32.16 -1.03
N ARG D 226 32.55 -31.22 -1.48
CA ARG D 226 31.16 -31.54 -1.75
C ARG D 226 30.93 -32.05 -3.16
N VAL D 227 31.87 -31.82 -4.09
CA VAL D 227 31.76 -32.41 -5.42
C VAL D 227 32.57 -33.70 -5.54
N GLU D 228 33.50 -33.96 -4.63
CA GLU D 228 34.29 -35.19 -4.70
C GLU D 228 33.44 -36.46 -4.75
N PRO D 229 32.38 -36.62 -3.96
CA PRO D 229 31.58 -37.86 -4.10
C PRO D 229 30.99 -38.01 -5.49
N PHE D 230 30.59 -36.91 -6.10
CA PHE D 230 30.06 -36.94 -7.46
C PHE D 230 31.14 -37.33 -8.46
N VAL D 231 32.27 -36.62 -8.45
CA VAL D 231 33.33 -36.88 -9.41
C VAL D 231 33.90 -38.28 -9.22
N ASN D 232 34.07 -38.71 -7.96
CA ASN D 232 34.60 -40.03 -7.70
C ASN D 232 33.62 -41.13 -8.05
N TRP D 233 32.33 -40.81 -8.15
CA TRP D 233 31.36 -41.77 -8.67
C TRP D 233 31.41 -41.83 -10.20
N LEU D 234 31.71 -40.70 -10.86
CA LEU D 234 31.88 -40.70 -12.30
C LEU D 234 33.11 -41.51 -12.70
N LYS D 235 34.19 -41.40 -11.93
CA LYS D 235 35.39 -42.19 -12.18
C LYS D 235 35.07 -43.68 -12.16
N GLU D 236 34.50 -44.15 -11.05
CA GLU D 236 34.29 -45.57 -10.83
C GLU D 236 33.45 -46.21 -11.92
N HIS D 237 32.48 -45.47 -12.47
CA HIS D 237 31.60 -46.01 -13.50
C HIS D 237 31.91 -45.49 -14.89
N GLY D 238 32.92 -44.64 -15.05
CA GLY D 238 33.34 -44.18 -16.35
C GLY D 238 32.30 -43.33 -17.06
N LYS D 239 31.77 -42.34 -16.36
CA LYS D 239 30.74 -41.46 -16.89
C LYS D 239 31.27 -40.04 -16.99
N LYS D 240 30.55 -39.20 -17.71
CA LYS D 240 30.89 -37.79 -17.86
C LYS D 240 30.00 -36.95 -16.94
N GLY D 241 30.56 -35.82 -16.47
CA GLY D 241 29.91 -35.03 -15.45
C GLY D 241 29.88 -33.55 -15.79
N HIS D 242 29.15 -32.81 -14.97
CA HIS D 242 28.83 -31.41 -15.23
C HIS D 242 28.21 -30.83 -13.97
N ILE D 243 28.47 -29.55 -13.71
CA ILE D 243 27.91 -28.86 -12.55
C ILE D 243 26.95 -27.81 -13.07
N GLY D 244 25.65 -28.10 -12.99
CA GLY D 244 24.66 -27.20 -13.56
C GLY D 244 24.31 -25.99 -12.73
N GLU D 245 24.73 -25.95 -11.47
CA GLU D 245 24.30 -24.88 -10.58
C GLU D 245 25.31 -24.72 -9.46
N PHE D 246 25.82 -23.50 -9.29
CA PHE D 246 26.71 -23.14 -8.18
C PHE D 246 26.77 -21.63 -8.12
N GLY D 247 26.63 -21.07 -6.93
CA GLY D 247 26.74 -19.64 -6.76
C GLY D 247 27.17 -19.26 -5.36
N ILE D 248 27.65 -18.03 -5.23
CA ILE D 248 28.09 -17.50 -3.94
C ILE D 248 27.68 -16.04 -3.83
N PRO D 249 27.53 -15.55 -2.60
CA PRO D 249 27.36 -14.12 -2.39
C PRO D 249 28.62 -13.36 -2.78
N ASN D 250 28.47 -12.05 -2.91
CA ASN D 250 29.56 -11.18 -3.36
C ASN D 250 30.22 -10.42 -2.22
N ASP D 251 29.95 -10.76 -0.97
CA ASP D 251 30.32 -9.91 0.16
C ASP D 251 31.32 -10.56 1.13
N ASP D 252 31.98 -11.65 0.73
CA ASP D 252 33.00 -12.21 1.60
C ASP D 252 34.07 -12.90 0.76
N GLU D 253 35.33 -12.49 0.97
CA GLU D 253 36.43 -13.06 0.21
CA GLU D 253 36.42 -13.07 0.20
C GLU D 253 36.53 -14.57 0.41
N ARG D 254 36.11 -15.06 1.57
CA ARG D 254 36.22 -16.50 1.83
C ARG D 254 35.33 -17.31 0.90
N TRP D 255 34.19 -16.75 0.48
CA TRP D 255 33.38 -17.41 -0.55
C TRP D 255 34.16 -17.52 -1.85
N LEU D 256 34.83 -16.44 -2.25
CA LEU D 256 35.56 -16.43 -3.53
C LEU D 256 36.72 -17.41 -3.49
N ASP D 257 37.42 -17.49 -2.36
CA ASP D 257 38.53 -18.43 -2.25
C ASP D 257 38.05 -19.87 -2.43
N ALA D 258 36.91 -20.22 -1.80
CA ALA D 258 36.35 -21.54 -1.98
C ALA D 258 35.90 -21.77 -3.42
N MET D 259 35.45 -20.72 -4.11
CA MET D 259 35.03 -20.87 -5.49
C MET D 259 36.23 -21.07 -6.41
N ASP D 260 37.32 -20.32 -6.18
CA ASP D 260 38.54 -20.53 -6.95
C ASP D 260 39.04 -21.95 -6.80
N LYS D 261 39.05 -22.45 -5.56
CA LYS D 261 39.49 -23.80 -5.27
C LYS D 261 38.58 -24.83 -5.95
N LEU D 262 37.28 -24.58 -5.98
CA LEU D 262 36.37 -25.50 -6.67
C LEU D 262 36.62 -25.49 -8.17
N LEU D 263 36.74 -24.30 -8.77
CA LEU D 263 36.95 -24.22 -10.20
C LEU D 263 38.24 -24.91 -10.62
N ALA D 264 39.27 -24.81 -9.79
CA ALA D 264 40.53 -25.50 -10.09
C ALA D 264 40.32 -27.00 -10.14
N TYR D 265 39.61 -27.55 -9.15
CA TYR D 265 39.34 -28.98 -9.11
C TYR D 265 38.52 -29.42 -10.32
N LEU D 266 37.56 -28.59 -10.73
CA LEU D 266 36.73 -28.93 -11.90
C LEU D 266 37.55 -28.85 -13.18
N ASN D 267 38.44 -27.88 -13.28
CA ASN D 267 39.31 -27.78 -14.46
C ASN D 267 40.23 -28.98 -14.57
N GLU D 268 40.76 -29.46 -13.43
CA GLU D 268 41.62 -30.63 -13.44
CA GLU D 268 41.63 -30.63 -13.47
C GLU D 268 40.89 -31.87 -13.93
N ASN D 269 39.59 -31.96 -13.64
CA ASN D 269 38.78 -33.11 -14.04
C ASN D 269 37.94 -32.82 -15.27
N CYS D 270 38.13 -31.66 -15.90
CA CYS D 270 37.41 -31.28 -17.11
C CYS D 270 35.89 -31.33 -16.92
N ILE D 271 35.43 -30.77 -15.81
CA ILE D 271 34.02 -30.73 -15.47
C ILE D 271 33.52 -29.31 -15.71
N PRO D 272 32.63 -29.08 -16.67
CA PRO D 272 32.10 -27.74 -16.90
C PRO D 272 31.14 -27.33 -15.79
N ILE D 273 30.98 -26.02 -15.62
CA ILE D 273 30.14 -25.44 -14.59
C ILE D 273 29.23 -24.38 -15.21
N ASN D 274 28.02 -24.25 -14.66
CA ASN D 274 27.09 -23.18 -15.02
C ASN D 274 26.81 -22.38 -13.76
N TYR D 275 27.37 -21.16 -13.68
CA TYR D 275 27.21 -20.35 -12.47
C TYR D 275 25.75 -19.96 -12.26
N TRP D 276 25.30 -19.99 -11.00
CA TRP D 276 23.95 -19.59 -10.60
C TRP D 276 24.02 -18.31 -9.80
N ALA D 277 23.57 -17.18 -10.37
CA ALA D 277 22.98 -17.09 -11.70
C ALA D 277 23.13 -15.69 -12.25
N ALA D 278 23.02 -15.58 -13.57
CA ALA D 278 22.75 -14.31 -14.20
C ALA D 278 21.27 -14.28 -14.56
N GLY D 279 20.80 -13.15 -15.07
CA GLY D 279 19.41 -13.03 -15.45
C GLY D 279 18.94 -11.60 -15.50
N PRO D 280 17.90 -11.34 -16.31
CA PRO D 280 17.48 -9.96 -16.55
C PRO D 280 16.66 -9.32 -15.43
N SER D 281 16.18 -10.07 -14.44
CA SER D 281 15.26 -9.47 -13.48
C SER D 281 15.50 -10.03 -12.09
N TRP D 282 16.77 -10.12 -11.68
CA TRP D 282 17.11 -10.68 -10.37
C TRP D 282 16.99 -9.67 -9.24
N GLY D 283 17.09 -8.37 -9.53
CA GLY D 283 17.01 -7.39 -8.46
C GLY D 283 18.14 -7.56 -7.47
N ASN D 284 17.80 -7.54 -6.19
CA ASN D 284 18.77 -7.59 -5.10
CA ASN D 284 18.78 -7.59 -5.11
C ASN D 284 19.24 -9.00 -4.78
N TYR D 285 18.90 -10.00 -5.59
CA TYR D 285 19.27 -11.40 -5.31
C TYR D 285 20.76 -11.55 -5.05
N LYS D 286 21.08 -12.15 -3.91
CA LYS D 286 22.44 -12.16 -3.37
C LYS D 286 23.43 -12.95 -4.23
N LEU D 287 22.97 -13.87 -5.07
CA LEU D 287 23.88 -14.68 -5.88
C LEU D 287 24.03 -14.16 -7.30
N SER D 288 23.27 -13.15 -7.68
CA SER D 288 23.26 -12.64 -9.04
C SER D 288 24.64 -12.13 -9.44
N ILE D 289 25.09 -12.52 -10.64
CA ILE D 289 26.24 -11.88 -11.27
C ILE D 289 25.82 -10.89 -12.33
N GLU D 290 24.52 -10.64 -12.48
CA GLU D 290 24.06 -9.64 -13.43
C GLU D 290 24.53 -8.25 -12.99
N PRO D 291 25.02 -7.43 -13.92
CA PRO D 291 25.44 -6.07 -13.54
C PRO D 291 24.31 -5.31 -12.89
N LYS D 292 24.63 -4.65 -11.77
CA LYS D 292 23.67 -3.86 -11.02
C LYS D 292 24.41 -2.64 -10.48
N ASP D 293 23.80 -1.46 -10.63
CA ASP D 293 24.46 -0.23 -10.24
CA ASP D 293 24.47 -0.24 -10.24
C ASP D 293 24.90 -0.28 -8.79
N GLY D 294 26.16 0.07 -8.53
CA GLY D 294 26.70 0.04 -7.19
C GLY D 294 26.98 -1.33 -6.64
N GLU D 295 26.84 -2.38 -7.44
CA GLU D 295 27.10 -3.75 -6.98
C GLU D 295 28.36 -4.28 -7.66
N LYS D 296 29.23 -4.89 -6.86
CA LYS D 296 30.41 -5.55 -7.37
C LYS D 296 30.11 -7.02 -7.60
N ARG D 297 30.66 -7.58 -8.67
CA ARG D 297 30.45 -8.99 -9.05
C ARG D 297 31.79 -9.68 -9.21
N PRO D 298 32.55 -9.85 -8.12
CA PRO D 298 33.89 -10.43 -8.24
C PRO D 298 33.88 -11.86 -8.76
N GLN D 299 32.74 -12.54 -8.73
CA GLN D 299 32.68 -13.91 -9.24
C GLN D 299 32.98 -13.95 -10.74
N VAL D 300 32.67 -12.88 -11.45
CA VAL D 300 32.85 -12.88 -12.90
C VAL D 300 34.33 -12.95 -13.26
N ALA D 301 35.15 -12.13 -12.60
CA ALA D 301 36.58 -12.18 -12.84
C ALA D 301 37.13 -13.59 -12.59
N LEU D 302 36.60 -14.27 -11.57
CA LEU D 302 37.03 -15.64 -11.31
C LEU D 302 36.61 -16.56 -12.45
N LEU D 303 35.36 -16.42 -12.93
CA LEU D 303 34.90 -17.21 -14.05
C LEU D 303 35.76 -16.95 -15.29
N LYS D 304 36.06 -15.68 -15.56
CA LYS D 304 36.85 -15.34 -16.74
C LYS D 304 38.26 -15.88 -16.64
N LYS D 305 38.83 -15.88 -15.43
CA LYS D 305 40.19 -16.40 -15.25
C LYS D 305 40.25 -17.88 -15.59
N TYR D 306 39.19 -18.63 -15.27
CA TYR D 306 39.16 -20.05 -15.61
C TYR D 306 38.59 -20.33 -16.99
N ALA D 307 37.92 -19.34 -17.60
CA ALA D 307 37.50 -19.49 -18.99
C ALA D 307 38.70 -19.48 -19.93
N ALA D 308 39.78 -18.80 -19.55
CA ALA D 308 40.99 -18.73 -20.36
C ALA D 308 41.88 -19.96 -20.23
N LYS D 309 41.54 -20.90 -19.36
CA LYS D 309 42.31 -22.12 -19.20
C LYS D 309 41.80 -23.17 -20.18
N ASP D 310 42.64 -23.56 -21.14
CA ASP D 310 42.25 -24.45 -22.22
C ASP D 310 43.17 -25.67 -22.24
N ASN D 311 43.01 -26.55 -21.26
CA ASN D 311 43.82 -27.75 -21.16
C ASN D 311 42.95 -29.01 -21.21
N CYS D 312 41.68 -28.87 -21.58
CA CYS D 312 40.74 -29.98 -21.62
C CYS D 312 40.28 -30.27 -23.05
N SER D 313 39.88 -31.51 -23.26
CA SER D 313 39.30 -31.95 -24.52
C SER D 313 37.96 -32.61 -24.25
N ASP D 314 36.92 -32.15 -24.94
CA ASP D 314 35.55 -32.66 -24.79
C ASP D 314 35.15 -32.45 -23.33
N PHE D 315 34.54 -33.44 -22.67
CA PHE D 315 34.09 -33.35 -21.30
C PHE D 315 34.87 -34.35 -20.46
N GLY D 316 34.83 -34.17 -19.14
CA GLY D 316 35.49 -35.08 -18.23
C GLY D 316 34.50 -35.80 -17.33
N PRO D 317 35.02 -36.56 -16.35
CA PRO D 317 36.43 -36.77 -16.03
C PRO D 317 37.05 -38.00 -16.69
N ALA D 318 38.23 -38.37 -16.23
CA ALA D 318 39.00 -39.46 -16.84
C ALA D 318 38.73 -40.79 -16.15
#